data_2LQC
#
_entry.id   2LQC
#
loop_
_entity.id
_entity.type
_entity.pdbx_description
1 polymer Calmodulin
2 polymer 'Voltage-dependent L-type calcium channel subunit alpha-1C'
3 non-polymer 'CALCIUM ION'
#
loop_
_entity_poly.entity_id
_entity_poly.type
_entity_poly.pdbx_seq_one_letter_code
_entity_poly.pdbx_strand_id
1 'polypeptide(L)' ADQLTEEQIAEFKEAFSLFDKDGDGTITTKELGTVMRSLGQNPTEAELQDMINEVDADGNGTIDFPEFLTMMARKMK A
2 'polypeptide(L)' GTGAALSWQAAIDAARQAKLMGSA B
#
loop_
_chem_comp.id
_chem_comp.type
_chem_comp.name
_chem_comp.formula
CA non-polymer 'CALCIUM ION' 'Ca 2'
#
# COMPACT_ATOMS: atom_id res chain seq x y z
N ALA A 1 -11.50 -10.08 -9.17
CA ALA A 1 -10.06 -9.87 -8.84
C ALA A 1 -9.53 -11.11 -8.14
N ASP A 2 -10.44 -12.04 -7.89
CA ASP A 2 -10.09 -13.29 -7.20
C ASP A 2 -9.11 -14.10 -8.03
N GLN A 3 -9.31 -14.14 -9.34
CA GLN A 3 -8.43 -14.88 -10.24
C GLN A 3 -7.19 -14.06 -10.59
N LEU A 4 -6.02 -14.69 -10.52
CA LEU A 4 -4.76 -13.99 -10.82
C LEU A 4 -4.61 -13.77 -12.32
N THR A 5 -3.76 -12.80 -12.70
CA THR A 5 -3.53 -12.51 -14.10
C THR A 5 -2.40 -11.48 -14.24
N GLU A 6 -1.98 -11.23 -15.48
CA GLU A 6 -0.90 -10.27 -15.73
C GLU A 6 -1.20 -8.96 -15.01
N GLU A 7 -2.36 -8.39 -15.27
CA GLU A 7 -2.72 -7.13 -14.64
C GLU A 7 -2.37 -7.17 -13.15
N GLN A 8 -2.91 -8.16 -12.44
CA GLN A 8 -2.70 -8.27 -11.00
C GLN A 8 -1.25 -8.06 -10.58
N ILE A 9 -0.34 -8.90 -11.09
CA ILE A 9 1.05 -8.76 -10.70
C ILE A 9 1.56 -7.35 -11.02
N ALA A 10 1.32 -6.89 -12.24
CA ALA A 10 1.75 -5.56 -12.63
C ALA A 10 1.15 -4.52 -11.70
N GLU A 11 -0.09 -4.76 -11.29
CA GLU A 11 -0.79 -3.85 -10.40
C GLU A 11 -0.07 -3.73 -9.06
N PHE A 12 0.34 -4.86 -8.50
CA PHE A 12 1.03 -4.86 -7.22
C PHE A 12 2.36 -4.09 -7.33
N LYS A 13 3.09 -4.34 -8.42
CA LYS A 13 4.37 -3.68 -8.63
C LYS A 13 4.16 -2.17 -8.73
N GLU A 14 3.18 -1.76 -9.53
CA GLU A 14 2.90 -0.33 -9.69
C GLU A 14 2.61 0.31 -8.34
N ALA A 15 1.64 -0.24 -7.62
CA ALA A 15 1.28 0.30 -6.31
C ALA A 15 2.50 0.33 -5.39
N PHE A 16 3.26 -0.76 -5.40
CA PHE A 16 4.46 -0.85 -4.58
C PHE A 16 5.43 0.28 -4.91
N SER A 17 5.72 0.45 -6.19
CA SER A 17 6.64 1.48 -6.63
C SER A 17 6.18 2.85 -6.17
N LEU A 18 4.87 3.07 -6.15
CA LEU A 18 4.34 4.37 -5.73
C LEU A 18 4.62 4.64 -4.26
N PHE A 19 4.43 3.62 -3.42
CA PHE A 19 4.65 3.79 -1.98
C PHE A 19 6.12 3.96 -1.66
N ASP A 20 6.97 3.08 -2.18
CA ASP A 20 8.40 3.17 -1.91
C ASP A 20 8.96 4.50 -2.41
N LYS A 21 8.73 5.57 -1.65
CA LYS A 21 9.22 6.90 -2.06
C LYS A 21 10.74 6.92 -2.08
N ASP A 22 11.36 6.52 -0.98
CA ASP A 22 12.80 6.52 -0.89
C ASP A 22 13.39 5.58 -1.93
N GLY A 23 12.54 4.70 -2.44
CA GLY A 23 12.97 3.76 -3.48
C GLY A 23 14.05 2.81 -2.97
N ASP A 24 13.91 2.32 -1.73
CA ASP A 24 14.90 1.41 -1.16
C ASP A 24 14.51 -0.05 -1.43
N GLY A 25 13.33 -0.26 -2.00
CA GLY A 25 12.84 -1.60 -2.31
C GLY A 25 11.84 -2.08 -1.26
N THR A 26 11.55 -1.22 -0.29
CA THR A 26 10.60 -1.55 0.78
C THR A 26 9.74 -0.34 1.10
N ILE A 27 8.60 -0.58 1.74
CA ILE A 27 7.69 0.50 2.13
C ILE A 27 7.76 0.70 3.63
N THR A 28 7.69 1.96 4.07
CA THR A 28 7.77 2.28 5.51
C THR A 28 6.57 3.11 5.94
N THR A 29 6.36 3.17 7.25
CA THR A 29 5.25 3.92 7.82
C THR A 29 5.28 5.37 7.34
N LYS A 30 6.46 5.96 7.38
CA LYS A 30 6.63 7.35 6.95
C LYS A 30 6.38 7.49 5.45
N GLU A 31 6.89 6.53 4.68
CA GLU A 31 6.71 6.56 3.23
C GLU A 31 5.23 6.58 2.89
N LEU A 32 4.52 5.55 3.34
CA LEU A 32 3.09 5.45 3.10
C LEU A 32 2.34 6.61 3.74
N GLY A 33 2.65 6.86 5.01
CA GLY A 33 1.98 7.93 5.72
C GLY A 33 1.99 9.21 4.88
N THR A 34 3.14 9.50 4.30
CA THR A 34 3.26 10.70 3.47
C THR A 34 2.29 10.61 2.30
N VAL A 35 2.26 9.47 1.63
CA VAL A 35 1.37 9.28 0.49
C VAL A 35 -0.08 9.44 0.92
N MET A 36 -0.42 8.89 2.07
CA MET A 36 -1.79 8.99 2.58
C MET A 36 -2.16 10.44 2.89
N ARG A 37 -1.20 11.20 3.44
CA ARG A 37 -1.46 12.60 3.77
C ARG A 37 -1.53 13.47 2.52
N SER A 38 -0.51 13.35 1.66
CA SER A 38 -0.47 14.14 0.43
C SER A 38 -1.75 13.98 -0.37
N LEU A 39 -2.36 12.81 -0.29
CA LEU A 39 -3.59 12.54 -1.01
C LEU A 39 -4.78 13.23 -0.35
N GLY A 40 -4.62 13.65 0.90
CA GLY A 40 -5.68 14.36 1.61
C GLY A 40 -6.61 13.41 2.35
N GLN A 41 -6.14 12.18 2.55
CA GLN A 41 -6.95 11.17 3.24
C GLN A 41 -6.49 11.01 4.69
N ASN A 42 -7.23 10.22 5.46
CA ASN A 42 -6.93 9.98 6.87
C ASN A 42 -5.42 9.94 7.12
N PRO A 43 -4.82 11.01 7.62
CA PRO A 43 -3.35 11.06 7.87
C PRO A 43 -2.96 10.31 9.14
N THR A 44 -3.85 9.45 9.62
CA THR A 44 -3.60 8.69 10.83
C THR A 44 -2.37 7.80 10.67
N GLU A 45 -1.20 8.43 10.65
CA GLU A 45 0.05 7.71 10.52
C GLU A 45 0.25 6.77 11.71
N ALA A 46 -0.58 6.95 12.74
CA ALA A 46 -0.51 6.09 13.92
C ALA A 46 -1.15 4.73 13.65
N GLU A 47 -2.30 4.77 12.99
CA GLU A 47 -3.03 3.54 12.66
C GLU A 47 -2.14 2.63 11.83
N LEU A 48 -1.49 3.21 10.83
CA LEU A 48 -0.61 2.44 9.96
C LEU A 48 0.56 1.87 10.76
N GLN A 49 1.25 2.75 11.48
CA GLN A 49 2.40 2.32 12.28
C GLN A 49 2.05 1.08 13.09
N ASP A 50 0.83 1.04 13.61
CA ASP A 50 0.37 -0.09 14.39
C ASP A 50 0.06 -1.30 13.50
N MET A 51 -0.57 -1.04 12.36
CA MET A 51 -0.93 -2.12 11.44
C MET A 51 0.32 -2.76 10.82
N ILE A 52 1.28 -1.93 10.41
CA ILE A 52 2.51 -2.43 9.83
C ILE A 52 3.27 -3.25 10.86
N ASN A 53 3.33 -2.74 12.08
CA ASN A 53 4.03 -3.42 13.16
C ASN A 53 3.53 -4.86 13.30
N GLU A 54 2.34 -5.13 12.77
CA GLU A 54 1.77 -6.48 12.85
C GLU A 54 2.11 -7.32 11.63
N VAL A 55 1.69 -6.87 10.45
CA VAL A 55 1.96 -7.61 9.21
C VAL A 55 3.45 -7.72 8.93
N ASP A 56 4.26 -6.83 9.50
CA ASP A 56 5.70 -6.85 9.27
C ASP A 56 6.26 -8.25 9.55
N ALA A 57 6.67 -8.93 8.48
CA ALA A 57 7.21 -10.29 8.59
C ALA A 57 8.53 -10.32 9.36
N ASP A 58 9.47 -9.47 8.95
CA ASP A 58 10.79 -9.43 9.61
C ASP A 58 10.74 -8.59 10.90
N GLY A 59 9.72 -7.76 11.02
CA GLY A 59 9.59 -6.90 12.20
C GLY A 59 10.50 -5.69 12.05
N ASN A 60 10.89 -5.40 10.82
CA ASN A 60 11.76 -4.28 10.51
C ASN A 60 10.96 -2.99 10.45
N GLY A 61 9.64 -3.12 10.47
CA GLY A 61 8.75 -1.96 10.42
C GLY A 61 8.51 -1.54 8.98
N THR A 62 8.75 -2.45 8.04
CA THR A 62 8.54 -2.16 6.62
C THR A 62 7.77 -3.29 5.95
N ILE A 63 7.10 -2.97 4.84
CA ILE A 63 6.33 -3.97 4.09
C ILE A 63 7.06 -4.33 2.80
N ASP A 64 7.35 -5.62 2.64
CA ASP A 64 8.05 -6.10 1.46
C ASP A 64 7.10 -6.30 0.28
N PHE A 65 7.66 -6.57 -0.89
CA PHE A 65 6.89 -6.78 -2.11
C PHE A 65 5.80 -7.86 -1.93
N PRO A 66 6.15 -9.06 -1.45
CA PRO A 66 5.15 -10.16 -1.29
C PRO A 66 3.98 -9.80 -0.37
N GLU A 67 4.29 -9.25 0.79
CA GLU A 67 3.26 -8.89 1.76
C GLU A 67 2.20 -8.01 1.12
N PHE A 68 2.64 -6.94 0.48
CA PHE A 68 1.71 -6.02 -0.15
C PHE A 68 0.86 -6.75 -1.20
N LEU A 69 1.54 -7.52 -2.03
CA LEU A 69 0.86 -8.30 -3.07
C LEU A 69 -0.16 -9.25 -2.46
N THR A 70 0.08 -9.66 -1.22
CA THR A 70 -0.82 -10.58 -0.54
C THR A 70 -1.96 -9.85 0.16
N MET A 71 -1.63 -9.06 1.19
CA MET A 71 -2.63 -8.33 1.95
C MET A 71 -3.60 -7.58 1.05
N MET A 72 -3.21 -7.35 -0.21
CA MET A 72 -4.08 -6.65 -1.15
C MET A 72 -5.02 -7.63 -1.85
N ALA A 73 -4.60 -8.89 -1.94
CA ALA A 73 -5.38 -9.93 -2.62
C ALA A 73 -6.30 -10.67 -1.65
N ARG A 74 -6.38 -10.19 -0.41
CA ARG A 74 -7.23 -10.83 0.58
C ARG A 74 -8.67 -10.89 0.11
N LYS A 75 -9.28 -9.72 -0.13
CA LYS A 75 -10.67 -9.66 -0.59
C LYS A 75 -10.79 -8.73 -1.81
N MET A 76 -11.90 -8.00 -1.87
CA MET A 76 -12.13 -7.08 -2.98
C MET A 76 -12.34 -7.87 -4.28
N LYS A 77 -13.48 -8.58 -4.35
CA LYS A 77 -13.80 -9.37 -5.52
C LYS A 77 -12.58 -10.15 -6.00
N GLY B 1 -12.10 -2.93 15.45
CA GLY B 1 -12.28 -4.18 14.66
C GLY B 1 -11.54 -4.05 13.33
N THR B 2 -12.28 -4.10 12.23
CA THR B 2 -11.68 -3.98 10.91
C THR B 2 -11.43 -2.51 10.56
N GLY B 3 -10.63 -2.29 9.52
CA GLY B 3 -10.30 -0.93 9.07
C GLY B 3 -8.96 -0.92 8.35
N ALA B 4 -8.13 -1.90 8.66
CA ALA B 4 -6.80 -2.01 8.06
C ALA B 4 -6.88 -2.22 6.55
N ALA B 5 -7.74 -3.15 6.12
CA ALA B 5 -7.88 -3.43 4.69
C ALA B 5 -8.44 -2.23 3.94
N LEU B 6 -9.39 -1.55 4.56
CA LEU B 6 -10.02 -0.38 3.95
C LEU B 6 -8.98 0.72 3.74
N SER B 7 -8.14 0.93 4.75
CA SER B 7 -7.11 1.95 4.68
C SER B 7 -6.15 1.64 3.54
N TRP B 8 -5.78 0.37 3.42
CA TRP B 8 -4.86 -0.06 2.38
C TRP B 8 -5.49 0.15 1.00
N GLN B 9 -6.73 -0.28 0.85
CA GLN B 9 -7.43 -0.14 -0.43
C GLN B 9 -7.70 1.32 -0.76
N ALA B 10 -8.09 2.09 0.25
CA ALA B 10 -8.38 3.51 0.03
C ALA B 10 -7.15 4.27 -0.45
N ALA B 11 -6.00 3.96 0.13
CA ALA B 11 -4.76 4.63 -0.27
C ALA B 11 -4.39 4.27 -1.70
N ILE B 12 -4.56 3.01 -2.06
CA ILE B 12 -4.24 2.54 -3.40
C ILE B 12 -5.14 3.21 -4.43
N ASP B 13 -6.43 3.29 -4.12
CA ASP B 13 -7.39 3.91 -5.02
C ASP B 13 -7.05 5.38 -5.24
N ALA B 14 -6.75 6.09 -4.15
CA ALA B 14 -6.42 7.51 -4.24
C ALA B 14 -5.06 7.68 -4.93
N ALA B 15 -4.13 6.78 -4.64
CA ALA B 15 -2.80 6.84 -5.24
C ALA B 15 -2.91 6.76 -6.76
N ARG B 16 -3.67 5.78 -7.23
CA ARG B 16 -3.86 5.60 -8.66
C ARG B 16 -4.61 6.79 -9.26
N GLN B 17 -5.56 7.33 -8.50
CA GLN B 17 -6.33 8.46 -8.98
C GLN B 17 -5.39 9.61 -9.36
N ALA B 18 -4.42 9.86 -8.50
CA ALA B 18 -3.45 10.92 -8.76
C ALA B 18 -2.58 10.54 -9.96
N LYS B 19 -2.25 9.26 -10.07
CA LYS B 19 -1.42 8.78 -11.16
C LYS B 19 -2.11 9.04 -12.50
N LEU B 20 -3.38 8.70 -12.58
CA LEU B 20 -4.14 8.89 -13.81
C LEU B 20 -4.23 10.37 -14.17
N MET B 21 -4.49 11.21 -13.17
CA MET B 21 -4.60 12.65 -13.40
C MET B 21 -3.26 13.24 -13.79
N GLY B 22 -2.18 12.74 -13.18
CA GLY B 22 -0.84 13.23 -13.49
C GLY B 22 -0.52 14.52 -12.73
N SER B 23 -1.23 14.76 -11.62
CA SER B 23 -1.00 15.95 -10.83
C SER B 23 0.30 15.83 -10.02
N ALA B 24 0.83 16.96 -9.56
CA ALA B 24 2.05 16.96 -8.79
C ALA B 24 3.19 16.33 -9.57
CA CA C . 11.62 1.68 2.82
CA CA D . 8.95 -7.15 6.58
N ALA A 1 -10.48 -14.36 -10.76
CA ALA A 1 -11.07 -15.67 -11.16
C ALA A 1 -9.95 -16.62 -11.54
N ASP A 2 -10.32 -17.83 -11.97
CA ASP A 2 -9.34 -18.82 -12.37
C ASP A 2 -8.18 -18.87 -11.37
N GLN A 3 -7.07 -18.24 -11.72
CA GLN A 3 -5.89 -18.21 -10.84
C GLN A 3 -5.01 -16.99 -11.18
N LEU A 4 -5.17 -15.93 -10.40
CA LEU A 4 -4.40 -14.70 -10.62
C LEU A 4 -4.31 -14.38 -12.11
N THR A 5 -3.49 -13.38 -12.46
CA THR A 5 -3.34 -12.97 -13.85
C THR A 5 -2.16 -12.02 -14.00
N GLU A 6 -1.71 -11.80 -15.24
CA GLU A 6 -0.59 -10.90 -15.48
C GLU A 6 -0.85 -9.54 -14.87
N GLU A 7 -1.99 -8.97 -15.19
CA GLU A 7 -2.34 -7.66 -14.66
C GLU A 7 -2.05 -7.59 -13.16
N GLN A 8 -2.60 -8.52 -12.39
CA GLN A 8 -2.44 -8.53 -10.94
C GLN A 8 -0.99 -8.31 -10.50
N ILE A 9 -0.08 -9.17 -10.92
CA ILE A 9 1.31 -9.02 -10.49
C ILE A 9 1.84 -7.64 -10.87
N ALA A 10 1.61 -7.22 -12.10
CA ALA A 10 2.06 -5.90 -12.54
C ALA A 10 1.43 -4.82 -11.67
N GLU A 11 0.16 -4.99 -11.37
CA GLU A 11 -0.57 -4.02 -10.55
C GLU A 11 0.12 -3.83 -9.19
N PHE A 12 0.52 -4.92 -8.57
CA PHE A 12 1.18 -4.85 -7.27
C PHE A 12 2.51 -4.09 -7.42
N LYS A 13 3.25 -4.41 -8.47
CA LYS A 13 4.54 -3.76 -8.70
C LYS A 13 4.35 -2.26 -8.87
N GLU A 14 3.33 -1.87 -9.62
CA GLU A 14 3.05 -0.46 -9.85
C GLU A 14 2.73 0.23 -8.52
N ALA A 15 1.74 -0.30 -7.81
CA ALA A 15 1.34 0.28 -6.54
C ALA A 15 2.55 0.37 -5.60
N PHE A 16 3.35 -0.68 -5.58
CA PHE A 16 4.53 -0.70 -4.74
C PHE A 16 5.46 0.47 -5.07
N SER A 17 5.74 0.64 -6.35
CA SER A 17 6.61 1.71 -6.81
C SER A 17 6.08 3.07 -6.37
N LEU A 18 4.77 3.21 -6.32
CA LEU A 18 4.17 4.48 -5.92
C LEU A 18 4.43 4.77 -4.45
N PHE A 19 4.28 3.75 -3.60
CA PHE A 19 4.49 3.95 -2.17
C PHE A 19 5.96 4.15 -1.82
N ASP A 20 6.82 3.23 -2.26
CA ASP A 20 8.24 3.35 -1.95
C ASP A 20 8.79 4.69 -2.43
N LYS A 21 8.65 5.73 -1.60
CA LYS A 21 9.15 7.06 -1.97
C LYS A 21 10.66 7.05 -2.07
N ASP A 22 11.34 6.61 -1.02
CA ASP A 22 12.79 6.60 -1.03
C ASP A 22 13.28 5.64 -2.10
N GLY A 23 12.39 4.77 -2.57
CA GLY A 23 12.74 3.82 -3.62
C GLY A 23 13.85 2.87 -3.18
N ASP A 24 13.79 2.38 -1.94
CA ASP A 24 14.81 1.46 -1.45
C ASP A 24 14.40 0.00 -1.67
N GLY A 25 13.21 -0.20 -2.24
CA GLY A 25 12.71 -1.55 -2.52
C GLY A 25 11.73 -2.01 -1.43
N THR A 26 11.42 -1.11 -0.50
CA THR A 26 10.49 -1.41 0.58
C THR A 26 9.62 -0.19 0.88
N ILE A 27 8.53 -0.42 1.60
CA ILE A 27 7.62 0.67 1.98
C ILE A 27 7.68 0.87 3.49
N THR A 28 7.74 2.12 3.93
CA THR A 28 7.82 2.44 5.36
C THR A 28 6.55 3.16 5.83
N THR A 29 6.39 3.23 7.14
CA THR A 29 5.23 3.88 7.73
C THR A 29 5.18 5.35 7.33
N LYS A 30 6.33 6.00 7.41
CA LYS A 30 6.44 7.41 7.06
C LYS A 30 6.21 7.61 5.56
N GLU A 31 6.77 6.72 4.76
CA GLU A 31 6.61 6.80 3.31
C GLU A 31 5.14 6.80 2.95
N LEU A 32 4.43 5.76 3.38
CA LEU A 32 3.00 5.67 3.11
C LEU A 32 2.25 6.82 3.75
N GLY A 33 2.55 7.08 5.02
CA GLY A 33 1.87 8.16 5.73
C GLY A 33 1.88 9.42 4.89
N THR A 34 3.03 9.72 4.30
CA THR A 34 3.15 10.91 3.47
C THR A 34 2.20 10.82 2.30
N VAL A 35 2.18 9.67 1.63
CA VAL A 35 1.29 9.46 0.49
C VAL A 35 -0.17 9.56 0.92
N MET A 36 -0.48 9.05 2.10
CA MET A 36 -1.85 9.13 2.61
C MET A 36 -2.25 10.58 2.90
N ARG A 37 -1.39 11.31 3.60
CA ARG A 37 -1.69 12.70 3.96
C ARG A 37 -1.72 13.57 2.70
N SER A 38 -0.68 13.43 1.87
CA SER A 38 -0.58 14.23 0.65
C SER A 38 -1.84 14.06 -0.20
N LEU A 39 -2.56 12.96 0.01
CA LEU A 39 -3.79 12.71 -0.74
C LEU A 39 -5.01 13.22 0.02
N GLY A 40 -4.85 13.48 1.32
CA GLY A 40 -5.94 14.00 2.15
C GLY A 40 -6.63 12.90 2.92
N GLN A 41 -6.09 11.69 2.85
CA GLN A 41 -6.66 10.55 3.57
C GLN A 41 -6.36 10.64 5.06
N ASN A 42 -7.24 10.06 5.89
CA ASN A 42 -7.08 10.10 7.34
C ASN A 42 -5.60 10.00 7.74
N PRO A 43 -4.97 11.12 8.06
CA PRO A 43 -3.53 11.16 8.47
C PRO A 43 -3.24 10.22 9.66
N THR A 44 -2.36 10.67 10.55
CA THR A 44 -2.00 9.88 11.73
C THR A 44 -1.16 8.67 11.33
N GLU A 45 0.09 8.67 11.77
CA GLU A 45 1.01 7.57 11.46
C GLU A 45 0.78 6.42 12.45
N ALA A 46 0.68 6.77 13.74
CA ALA A 46 0.49 5.75 14.78
C ALA A 46 -0.46 4.68 14.28
N GLU A 47 -1.52 5.11 13.61
CA GLU A 47 -2.50 4.20 13.05
C GLU A 47 -1.81 3.24 12.08
N LEU A 48 -1.18 3.81 11.05
CA LEU A 48 -0.50 3.00 10.04
C LEU A 48 0.62 2.19 10.71
N GLN A 49 1.46 2.87 11.47
CA GLN A 49 2.56 2.22 12.16
C GLN A 49 2.07 0.98 12.88
N ASP A 50 0.81 1.00 13.29
CA ASP A 50 0.20 -0.13 13.98
C ASP A 50 -0.23 -1.22 13.01
N MET A 51 -0.81 -0.81 11.88
CA MET A 51 -1.26 -1.77 10.87
C MET A 51 -0.07 -2.48 10.22
N ILE A 52 0.95 -1.71 9.88
CA ILE A 52 2.14 -2.27 9.25
C ILE A 52 2.84 -3.21 10.22
N ASN A 53 2.95 -2.79 11.47
CA ASN A 53 3.60 -3.60 12.49
C ASN A 53 2.99 -4.99 12.54
N GLU A 54 1.71 -5.10 12.21
CA GLU A 54 1.02 -6.39 12.24
C GLU A 54 1.44 -7.28 11.06
N VAL A 55 1.31 -6.75 9.83
CA VAL A 55 1.66 -7.51 8.63
C VAL A 55 3.17 -7.74 8.51
N ASP A 56 3.98 -6.87 9.11
CA ASP A 56 5.43 -7.01 9.04
C ASP A 56 5.86 -8.42 9.41
N ALA A 57 6.46 -9.13 8.45
CA ALA A 57 6.90 -10.50 8.67
C ALA A 57 8.09 -10.56 9.63
N ASP A 58 9.05 -9.67 9.45
CA ASP A 58 10.25 -9.66 10.30
C ASP A 58 10.14 -8.58 11.38
N GLY A 59 9.03 -7.86 11.39
CA GLY A 59 8.84 -6.80 12.37
C GLY A 59 9.82 -5.66 12.12
N ASN A 60 10.27 -5.56 10.88
CA ASN A 60 11.24 -4.53 10.49
C ASN A 60 10.56 -3.17 10.45
N GLY A 61 9.25 -3.19 10.29
CA GLY A 61 8.47 -1.96 10.23
C GLY A 61 8.26 -1.51 8.79
N THR A 62 8.46 -2.43 7.84
CA THR A 62 8.29 -2.13 6.42
C THR A 62 7.55 -3.26 5.71
N ILE A 63 6.94 -2.93 4.57
CA ILE A 63 6.21 -3.92 3.78
C ILE A 63 7.04 -4.35 2.57
N ASP A 64 7.33 -5.64 2.50
CA ASP A 64 8.13 -6.18 1.39
C ASP A 64 7.27 -6.44 0.16
N PHE A 65 7.92 -6.86 -0.91
CA PHE A 65 7.25 -7.15 -2.18
C PHE A 65 6.05 -8.10 -1.99
N PRO A 66 6.29 -9.33 -1.60
CA PRO A 66 5.20 -10.35 -1.42
C PRO A 66 4.11 -9.90 -0.45
N GLU A 67 4.51 -9.37 0.69
CA GLU A 67 3.57 -8.93 1.69
C GLU A 67 2.47 -8.08 1.08
N PHE A 68 2.86 -7.02 0.38
CA PHE A 68 1.90 -6.15 -0.25
C PHE A 68 1.06 -6.90 -1.27
N LEU A 69 1.74 -7.68 -2.11
CA LEU A 69 1.07 -8.46 -3.13
C LEU A 69 0.07 -9.42 -2.49
N THR A 70 0.32 -9.82 -1.25
CA THR A 70 -0.57 -10.75 -0.56
C THR A 70 -1.70 -10.02 0.17
N MET A 71 -1.33 -9.18 1.14
CA MET A 71 -2.32 -8.45 1.92
C MET A 71 -3.31 -7.71 1.03
N MET A 72 -2.95 -7.49 -0.23
CA MET A 72 -3.84 -6.80 -1.16
C MET A 72 -4.81 -7.78 -1.83
N ALA A 73 -4.37 -9.02 -1.99
CA ALA A 73 -5.18 -10.04 -2.64
C ALA A 73 -6.24 -10.61 -1.70
N ARG A 74 -6.57 -9.86 -0.65
CA ARG A 74 -7.57 -10.30 0.32
C ARG A 74 -8.86 -9.50 0.16
N LYS A 75 -8.87 -8.61 -0.84
CA LYS A 75 -10.05 -7.77 -1.10
C LYS A 75 -11.29 -8.63 -1.31
N MET A 76 -11.14 -9.69 -2.11
CA MET A 76 -12.27 -10.58 -2.38
C MET A 76 -12.38 -11.65 -1.31
N LYS A 77 -13.19 -12.68 -1.59
CA LYS A 77 -13.39 -13.77 -0.64
C LYS A 77 -13.78 -13.22 0.73
N GLY B 1 -15.63 -0.48 10.62
CA GLY B 1 -15.05 -1.51 9.69
C GLY B 1 -13.66 -1.89 10.18
N THR B 2 -12.95 -2.68 9.37
CA THR B 2 -11.60 -3.11 9.74
C THR B 2 -10.66 -1.91 9.76
N GLY B 3 -10.91 -0.95 8.89
CA GLY B 3 -10.07 0.25 8.82
C GLY B 3 -8.81 -0.01 8.01
N ALA B 4 -8.11 -1.09 8.36
CA ALA B 4 -6.88 -1.45 7.67
C ALA B 4 -7.10 -1.72 6.18
N ALA B 5 -8.08 -2.55 5.87
CA ALA B 5 -8.37 -2.87 4.47
C ALA B 5 -8.79 -1.63 3.69
N LEU B 6 -9.63 -0.81 4.31
CA LEU B 6 -10.10 0.39 3.66
C LEU B 6 -8.93 1.34 3.40
N SER B 7 -8.05 1.45 4.37
CA SER B 7 -6.90 2.32 4.25
C SER B 7 -6.08 1.94 3.01
N TRP B 8 -5.85 0.65 2.86
CA TRP B 8 -5.10 0.15 1.71
C TRP B 8 -5.91 0.32 0.42
N GLN B 9 -7.18 -0.05 0.47
CA GLN B 9 -8.04 0.06 -0.72
C GLN B 9 -8.17 1.50 -1.19
N ALA B 10 -8.45 2.41 -0.26
CA ALA B 10 -8.60 3.83 -0.61
C ALA B 10 -7.29 4.41 -1.12
N ALA B 11 -6.18 4.03 -0.49
CA ALA B 11 -4.87 4.53 -0.89
C ALA B 11 -4.52 4.08 -2.31
N ILE B 12 -4.75 2.81 -2.59
CA ILE B 12 -4.46 2.26 -3.91
C ILE B 12 -5.35 2.91 -4.97
N ASP B 13 -6.64 3.04 -4.65
CA ASP B 13 -7.58 3.64 -5.58
C ASP B 13 -7.24 5.10 -5.83
N ALA B 14 -6.95 5.83 -4.75
CA ALA B 14 -6.61 7.25 -4.87
C ALA B 14 -5.25 7.42 -5.55
N ALA B 15 -4.31 6.54 -5.20
CA ALA B 15 -2.97 6.61 -5.78
C ALA B 15 -3.05 6.46 -7.29
N ARG B 16 -3.78 5.44 -7.73
CA ARG B 16 -3.95 5.18 -9.15
C ARG B 16 -4.72 6.32 -9.81
N GLN B 17 -5.76 6.81 -9.12
CA GLN B 17 -6.58 7.89 -9.65
C GLN B 17 -5.67 9.05 -10.06
N ALA B 18 -4.70 9.36 -9.20
CA ALA B 18 -3.77 10.44 -9.50
C ALA B 18 -2.89 10.06 -10.68
N LYS B 19 -2.48 8.80 -10.73
CA LYS B 19 -1.63 8.32 -11.81
C LYS B 19 -2.35 8.46 -13.15
N LEU B 20 -3.59 8.01 -13.20
CA LEU B 20 -4.37 8.08 -14.42
C LEU B 20 -4.57 9.53 -14.86
N MET B 21 -4.96 10.38 -13.91
CA MET B 21 -5.19 11.79 -14.21
C MET B 21 -3.88 12.51 -14.53
N GLY B 22 -2.81 12.12 -13.84
CA GLY B 22 -1.51 12.73 -14.07
C GLY B 22 -1.32 14.01 -13.25
N SER B 23 -2.15 14.19 -12.23
CA SER B 23 -2.05 15.38 -11.39
C SER B 23 -0.68 15.44 -10.71
N ALA B 24 -0.23 14.28 -10.22
CA ALA B 24 1.06 14.19 -9.56
C ALA B 24 2.20 14.54 -10.53
CA CA C . 11.34 1.82 2.51
CA CA D . 9.05 -6.75 5.64
N ALA A 1 -14.28 -17.04 -7.02
CA ALA A 1 -13.68 -16.98 -8.37
C ALA A 1 -12.48 -16.06 -8.31
N ASP A 2 -11.91 -15.97 -7.12
CA ASP A 2 -10.76 -15.10 -6.89
C ASP A 2 -9.45 -15.84 -7.15
N GLN A 3 -8.79 -15.50 -8.25
CA GLN A 3 -7.52 -16.12 -8.62
C GLN A 3 -6.54 -15.07 -9.12
N LEU A 4 -5.24 -15.35 -8.98
CA LEU A 4 -4.20 -14.41 -9.40
C LEU A 4 -4.14 -14.32 -10.93
N THR A 5 -3.31 -13.41 -11.45
CA THR A 5 -3.17 -13.22 -12.89
C THR A 5 -2.05 -12.25 -13.20
N GLU A 6 -1.72 -12.11 -14.49
CA GLU A 6 -0.65 -11.19 -14.90
C GLU A 6 -0.91 -9.79 -14.35
N GLU A 7 -2.08 -9.26 -14.65
CA GLU A 7 -2.46 -7.93 -14.19
C GLU A 7 -2.07 -7.74 -12.71
N GLN A 8 -2.59 -8.62 -11.85
CA GLN A 8 -2.35 -8.54 -10.41
C GLN A 8 -0.89 -8.25 -10.08
N ILE A 9 0.02 -9.15 -10.47
CA ILE A 9 1.44 -8.95 -10.16
C ILE A 9 1.91 -7.58 -10.62
N ALA A 10 1.63 -7.25 -11.86
CA ALA A 10 2.02 -5.96 -12.40
C ALA A 10 1.37 -4.83 -11.59
N GLU A 11 0.12 -5.04 -11.22
CA GLU A 11 -0.64 -4.05 -10.44
C GLU A 11 0.08 -3.71 -9.15
N PHE A 12 0.51 -4.73 -8.41
CA PHE A 12 1.21 -4.51 -7.15
C PHE A 12 2.55 -3.79 -7.40
N LYS A 13 3.23 -4.18 -8.47
CA LYS A 13 4.51 -3.59 -8.80
C LYS A 13 4.36 -2.07 -8.96
N GLU A 14 3.30 -1.66 -9.64
CA GLU A 14 3.04 -0.24 -9.86
C GLU A 14 2.79 0.45 -8.52
N ALA A 15 1.79 -0.04 -7.78
CA ALA A 15 1.46 0.53 -6.48
C ALA A 15 2.69 0.55 -5.59
N PHE A 16 3.51 -0.50 -5.68
CA PHE A 16 4.72 -0.58 -4.89
C PHE A 16 5.63 0.62 -5.19
N SER A 17 5.91 0.83 -6.47
CA SER A 17 6.78 1.94 -6.89
C SER A 17 6.26 3.29 -6.40
N LEU A 18 4.95 3.41 -6.26
CA LEU A 18 4.35 4.66 -5.78
C LEU A 18 4.61 4.90 -4.30
N PHE A 19 4.43 3.85 -3.49
CA PHE A 19 4.64 3.98 -2.05
C PHE A 19 6.11 4.18 -1.70
N ASP A 20 6.97 3.28 -2.16
CA ASP A 20 8.40 3.41 -1.87
C ASP A 20 8.93 4.77 -2.32
N LYS A 21 8.79 5.78 -1.46
CA LYS A 21 9.26 7.10 -1.82
C LYS A 21 10.77 7.12 -2.01
N ASP A 22 11.49 6.71 -0.96
CA ASP A 22 12.95 6.69 -1.01
C ASP A 22 13.42 5.74 -2.12
N GLY A 23 12.52 4.86 -2.54
CA GLY A 23 12.83 3.91 -3.61
C GLY A 23 13.92 2.93 -3.20
N ASP A 24 13.83 2.39 -1.98
CA ASP A 24 14.84 1.45 -1.50
C ASP A 24 14.42 0.01 -1.79
N GLY A 25 13.21 -0.17 -2.32
CA GLY A 25 12.70 -1.51 -2.65
C GLY A 25 11.75 -2.01 -1.56
N THR A 26 11.46 -1.14 -0.59
CA THR A 26 10.56 -1.50 0.50
C THR A 26 9.62 -0.35 0.80
N ILE A 27 8.65 -0.59 1.67
CA ILE A 27 7.69 0.44 2.06
C ILE A 27 7.64 0.54 3.58
N THR A 28 7.35 1.74 4.08
CA THR A 28 7.27 1.96 5.52
C THR A 28 6.16 2.94 5.89
N THR A 29 5.99 3.19 7.18
CA THR A 29 4.95 4.10 7.67
C THR A 29 5.12 5.49 7.07
N LYS A 30 6.36 5.96 7.05
CA LYS A 30 6.67 7.28 6.52
C LYS A 30 6.39 7.35 5.03
N GLU A 31 6.80 6.33 4.28
CA GLU A 31 6.58 6.29 2.84
C GLU A 31 5.09 6.33 2.54
N LEU A 32 4.38 5.31 3.01
CA LEU A 32 2.93 5.22 2.80
C LEU A 32 2.22 6.41 3.47
N GLY A 33 2.57 6.67 4.72
CA GLY A 33 1.95 7.78 5.46
C GLY A 33 1.97 9.05 4.62
N THR A 34 3.11 9.30 3.97
CA THR A 34 3.23 10.49 3.13
C THR A 34 2.20 10.44 2.02
N VAL A 35 2.13 9.31 1.31
CA VAL A 35 1.17 9.15 0.22
C VAL A 35 -0.27 9.34 0.72
N MET A 36 -0.57 8.75 1.87
CA MET A 36 -1.91 8.86 2.45
C MET A 36 -2.23 10.29 2.88
N ARG A 37 -1.25 10.96 3.48
CA ARG A 37 -1.45 12.34 3.92
C ARG A 37 -1.59 13.28 2.71
N SER A 38 -0.63 13.23 1.80
CA SER A 38 -0.64 14.08 0.61
C SER A 38 -2.02 14.01 -0.08
N LEU A 39 -2.67 12.86 0.02
CA LEU A 39 -3.98 12.67 -0.59
C LEU A 39 -5.07 13.40 0.21
N GLY A 40 -4.75 13.76 1.45
CA GLY A 40 -5.70 14.48 2.31
C GLY A 40 -6.34 13.56 3.35
N GLN A 41 -5.69 12.44 3.64
CA GLN A 41 -6.22 11.48 4.63
C GLN A 41 -5.91 11.96 6.05
N ASN A 42 -6.97 12.21 6.82
CA ASN A 42 -6.83 12.68 8.20
C ASN A 42 -5.66 11.98 8.91
N PRO A 43 -5.07 12.63 9.90
CA PRO A 43 -3.93 12.03 10.66
C PRO A 43 -4.17 10.57 10.96
N THR A 44 -3.47 9.70 10.23
CA THR A 44 -3.60 8.25 10.42
C THR A 44 -2.22 7.60 10.51
N GLU A 45 -1.18 8.42 10.51
CA GLU A 45 0.19 7.93 10.61
C GLU A 45 0.30 6.88 11.71
N ALA A 46 -0.60 6.96 12.69
CA ALA A 46 -0.61 6.00 13.79
C ALA A 46 -1.21 4.68 13.32
N GLU A 47 -2.29 4.77 12.56
CA GLU A 47 -2.98 3.59 12.03
C GLU A 47 -1.97 2.73 11.26
N LEU A 48 -1.18 3.38 10.41
CA LEU A 48 -0.17 2.68 9.62
C LEU A 48 0.81 1.97 10.55
N GLN A 49 1.42 2.74 11.45
CA GLN A 49 2.39 2.17 12.39
C GLN A 49 1.87 0.87 13.00
N ASP A 50 0.59 0.87 13.36
CA ASP A 50 -0.04 -0.30 13.96
C ASP A 50 -0.35 -1.36 12.89
N MET A 51 -0.87 -0.92 11.76
CA MET A 51 -1.23 -1.85 10.68
C MET A 51 0.02 -2.56 10.14
N ILE A 52 1.05 -1.79 9.85
CA ILE A 52 2.29 -2.37 9.34
C ILE A 52 2.90 -3.30 10.39
N ASN A 53 2.89 -2.84 11.63
CA ASN A 53 3.46 -3.63 12.74
C ASN A 53 2.89 -5.05 12.73
N GLU A 54 1.61 -5.18 12.44
CA GLU A 54 0.96 -6.50 12.42
C GLU A 54 1.39 -7.31 11.19
N VAL A 55 1.27 -6.71 10.00
CA VAL A 55 1.63 -7.41 8.77
C VAL A 55 3.08 -7.13 8.36
N ASP A 56 3.93 -6.79 9.32
CA ASP A 56 5.34 -6.51 9.02
C ASP A 56 6.06 -7.79 8.55
N ALA A 57 5.63 -8.94 9.07
CA ALA A 57 6.21 -10.23 8.70
C ALA A 57 7.67 -10.33 9.17
N ASP A 58 8.53 -9.51 8.59
CA ASP A 58 9.95 -9.53 8.95
C ASP A 58 10.19 -8.91 10.34
N GLY A 59 9.33 -7.97 10.72
CA GLY A 59 9.48 -7.28 12.01
C GLY A 59 10.48 -6.13 11.86
N ASN A 60 10.81 -5.81 10.62
CA ASN A 60 11.75 -4.73 10.32
C ASN A 60 11.03 -3.37 10.34
N GLY A 61 9.72 -3.41 10.26
CA GLY A 61 8.91 -2.18 10.27
C GLY A 61 8.61 -1.73 8.85
N THR A 62 8.89 -2.60 7.88
CA THR A 62 8.64 -2.29 6.47
C THR A 62 7.90 -3.44 5.77
N ILE A 63 7.21 -3.11 4.67
CA ILE A 63 6.47 -4.11 3.91
C ILE A 63 7.26 -4.50 2.65
N ASP A 64 7.64 -5.76 2.59
CA ASP A 64 8.41 -6.27 1.46
C ASP A 64 7.53 -6.47 0.23
N PHE A 65 8.17 -6.84 -0.87
CA PHE A 65 7.47 -7.07 -2.14
C PHE A 65 6.26 -8.01 -1.99
N PRO A 66 6.50 -9.26 -1.65
CA PRO A 66 5.40 -10.28 -1.52
C PRO A 66 4.33 -9.88 -0.51
N GLU A 67 4.76 -9.43 0.65
CA GLU A 67 3.84 -9.03 1.71
C GLU A 67 2.73 -8.15 1.16
N PHE A 68 3.12 -7.10 0.45
CA PHE A 68 2.16 -6.18 -0.13
C PHE A 68 1.28 -6.91 -1.15
N LEU A 69 1.92 -7.65 -2.04
CA LEU A 69 1.20 -8.40 -3.06
C LEU A 69 0.13 -9.28 -2.42
N THR A 70 0.38 -9.67 -1.18
CA THR A 70 -0.55 -10.56 -0.47
C THR A 70 -1.68 -9.77 0.21
N MET A 71 -1.34 -9.05 1.26
CA MET A 71 -2.34 -8.28 2.00
C MET A 71 -3.15 -7.39 1.06
N MET A 72 -2.64 -7.15 -0.14
CA MET A 72 -3.36 -6.32 -1.12
C MET A 72 -4.29 -7.16 -2.00
N ALA A 73 -3.89 -8.41 -2.25
CA ALA A 73 -4.66 -9.32 -3.11
C ALA A 73 -5.87 -9.88 -2.38
N ARG A 74 -6.06 -9.46 -1.14
CA ARG A 74 -7.19 -9.93 -0.34
C ARG A 74 -8.51 -9.55 -1.01
N LYS A 75 -8.77 -8.25 -1.11
CA LYS A 75 -9.99 -7.75 -1.74
C LYS A 75 -11.22 -8.30 -1.04
N MET A 76 -12.38 -8.15 -1.70
CA MET A 76 -13.64 -8.61 -1.14
C MET A 76 -14.31 -9.60 -2.10
N LYS A 77 -14.97 -9.05 -3.10
CA LYS A 77 -15.66 -9.84 -4.11
C LYS A 77 -14.78 -10.00 -5.34
N GLY B 1 -12.14 -3.65 7.64
CA GLY B 1 -12.12 -3.74 9.13
C GLY B 1 -11.22 -2.63 9.69
N THR B 2 -11.82 -1.46 9.93
CA THR B 2 -11.08 -0.32 10.46
C THR B 2 -9.69 -0.23 9.82
N GLY B 3 -9.62 0.48 8.69
CA GLY B 3 -8.36 0.63 7.97
C GLY B 3 -7.98 -0.66 7.24
N ALA B 4 -6.85 -1.23 7.66
CA ALA B 4 -6.35 -2.49 7.08
C ALA B 4 -6.66 -2.59 5.58
N ALA B 5 -7.68 -3.37 5.22
CA ALA B 5 -8.05 -3.56 3.82
C ALA B 5 -8.45 -2.24 3.18
N LEU B 6 -9.26 -1.46 3.89
CA LEU B 6 -9.71 -0.16 3.39
C LEU B 6 -8.52 0.78 3.21
N SER B 7 -7.59 0.73 4.15
CA SER B 7 -6.41 1.58 4.09
C SER B 7 -5.61 1.30 2.83
N TRP B 8 -5.38 0.03 2.56
CA TRP B 8 -4.65 -0.38 1.37
C TRP B 8 -5.50 -0.16 0.12
N GLN B 9 -6.76 -0.59 0.18
CA GLN B 9 -7.66 -0.46 -0.96
C GLN B 9 -7.85 1.01 -1.35
N ALA B 10 -8.15 1.85 -0.35
CA ALA B 10 -8.36 3.28 -0.62
C ALA B 10 -7.10 3.95 -1.14
N ALA B 11 -5.95 3.54 -0.59
CA ALA B 11 -4.67 4.10 -1.02
C ALA B 11 -4.39 3.79 -2.49
N ILE B 12 -4.65 2.54 -2.88
CA ILE B 12 -4.44 2.12 -4.26
C ILE B 12 -5.36 2.88 -5.21
N ASP B 13 -6.62 3.02 -4.82
CA ASP B 13 -7.61 3.72 -5.62
C ASP B 13 -7.18 5.18 -5.84
N ALA B 14 -6.84 5.86 -4.75
CA ALA B 14 -6.41 7.25 -4.83
C ALA B 14 -5.08 7.36 -5.58
N ALA B 15 -4.18 6.42 -5.33
CA ALA B 15 -2.88 6.42 -5.98
C ALA B 15 -3.05 6.25 -7.49
N ARG B 16 -3.95 5.36 -7.88
CA ARG B 16 -4.23 5.12 -9.28
C ARG B 16 -4.86 6.34 -9.94
N GLN B 17 -5.74 7.01 -9.21
CA GLN B 17 -6.40 8.20 -9.73
C GLN B 17 -5.37 9.28 -10.02
N ALA B 18 -4.41 9.42 -9.10
CA ALA B 18 -3.35 10.41 -9.27
C ALA B 18 -2.53 10.11 -10.52
N LYS B 19 -2.13 8.85 -10.67
CA LYS B 19 -1.34 8.44 -11.83
C LYS B 19 -2.17 8.57 -13.11
N LEU B 20 -3.46 8.29 -13.00
CA LEU B 20 -4.35 8.36 -14.16
C LEU B 20 -4.39 9.78 -14.74
N MET B 21 -4.51 10.76 -13.86
CA MET B 21 -4.57 12.16 -14.29
C MET B 21 -3.24 12.60 -14.91
N GLY B 22 -2.14 12.10 -14.34
CA GLY B 22 -0.81 12.46 -14.85
C GLY B 22 -0.20 13.63 -14.08
N SER B 23 -0.88 14.08 -13.03
CA SER B 23 -0.37 15.20 -12.23
C SER B 23 0.85 14.77 -11.43
N ALA B 24 1.79 15.71 -11.24
CA ALA B 24 3.01 15.43 -10.49
C ALA B 24 3.83 16.72 -10.33
CA CA C . 11.57 1.83 2.41
CA CA D . 9.24 -6.83 5.57
N ALA A 1 -2.31 -21.42 -12.10
CA ALA A 1 -2.00 -20.61 -13.32
C ALA A 1 -3.29 -19.95 -13.79
N ASP A 2 -4.41 -20.47 -13.30
CA ASP A 2 -5.72 -19.96 -13.67
C ASP A 2 -6.10 -18.76 -12.81
N GLN A 3 -5.13 -18.21 -12.09
CA GLN A 3 -5.35 -17.04 -11.22
C GLN A 3 -4.22 -16.03 -11.36
N LEU A 4 -4.30 -14.95 -10.61
CA LEU A 4 -3.28 -13.90 -10.64
C LEU A 4 -2.75 -13.68 -12.05
N THR A 5 -3.51 -12.96 -12.85
CA THR A 5 -3.16 -12.68 -14.24
C THR A 5 -2.11 -11.59 -14.31
N GLU A 6 -1.82 -11.10 -15.51
CA GLU A 6 -0.82 -10.06 -15.69
C GLU A 6 -1.24 -8.80 -14.94
N GLU A 7 -2.50 -8.41 -15.09
CA GLU A 7 -3.00 -7.23 -14.42
C GLU A 7 -2.55 -7.21 -12.96
N GLN A 8 -2.98 -8.21 -12.20
CA GLN A 8 -2.67 -8.27 -10.77
C GLN A 8 -1.19 -7.99 -10.48
N ILE A 9 -0.31 -8.80 -11.05
CA ILE A 9 1.12 -8.62 -10.79
C ILE A 9 1.56 -7.21 -11.15
N ALA A 10 1.23 -6.78 -12.35
CA ALA A 10 1.60 -5.44 -12.80
C ALA A 10 1.01 -4.40 -11.84
N GLU A 11 -0.21 -4.66 -11.39
CA GLU A 11 -0.91 -3.76 -10.48
C GLU A 11 -0.14 -3.60 -9.17
N PHE A 12 0.31 -4.72 -8.60
CA PHE A 12 1.05 -4.68 -7.35
C PHE A 12 2.37 -3.94 -7.54
N LYS A 13 3.08 -4.23 -8.63
CA LYS A 13 4.36 -3.61 -8.90
C LYS A 13 4.21 -2.09 -8.94
N GLU A 14 3.16 -1.63 -9.61
CA GLU A 14 2.92 -0.20 -9.72
C GLU A 14 2.66 0.40 -8.35
N ALA A 15 1.67 -0.14 -7.64
CA ALA A 15 1.33 0.36 -6.31
C ALA A 15 2.56 0.34 -5.41
N PHE A 16 3.28 -0.77 -5.41
CA PHE A 16 4.48 -0.89 -4.60
C PHE A 16 5.47 0.24 -4.93
N SER A 17 5.77 0.40 -6.20
CA SER A 17 6.72 1.42 -6.63
C SER A 17 6.28 2.81 -6.17
N LEU A 18 4.96 3.05 -6.17
CA LEU A 18 4.45 4.34 -5.76
C LEU A 18 4.73 4.62 -4.28
N PHE A 19 4.54 3.60 -3.45
CA PHE A 19 4.76 3.76 -2.02
C PHE A 19 6.24 3.93 -1.69
N ASP A 20 7.08 3.02 -2.18
CA ASP A 20 8.51 3.11 -1.90
C ASP A 20 9.09 4.41 -2.45
N LYS A 21 8.84 5.52 -1.74
CA LYS A 21 9.34 6.82 -2.21
C LYS A 21 10.86 6.80 -2.29
N ASP A 22 11.51 6.41 -1.20
CA ASP A 22 12.96 6.36 -1.19
C ASP A 22 13.47 5.35 -2.20
N GLY A 23 12.57 4.47 -2.64
CA GLY A 23 12.92 3.45 -3.63
C GLY A 23 14.01 2.52 -3.13
N ASP A 24 13.90 2.08 -1.88
CA ASP A 24 14.91 1.17 -1.31
C ASP A 24 14.51 -0.29 -1.52
N GLY A 25 13.34 -0.51 -2.10
CA GLY A 25 12.84 -1.87 -2.35
C GLY A 25 11.84 -2.31 -1.29
N THR A 26 11.48 -1.37 -0.41
CA THR A 26 10.52 -1.67 0.66
C THR A 26 9.64 -0.46 0.91
N ILE A 27 8.64 -0.63 1.77
CA ILE A 27 7.73 0.46 2.13
C ILE A 27 7.78 0.68 3.63
N THR A 28 7.78 1.96 4.04
CA THR A 28 7.83 2.31 5.47
C THR A 28 6.60 3.09 5.89
N THR A 29 6.43 3.24 7.21
CA THR A 29 5.29 3.96 7.75
C THR A 29 5.28 5.41 7.25
N LYS A 30 6.45 6.02 7.25
CA LYS A 30 6.58 7.41 6.81
C LYS A 30 6.34 7.51 5.30
N GLU A 31 6.89 6.56 4.55
CA GLU A 31 6.72 6.56 3.09
C GLU A 31 5.24 6.53 2.76
N LEU A 32 4.55 5.50 3.21
CA LEU A 32 3.12 5.37 2.96
C LEU A 32 2.35 6.52 3.61
N GLY A 33 2.65 6.79 4.87
CA GLY A 33 1.97 7.86 5.58
C GLY A 33 1.99 9.14 4.75
N THR A 34 3.13 9.44 4.16
CA THR A 34 3.27 10.63 3.34
C THR A 34 2.31 10.54 2.16
N VAL A 35 2.29 9.39 1.50
CA VAL A 35 1.41 9.18 0.35
C VAL A 35 -0.05 9.32 0.77
N MET A 36 -0.38 8.83 1.95
CA MET A 36 -1.75 8.92 2.44
C MET A 36 -2.16 10.38 2.69
N ARG A 37 -1.32 11.11 3.43
CA ARG A 37 -1.61 12.51 3.74
C ARG A 37 -1.57 13.36 2.47
N SER A 38 -0.52 13.17 1.68
CA SER A 38 -0.35 13.93 0.44
C SER A 38 -1.62 13.85 -0.40
N LEU A 39 -2.37 12.77 -0.25
CA LEU A 39 -3.61 12.58 -1.01
C LEU A 39 -4.77 13.33 -0.37
N GLY A 40 -4.57 13.80 0.86
CA GLY A 40 -5.60 14.57 1.57
C GLY A 40 -6.44 13.68 2.47
N GLN A 41 -5.95 12.48 2.76
CA GLN A 41 -6.67 11.55 3.62
C GLN A 41 -6.46 11.89 5.10
N ASN A 42 -7.56 11.93 5.84
CA ASN A 42 -7.52 12.25 7.27
C ASN A 42 -6.29 11.63 7.95
N PRO A 43 -5.84 12.19 9.05
CA PRO A 43 -4.67 11.66 9.80
C PRO A 43 -4.90 10.24 10.31
N THR A 44 -4.10 9.30 9.82
CA THR A 44 -4.23 7.91 10.23
C THR A 44 -2.86 7.21 10.15
N GLU A 45 -1.81 8.00 9.98
CA GLU A 45 -0.46 7.46 9.91
C GLU A 45 -0.17 6.61 11.15
N ALA A 46 -0.93 6.84 12.21
CA ALA A 46 -0.76 6.09 13.44
C ALA A 46 -1.33 4.68 13.29
N GLU A 47 -2.50 4.61 12.66
CA GLU A 47 -3.16 3.33 12.43
C GLU A 47 -2.24 2.40 11.65
N LEU A 48 -1.67 2.91 10.57
CA LEU A 48 -0.78 2.12 9.74
C LEU A 48 0.42 1.66 10.58
N GLN A 49 1.06 2.61 11.26
CA GLN A 49 2.21 2.27 12.09
C GLN A 49 1.93 1.03 12.94
N ASP A 50 0.72 0.97 13.47
CA ASP A 50 0.32 -0.17 14.29
C ASP A 50 0.12 -1.42 13.45
N MET A 51 -0.46 -1.26 12.26
CA MET A 51 -0.70 -2.39 11.37
C MET A 51 0.60 -2.95 10.82
N ILE A 52 1.49 -2.06 10.38
CA ILE A 52 2.78 -2.48 9.84
C ILE A 52 3.58 -3.19 10.92
N ASN A 53 3.56 -2.64 12.12
CA ASN A 53 4.27 -3.23 13.25
C ASN A 53 3.94 -4.72 13.38
N GLU A 54 2.77 -5.11 12.91
CA GLU A 54 2.33 -6.51 12.99
C GLU A 54 2.59 -7.26 11.67
N VAL A 55 2.36 -6.59 10.55
CA VAL A 55 2.54 -7.21 9.24
C VAL A 55 4.00 -7.63 9.01
N ASP A 56 4.94 -6.74 9.35
CA ASP A 56 6.36 -7.05 9.15
C ASP A 56 6.70 -8.44 9.68
N ALA A 57 7.35 -9.24 8.84
CA ALA A 57 7.72 -10.61 9.23
C ALA A 57 8.90 -10.64 10.20
N ASP A 58 9.90 -9.80 9.96
CA ASP A 58 11.09 -9.75 10.82
C ASP A 58 10.97 -8.65 11.88
N GLY A 59 9.83 -7.95 11.88
CA GLY A 59 9.63 -6.86 12.83
C GLY A 59 10.52 -5.68 12.48
N ASN A 60 10.87 -5.58 11.19
CA ASN A 60 11.73 -4.52 10.69
C ASN A 60 10.95 -3.21 10.61
N GLY A 61 9.63 -3.33 10.54
CA GLY A 61 8.77 -2.15 10.45
C GLY A 61 8.57 -1.72 9.00
N THR A 62 8.81 -2.65 8.07
CA THR A 62 8.67 -2.37 6.64
C THR A 62 7.85 -3.46 5.96
N ILE A 63 7.17 -3.09 4.87
CA ILE A 63 6.35 -4.04 4.11
C ILE A 63 7.06 -4.41 2.80
N ASP A 64 7.33 -5.71 2.65
CA ASP A 64 8.02 -6.20 1.45
C ASP A 64 7.06 -6.30 0.27
N PHE A 65 7.62 -6.59 -0.91
CA PHE A 65 6.85 -6.73 -2.14
C PHE A 65 5.71 -7.76 -1.99
N PRO A 66 6.01 -8.98 -1.55
CA PRO A 66 4.97 -10.05 -1.42
C PRO A 66 3.83 -9.68 -0.48
N GLU A 67 4.17 -9.24 0.72
CA GLU A 67 3.16 -8.87 1.71
C GLU A 67 2.11 -7.96 1.11
N PHE A 68 2.56 -6.90 0.45
CA PHE A 68 1.66 -5.95 -0.17
C PHE A 68 0.81 -6.63 -1.23
N LEU A 69 1.47 -7.38 -2.11
CA LEU A 69 0.78 -8.09 -3.17
C LEU A 69 -0.33 -8.96 -2.60
N THR A 70 -0.15 -9.39 -1.35
CA THR A 70 -1.13 -10.24 -0.70
C THR A 70 -2.29 -9.44 -0.11
N MET A 71 -2.01 -8.69 0.96
CA MET A 71 -3.05 -7.90 1.62
C MET A 71 -3.81 -7.03 0.62
N MET A 72 -3.22 -6.81 -0.56
CA MET A 72 -3.88 -6.01 -1.60
C MET A 72 -4.74 -6.88 -2.53
N ALA A 73 -4.30 -8.12 -2.74
CA ALA A 73 -4.99 -9.05 -3.64
C ALA A 73 -6.42 -9.30 -3.18
N ARG A 74 -6.60 -9.36 -1.87
CA ARG A 74 -7.93 -9.61 -1.31
C ARG A 74 -8.89 -8.47 -1.66
N LYS A 75 -8.42 -7.55 -2.51
CA LYS A 75 -9.22 -6.39 -2.94
C LYS A 75 -10.70 -6.75 -3.02
N MET A 76 -11.55 -5.74 -2.81
CA MET A 76 -12.99 -5.96 -2.83
C MET A 76 -13.39 -6.74 -4.07
N LYS A 77 -14.32 -7.68 -3.88
CA LYS A 77 -14.82 -8.52 -4.96
C LYS A 77 -16.18 -8.00 -5.45
N GLY B 1 -14.96 -0.31 15.23
CA GLY B 1 -13.84 -1.24 14.89
C GLY B 1 -12.95 -0.59 13.83
N THR B 2 -11.72 -1.09 13.72
CA THR B 2 -10.77 -0.55 12.74
C THR B 2 -11.07 -1.11 11.35
N GLY B 3 -10.47 -0.49 10.32
CA GLY B 3 -10.67 -0.94 8.94
C GLY B 3 -9.33 -0.95 8.19
N ALA B 4 -8.49 -1.92 8.53
CA ALA B 4 -7.16 -2.05 7.92
C ALA B 4 -7.25 -2.23 6.40
N ALA B 5 -8.17 -3.06 5.94
CA ALA B 5 -8.32 -3.31 4.51
C ALA B 5 -8.71 -2.04 3.77
N LEU B 6 -9.60 -1.26 4.38
CA LEU B 6 -10.06 -0.01 3.79
C LEU B 6 -8.91 0.97 3.65
N SER B 7 -8.06 1.01 4.68
CA SER B 7 -6.91 1.89 4.67
C SER B 7 -6.00 1.55 3.49
N TRP B 8 -5.75 0.27 3.32
CA TRP B 8 -4.88 -0.19 2.24
C TRP B 8 -5.56 0.00 0.88
N GLN B 9 -6.80 -0.49 0.77
CA GLN B 9 -7.55 -0.37 -0.48
C GLN B 9 -7.82 1.10 -0.83
N ALA B 10 -8.27 1.87 0.15
CA ALA B 10 -8.56 3.29 -0.09
C ALA B 10 -7.31 4.05 -0.55
N ALA B 11 -6.17 3.73 0.06
CA ALA B 11 -4.92 4.40 -0.31
C ALA B 11 -4.53 4.07 -1.75
N ILE B 12 -4.69 2.81 -2.13
CA ILE B 12 -4.36 2.37 -3.48
C ILE B 12 -5.26 3.05 -4.51
N ASP B 13 -6.54 3.12 -4.20
CA ASP B 13 -7.52 3.73 -5.10
C ASP B 13 -7.18 5.19 -5.34
N ALA B 14 -6.87 5.92 -4.27
CA ALA B 14 -6.52 7.33 -4.39
C ALA B 14 -5.21 7.50 -5.16
N ALA B 15 -4.26 6.60 -4.90
CA ALA B 15 -2.97 6.66 -5.58
C ALA B 15 -3.16 6.44 -7.08
N ARG B 16 -4.05 5.51 -7.41
CA ARG B 16 -4.32 5.20 -8.81
C ARG B 16 -4.92 6.41 -9.52
N GLN B 17 -5.86 7.08 -8.87
CA GLN B 17 -6.50 8.25 -9.45
C GLN B 17 -5.44 9.33 -9.71
N ALA B 18 -4.52 9.48 -8.76
CA ALA B 18 -3.46 10.47 -8.89
C ALA B 18 -2.62 10.19 -10.13
N LYS B 19 -2.22 8.93 -10.30
CA LYS B 19 -1.42 8.54 -11.44
C LYS B 19 -2.21 8.73 -12.73
N LEU B 20 -3.48 8.37 -12.69
CA LEU B 20 -4.33 8.48 -13.88
C LEU B 20 -4.45 9.95 -14.32
N MET B 21 -4.58 10.85 -13.36
CA MET B 21 -4.71 12.27 -13.66
C MET B 21 -3.44 12.80 -14.32
N GLY B 22 -2.31 12.14 -14.07
CA GLY B 22 -1.03 12.55 -14.65
C GLY B 22 -0.29 13.53 -13.75
N SER B 23 -0.71 13.63 -12.49
CA SER B 23 -0.07 14.53 -11.55
C SER B 23 1.30 14.00 -11.14
N ALA B 24 2.13 14.87 -10.57
CA ALA B 24 3.47 14.48 -10.13
C ALA B 24 3.43 14.00 -8.68
CA CA C . 11.61 1.66 2.54
CA CA D . 9.18 -6.99 6.09
N ALA A 1 -3.76 -24.22 -12.07
CA ALA A 1 -4.35 -24.35 -13.42
C ALA A 1 -4.72 -22.97 -13.93
N ASP A 2 -5.81 -22.42 -13.39
CA ASP A 2 -6.30 -21.11 -13.80
C ASP A 2 -6.49 -20.21 -12.59
N GLN A 3 -5.51 -19.34 -12.35
CA GLN A 3 -5.54 -18.41 -11.23
C GLN A 3 -4.71 -17.17 -11.53
N LEU A 4 -5.01 -16.08 -10.83
CA LEU A 4 -4.29 -14.82 -11.02
C LEU A 4 -4.17 -14.47 -12.52
N THR A 5 -3.38 -13.45 -12.83
CA THR A 5 -3.18 -13.04 -14.21
C THR A 5 -2.02 -12.05 -14.33
N GLU A 6 -1.53 -11.83 -15.54
CA GLU A 6 -0.42 -10.91 -15.76
C GLU A 6 -0.69 -9.57 -15.09
N GLU A 7 -1.81 -8.97 -15.44
CA GLU A 7 -2.15 -7.66 -14.87
C GLU A 7 -1.90 -7.65 -13.35
N GLN A 8 -2.52 -8.59 -12.64
CA GLN A 8 -2.40 -8.66 -11.19
C GLN A 8 -0.97 -8.43 -10.69
N ILE A 9 -0.02 -9.24 -11.14
CA ILE A 9 1.35 -9.07 -10.66
C ILE A 9 1.85 -7.67 -10.96
N ALA A 10 1.66 -7.21 -12.19
CA ALA A 10 2.10 -5.88 -12.57
C ALA A 10 1.49 -4.85 -11.63
N GLU A 11 0.18 -4.96 -11.43
CA GLU A 11 -0.54 -4.04 -10.56
C GLU A 11 0.11 -3.96 -9.17
N PHE A 12 0.49 -5.12 -8.62
CA PHE A 12 1.10 -5.15 -7.31
C PHE A 12 2.43 -4.38 -7.32
N LYS A 13 3.22 -4.61 -8.36
CA LYS A 13 4.50 -3.93 -8.51
C LYS A 13 4.29 -2.44 -8.69
N GLU A 14 3.26 -2.07 -9.44
CA GLU A 14 2.96 -0.67 -9.69
C GLU A 14 2.57 0.02 -8.39
N ALA A 15 1.55 -0.51 -7.72
CA ALA A 15 1.10 0.07 -6.46
C ALA A 15 2.25 0.18 -5.48
N PHE A 16 3.04 -0.88 -5.40
CA PHE A 16 4.19 -0.89 -4.50
C PHE A 16 5.14 0.29 -4.82
N SER A 17 5.51 0.40 -6.08
CA SER A 17 6.41 1.47 -6.51
C SER A 17 5.89 2.84 -6.09
N LEU A 18 4.58 3.01 -6.10
CA LEU A 18 3.98 4.30 -5.72
C LEU A 18 4.21 4.59 -4.24
N PHE A 19 4.04 3.57 -3.40
CA PHE A 19 4.21 3.77 -1.97
C PHE A 19 5.69 3.89 -1.58
N ASP A 20 6.53 3.00 -2.09
CA ASP A 20 7.95 3.05 -1.76
C ASP A 20 8.59 4.35 -2.24
N LYS A 21 8.22 5.46 -1.59
CA LYS A 21 8.77 6.76 -1.98
C LYS A 21 10.29 6.73 -1.93
N ASP A 22 10.84 6.21 -0.84
CA ASP A 22 12.28 6.15 -0.71
C ASP A 22 12.87 5.28 -1.81
N GLY A 23 12.02 4.46 -2.43
CA GLY A 23 12.45 3.59 -3.51
C GLY A 23 13.63 2.72 -3.10
N ASP A 24 13.63 2.23 -1.86
CA ASP A 24 14.72 1.39 -1.38
C ASP A 24 14.41 -0.10 -1.58
N GLY A 25 13.16 -0.40 -1.91
CA GLY A 25 12.73 -1.78 -2.14
C GLY A 25 11.73 -2.24 -1.09
N THR A 26 11.39 -1.34 -0.17
CA THR A 26 10.44 -1.65 0.89
C THR A 26 9.55 -0.44 1.17
N ILE A 27 8.36 -0.70 1.69
CA ILE A 27 7.43 0.38 2.03
C ILE A 27 7.51 0.66 3.52
N THR A 28 7.74 1.92 3.88
CA THR A 28 7.85 2.31 5.29
C THR A 28 6.63 3.11 5.74
N THR A 29 6.46 3.21 7.06
CA THR A 29 5.31 3.92 7.63
C THR A 29 5.31 5.37 7.15
N LYS A 30 6.49 5.94 7.05
CA LYS A 30 6.64 7.32 6.60
C LYS A 30 6.37 7.42 5.10
N GLU A 31 6.78 6.40 4.35
CA GLU A 31 6.57 6.38 2.90
C GLU A 31 5.08 6.37 2.58
N LEU A 32 4.41 5.30 2.98
CA LEU A 32 2.97 5.16 2.73
C LEU A 32 2.22 6.27 3.47
N GLY A 33 2.69 6.59 4.67
CA GLY A 33 2.04 7.62 5.47
C GLY A 33 2.00 8.94 4.73
N THR A 34 3.11 9.27 4.10
CA THR A 34 3.20 10.51 3.35
C THR A 34 2.14 10.53 2.25
N VAL A 35 2.03 9.43 1.52
CA VAL A 35 1.06 9.33 0.43
C VAL A 35 -0.36 9.55 0.96
N MET A 36 -0.61 9.08 2.18
CA MET A 36 -1.92 9.26 2.79
C MET A 36 -2.22 10.73 3.07
N ARG A 37 -1.21 11.45 3.56
CA ARG A 37 -1.40 12.87 3.85
C ARG A 37 -1.54 13.69 2.56
N SER A 38 -0.62 13.45 1.63
CA SER A 38 -0.64 14.18 0.36
C SER A 38 -2.02 14.07 -0.29
N LEU A 39 -2.74 13.01 0.04
CA LEU A 39 -4.08 12.81 -0.52
C LEU A 39 -5.13 13.63 0.23
N GLY A 40 -4.77 14.10 1.44
CA GLY A 40 -5.68 14.92 2.23
C GLY A 40 -6.44 14.10 3.26
N GLN A 41 -5.83 12.99 3.71
CA GLN A 41 -6.47 12.13 4.69
C GLN A 41 -6.09 12.56 6.11
N ASN A 42 -7.10 12.85 6.93
CA ASN A 42 -6.89 13.31 8.30
C ASN A 42 -5.70 12.58 8.95
N PRO A 43 -5.08 13.19 9.94
CA PRO A 43 -3.91 12.54 10.64
C PRO A 43 -4.25 11.13 11.12
N THR A 44 -3.33 10.20 10.85
CA THR A 44 -3.53 8.81 11.26
C THR A 44 -2.24 8.01 11.06
N GLU A 45 -1.12 8.72 11.08
CA GLU A 45 0.18 8.07 10.90
C GLU A 45 0.40 7.01 11.97
N ALA A 46 -0.41 7.06 13.03
CA ALA A 46 -0.31 6.10 14.11
C ALA A 46 -1.02 4.80 13.72
N GLU A 47 -2.17 4.94 13.08
CA GLU A 47 -2.95 3.79 12.64
C GLU A 47 -2.13 2.95 11.65
N LEU A 48 -1.45 3.64 10.74
CA LEU A 48 -0.61 2.97 9.75
C LEU A 48 0.53 2.23 10.44
N GLN A 49 1.27 2.96 11.27
CA GLN A 49 2.39 2.35 11.99
C GLN A 49 1.96 1.05 12.67
N ASP A 50 0.73 1.04 13.15
CA ASP A 50 0.20 -0.14 13.82
C ASP A 50 0.00 -1.30 12.84
N MET A 51 -0.56 -0.99 11.66
CA MET A 51 -0.81 -2.02 10.65
C MET A 51 0.50 -2.67 10.20
N ILE A 52 1.47 -1.83 9.83
CA ILE A 52 2.76 -2.34 9.38
C ILE A 52 3.47 -3.08 10.53
N ASN A 53 3.41 -2.47 11.70
CA ASN A 53 4.06 -3.06 12.89
C ASN A 53 3.64 -4.52 13.06
N GLU A 54 2.42 -4.85 12.64
CA GLU A 54 1.91 -6.21 12.77
C GLU A 54 1.99 -6.96 11.43
N VAL A 55 1.66 -6.29 10.34
CA VAL A 55 1.69 -6.92 9.02
C VAL A 55 3.12 -7.31 8.60
N ASP A 56 4.08 -6.42 8.83
CA ASP A 56 5.47 -6.69 8.45
C ASP A 56 5.85 -8.14 8.77
N ALA A 57 6.50 -8.80 7.82
CA ALA A 57 6.89 -10.20 7.98
C ALA A 57 8.01 -10.37 9.01
N ASP A 58 9.03 -9.51 8.95
CA ASP A 58 10.16 -9.60 9.88
C ASP A 58 10.00 -8.61 11.04
N GLY A 59 8.86 -7.92 11.09
CA GLY A 59 8.62 -6.95 12.16
C GLY A 59 9.69 -5.86 12.11
N ASN A 60 10.27 -5.67 10.94
CA ASN A 60 11.31 -4.67 10.74
C ASN A 60 10.72 -3.27 10.75
N GLY A 61 9.42 -3.19 10.47
CA GLY A 61 8.72 -1.91 10.44
C GLY A 61 8.34 -1.52 9.02
N THR A 62 8.69 -2.39 8.06
CA THR A 62 8.38 -2.13 6.64
C THR A 62 7.78 -3.37 5.99
N ILE A 63 7.23 -3.19 4.80
CA ILE A 63 6.61 -4.29 4.04
C ILE A 63 7.45 -4.59 2.80
N ASP A 64 7.66 -5.88 2.58
CA ASP A 64 8.47 -6.34 1.44
C ASP A 64 7.63 -6.50 0.18
N PHE A 65 8.31 -6.81 -0.93
CA PHE A 65 7.66 -6.98 -2.23
C PHE A 65 6.52 -8.02 -2.17
N PRO A 66 6.85 -9.27 -1.94
CA PRO A 66 5.84 -10.38 -1.92
C PRO A 66 4.72 -10.14 -0.92
N GLU A 67 5.09 -9.73 0.29
CA GLU A 67 4.10 -9.49 1.34
C GLU A 67 2.97 -8.63 0.80
N PHE A 68 3.31 -7.52 0.16
CA PHE A 68 2.30 -6.63 -0.38
C PHE A 68 1.47 -7.36 -1.43
N LEU A 69 2.15 -8.05 -2.33
CA LEU A 69 1.47 -8.79 -3.39
C LEU A 69 0.44 -9.75 -2.80
N THR A 70 0.66 -10.19 -1.57
CA THR A 70 -0.26 -11.12 -0.93
C THR A 70 -1.40 -10.39 -0.22
N MET A 71 -1.07 -9.69 0.87
CA MET A 71 -2.08 -8.97 1.64
C MET A 71 -3.01 -8.16 0.74
N MET A 72 -2.59 -7.91 -0.50
CA MET A 72 -3.40 -7.15 -1.43
C MET A 72 -4.35 -8.06 -2.23
N ALA A 73 -3.96 -9.33 -2.38
CA ALA A 73 -4.77 -10.30 -3.13
C ALA A 73 -5.88 -10.88 -2.25
N ARG A 74 -6.26 -10.16 -1.22
CA ARG A 74 -7.31 -10.62 -0.31
C ARG A 74 -8.67 -10.10 -0.76
N LYS A 75 -8.69 -9.42 -1.91
CA LYS A 75 -9.92 -8.87 -2.47
C LYS A 75 -9.96 -9.08 -3.99
N MET A 76 -11.17 -9.32 -4.51
CA MET A 76 -11.35 -9.54 -5.94
C MET A 76 -12.20 -8.41 -6.54
N LYS A 77 -13.10 -7.88 -5.72
CA LYS A 77 -13.97 -6.80 -6.14
C LYS A 77 -13.25 -5.46 -6.04
N GLY B 1 -13.95 -4.37 6.70
CA GLY B 1 -14.90 -3.41 7.33
C GLY B 1 -14.29 -2.00 7.28
N THR B 2 -13.31 -1.75 8.16
CA THR B 2 -12.64 -0.45 8.20
C THR B 2 -11.13 -0.63 8.29
N GLY B 3 -10.40 0.39 7.85
CA GLY B 3 -8.93 0.34 7.88
C GLY B 3 -8.41 -0.89 7.16
N ALA B 4 -7.27 -1.41 7.65
CA ALA B 4 -6.64 -2.60 7.07
C ALA B 4 -6.88 -2.72 5.57
N ALA B 5 -7.78 -3.63 5.18
CA ALA B 5 -8.09 -3.85 3.77
C ALA B 5 -8.61 -2.58 3.12
N LEU B 6 -9.47 -1.87 3.82
CA LEU B 6 -10.05 -0.62 3.30
C LEU B 6 -8.95 0.40 3.08
N SER B 7 -8.02 0.47 4.02
CA SER B 7 -6.91 1.42 3.93
C SER B 7 -6.09 1.14 2.68
N TRP B 8 -5.79 -0.13 2.48
CA TRP B 8 -5.00 -0.54 1.33
C TRP B 8 -5.79 -0.34 0.04
N GLN B 9 -7.07 -0.71 0.07
CA GLN B 9 -7.92 -0.58 -1.12
C GLN B 9 -8.03 0.88 -1.56
N ALA B 10 -8.35 1.77 -0.61
CA ALA B 10 -8.50 3.19 -0.93
C ALA B 10 -7.16 3.79 -1.37
N ALA B 11 -6.08 3.34 -0.74
CA ALA B 11 -4.75 3.84 -1.08
C ALA B 11 -4.40 3.53 -2.53
N ILE B 12 -4.66 2.29 -2.94
CA ILE B 12 -4.37 1.87 -4.31
C ILE B 12 -5.21 2.68 -5.30
N ASP B 13 -6.48 2.85 -4.98
CA ASP B 13 -7.39 3.60 -5.85
C ASP B 13 -6.91 5.04 -6.00
N ALA B 14 -6.55 5.66 -4.89
CA ALA B 14 -6.08 7.04 -4.93
C ALA B 14 -4.71 7.13 -5.62
N ALA B 15 -3.85 6.16 -5.33
CA ALA B 15 -2.53 6.14 -5.95
C ALA B 15 -2.65 5.97 -7.46
N ARG B 16 -3.57 5.12 -7.87
CA ARG B 16 -3.79 4.87 -9.29
C ARG B 16 -4.29 6.14 -9.99
N GLN B 17 -5.19 6.86 -9.34
CA GLN B 17 -5.72 8.08 -9.91
C GLN B 17 -4.61 9.12 -10.03
N ALA B 18 -3.76 9.17 -9.01
CA ALA B 18 -2.64 10.11 -9.00
C ALA B 18 -1.66 9.80 -10.14
N LYS B 19 -1.32 8.51 -10.28
CA LYS B 19 -0.41 8.09 -11.33
C LYS B 19 -1.00 8.38 -12.71
N LEU B 20 -2.27 8.02 -12.89
CA LEU B 20 -2.94 8.24 -14.16
C LEU B 20 -3.04 9.74 -14.48
N MET B 21 -3.39 10.53 -13.48
CA MET B 21 -3.53 11.97 -13.67
C MET B 21 -2.18 12.62 -13.98
N GLY B 22 -1.13 12.13 -13.32
CA GLY B 22 0.22 12.66 -13.54
C GLY B 22 0.44 13.98 -12.79
N SER B 23 -0.57 14.41 -12.03
CA SER B 23 -0.45 15.66 -11.27
C SER B 23 -1.42 15.66 -10.09
N ALA B 24 -1.19 16.55 -9.14
CA ALA B 24 -2.04 16.67 -7.96
C ALA B 24 -1.78 17.99 -7.24
CA CA C . 11.72 2.18 2.51
CA CA D . 9.29 -6.44 5.38
N ALA A 1 -10.87 -10.56 -11.70
CA ALA A 1 -11.52 -9.94 -10.51
C ALA A 1 -11.30 -10.85 -9.30
N ASP A 2 -11.97 -12.00 -9.30
CA ASP A 2 -11.87 -12.95 -8.21
C ASP A 2 -10.73 -13.96 -8.46
N GLN A 3 -9.97 -13.72 -9.53
CA GLN A 3 -8.86 -14.61 -9.88
C GLN A 3 -7.61 -13.78 -10.23
N LEU A 4 -6.45 -14.44 -10.22
CA LEU A 4 -5.18 -13.75 -10.52
C LEU A 4 -4.95 -13.67 -12.04
N THR A 5 -4.02 -12.81 -12.44
CA THR A 5 -3.71 -12.63 -13.85
C THR A 5 -2.47 -11.74 -14.03
N GLU A 6 -2.03 -11.59 -15.27
CA GLU A 6 -0.87 -10.74 -15.55
C GLU A 6 -1.06 -9.38 -14.91
N GLU A 7 -2.15 -8.72 -15.23
CA GLU A 7 -2.42 -7.40 -14.68
C GLU A 7 -2.11 -7.38 -13.18
N GLN A 8 -2.71 -8.32 -12.45
CA GLN A 8 -2.55 -8.38 -11.00
C GLN A 8 -1.11 -8.20 -10.55
N ILE A 9 -0.22 -9.07 -10.98
CA ILE A 9 1.17 -8.97 -10.54
C ILE A 9 1.73 -7.58 -10.86
N ALA A 10 1.52 -7.12 -12.07
CA ALA A 10 2.01 -5.80 -12.47
C ALA A 10 1.35 -4.72 -11.61
N GLU A 11 0.09 -4.96 -11.26
CA GLU A 11 -0.68 -4.01 -10.47
C GLU A 11 0.01 -3.76 -9.12
N PHE A 12 0.40 -4.84 -8.44
CA PHE A 12 1.05 -4.69 -7.15
C PHE A 12 2.39 -3.97 -7.30
N LYS A 13 3.13 -4.33 -8.35
CA LYS A 13 4.44 -3.71 -8.57
C LYS A 13 4.27 -2.19 -8.69
N GLU A 14 3.29 -1.77 -9.48
CA GLU A 14 3.04 -0.34 -9.65
C GLU A 14 2.74 0.31 -8.31
N ALA A 15 1.74 -0.23 -7.62
CA ALA A 15 1.36 0.31 -6.32
C ALA A 15 2.56 0.34 -5.37
N PHE A 16 3.33 -0.74 -5.39
CA PHE A 16 4.52 -0.84 -4.55
C PHE A 16 5.48 0.33 -4.85
N SER A 17 5.79 0.51 -6.12
CA SER A 17 6.70 1.56 -6.53
C SER A 17 6.21 2.93 -6.07
N LEU A 18 4.89 3.12 -6.04
CA LEU A 18 4.32 4.40 -5.63
C LEU A 18 4.60 4.66 -4.14
N PHE A 19 4.42 3.64 -3.32
CA PHE A 19 4.64 3.79 -1.88
C PHE A 19 6.11 4.02 -1.55
N ASP A 20 6.98 3.17 -2.10
CA ASP A 20 8.41 3.30 -1.83
C ASP A 20 8.93 4.63 -2.37
N LYS A 21 8.69 5.72 -1.63
CA LYS A 21 9.13 7.04 -2.06
C LYS A 21 10.65 7.09 -2.17
N ASP A 22 11.34 6.70 -1.10
CA ASP A 22 12.79 6.72 -1.11
C ASP A 22 13.31 5.74 -2.15
N GLY A 23 12.45 4.84 -2.58
CA GLY A 23 12.82 3.86 -3.60
C GLY A 23 13.97 2.97 -3.15
N ASP A 24 13.93 2.51 -1.89
CA ASP A 24 14.99 1.64 -1.38
C ASP A 24 14.63 0.17 -1.55
N GLY A 25 13.43 -0.09 -2.07
CA GLY A 25 12.96 -1.47 -2.28
C GLY A 25 12.03 -1.92 -1.16
N THR A 26 11.65 -0.98 -0.30
CA THR A 26 10.77 -1.28 0.82
C THR A 26 9.83 -0.11 1.08
N ILE A 27 8.76 -0.36 1.85
CA ILE A 27 7.80 0.68 2.20
C ILE A 27 7.85 0.93 3.69
N THR A 28 7.82 2.19 4.09
CA THR A 28 7.88 2.56 5.51
C THR A 28 6.63 3.31 5.93
N THR A 29 6.48 3.49 7.24
CA THR A 29 5.33 4.19 7.79
C THR A 29 5.29 5.63 7.30
N LYS A 30 6.44 6.28 7.32
CA LYS A 30 6.54 7.66 6.87
C LYS A 30 6.28 7.77 5.37
N GLU A 31 6.83 6.83 4.61
CA GLU A 31 6.64 6.82 3.17
C GLU A 31 5.15 6.75 2.84
N LEU A 32 4.50 5.72 3.35
CA LEU A 32 3.07 5.56 3.14
C LEU A 32 2.30 6.72 3.73
N GLY A 33 2.65 7.10 4.95
CA GLY A 33 1.97 8.20 5.61
C GLY A 33 1.94 9.41 4.70
N THR A 34 3.06 9.69 4.05
CA THR A 34 3.13 10.82 3.15
C THR A 34 2.11 10.66 2.03
N VAL A 35 2.07 9.47 1.43
CA VAL A 35 1.12 9.20 0.35
C VAL A 35 -0.32 9.38 0.83
N MET A 36 -0.56 8.99 2.08
CA MET A 36 -1.89 9.14 2.65
C MET A 36 -2.25 10.62 2.82
N ARG A 37 -1.29 11.43 3.25
CA ARG A 37 -1.54 12.86 3.45
C ARG A 37 -1.75 13.57 2.11
N SER A 38 -0.81 13.35 1.19
CA SER A 38 -0.89 13.99 -0.12
C SER A 38 -2.24 13.72 -0.77
N LEU A 39 -2.88 12.63 -0.36
CA LEU A 39 -4.19 12.27 -0.90
C LEU A 39 -5.31 13.02 -0.19
N GLY A 40 -5.02 13.53 1.01
CA GLY A 40 -6.01 14.28 1.78
C GLY A 40 -6.93 13.35 2.60
N GLN A 41 -6.47 12.12 2.86
CA GLN A 41 -7.26 11.17 3.65
C GLN A 41 -6.65 10.96 5.03
N ASN A 42 -7.52 10.75 6.02
CA ASN A 42 -7.09 10.54 7.40
C ASN A 42 -5.76 9.76 7.46
N PRO A 43 -4.64 10.42 7.66
CA PRO A 43 -3.31 9.74 7.72
C PRO A 43 -3.04 9.13 9.08
N THR A 44 -2.32 9.86 9.93
CA THR A 44 -2.00 9.37 11.27
C THR A 44 -1.03 8.20 11.19
N GLU A 45 0.19 8.43 11.65
CA GLU A 45 1.22 7.38 11.64
C GLU A 45 0.87 6.28 12.62
N ALA A 46 0.62 6.65 13.87
CA ALA A 46 0.29 5.66 14.91
C ALA A 46 -0.60 4.57 14.31
N GLU A 47 -1.61 5.00 13.58
CA GLU A 47 -2.51 4.06 12.93
C GLU A 47 -1.72 3.14 11.99
N LEU A 48 -0.99 3.75 11.06
CA LEU A 48 -0.19 2.99 10.10
C LEU A 48 0.84 2.14 10.84
N GLN A 49 1.61 2.78 11.71
CA GLN A 49 2.62 2.09 12.50
C GLN A 49 2.03 0.82 13.10
N ASP A 50 0.74 0.86 13.37
CA ASP A 50 0.06 -0.30 13.95
C ASP A 50 -0.29 -1.32 12.86
N MET A 51 -0.77 -0.85 11.72
CA MET A 51 -1.14 -1.75 10.63
C MET A 51 0.09 -2.43 10.04
N ILE A 52 1.15 -1.66 9.83
CA ILE A 52 2.39 -2.20 9.28
C ILE A 52 2.99 -3.18 10.28
N ASN A 53 3.00 -2.79 11.55
CA ASN A 53 3.58 -3.63 12.60
C ASN A 53 2.84 -4.97 12.68
N GLU A 54 1.52 -4.93 12.53
CA GLU A 54 0.72 -6.15 12.62
C GLU A 54 1.04 -7.11 11.46
N VAL A 55 1.22 -6.56 10.25
CA VAL A 55 1.51 -7.39 9.07
C VAL A 55 3.01 -7.42 8.75
N ASP A 56 3.85 -7.15 9.74
CA ASP A 56 5.30 -7.15 9.52
C ASP A 56 5.86 -8.56 9.74
N ALA A 57 6.31 -9.19 8.66
CA ALA A 57 6.85 -10.55 8.73
C ALA A 57 8.13 -10.64 9.57
N ASP A 58 9.10 -9.78 9.29
CA ASP A 58 10.37 -9.80 10.01
C ASP A 58 10.36 -8.86 11.21
N GLY A 59 9.28 -8.08 11.35
CA GLY A 59 9.18 -7.13 12.45
C GLY A 59 10.10 -5.94 12.19
N ASN A 60 10.48 -5.77 10.94
CA ASN A 60 11.37 -4.68 10.54
C ASN A 60 10.61 -3.36 10.50
N GLY A 61 9.30 -3.45 10.38
CA GLY A 61 8.46 -2.26 10.33
C GLY A 61 8.31 -1.76 8.89
N THR A 62 8.58 -2.64 7.92
CA THR A 62 8.47 -2.28 6.51
C THR A 62 7.70 -3.36 5.75
N ILE A 63 7.06 -2.95 4.64
CA ILE A 63 6.30 -3.88 3.81
C ILE A 63 7.04 -4.14 2.50
N ASP A 64 7.43 -5.40 2.28
CA ASP A 64 8.16 -5.76 1.07
C ASP A 64 7.19 -6.07 -0.09
N PHE A 65 7.77 -6.48 -1.22
CA PHE A 65 6.99 -6.77 -2.42
C PHE A 65 5.96 -7.89 -2.22
N PRO A 66 6.32 -8.95 -1.54
CA PRO A 66 5.41 -10.13 -1.33
C PRO A 66 4.22 -9.81 -0.41
N GLU A 67 4.53 -9.31 0.77
CA GLU A 67 3.49 -8.98 1.74
C GLU A 67 2.44 -8.10 1.09
N PHE A 68 2.89 -7.11 0.37
CA PHE A 68 1.97 -6.20 -0.31
C PHE A 68 1.15 -6.96 -1.35
N LEU A 69 1.83 -7.74 -2.16
CA LEU A 69 1.15 -8.53 -3.18
C LEU A 69 0.05 -9.38 -2.54
N THR A 70 0.30 -9.89 -1.34
CA THR A 70 -0.69 -10.74 -0.69
C THR A 70 -1.82 -9.92 -0.04
N MET A 71 -1.50 -9.21 1.03
CA MET A 71 -2.51 -8.43 1.75
C MET A 71 -3.31 -7.54 0.81
N MET A 72 -2.77 -7.25 -0.38
CA MET A 72 -3.49 -6.42 -1.34
C MET A 72 -4.40 -7.27 -2.24
N ALA A 73 -4.03 -8.53 -2.43
CA ALA A 73 -4.80 -9.45 -3.29
C ALA A 73 -6.22 -9.60 -2.80
N ARG A 74 -6.40 -9.61 -1.48
CA ARG A 74 -7.73 -9.78 -0.91
C ARG A 74 -8.68 -8.73 -1.48
N LYS A 75 -8.40 -7.46 -1.22
CA LYS A 75 -9.24 -6.37 -1.72
C LYS A 75 -10.72 -6.73 -1.64
N MET A 76 -11.10 -7.43 -0.57
CA MET A 76 -12.49 -7.82 -0.37
C MET A 76 -13.44 -6.67 -0.70
N LYS A 77 -13.80 -5.90 0.32
CA LYS A 77 -14.70 -4.76 0.15
C LYS A 77 -13.91 -3.50 -0.21
N GLY B 1 -15.72 -4.05 9.14
CA GLY B 1 -15.00 -2.91 8.52
C GLY B 1 -14.06 -2.27 9.55
N THR B 2 -12.95 -2.95 9.82
CA THR B 2 -11.98 -2.43 10.78
C THR B 2 -11.41 -1.10 10.30
N GLY B 3 -11.05 -1.06 9.01
CA GLY B 3 -10.48 0.15 8.41
C GLY B 3 -9.14 -0.15 7.76
N ALA B 4 -8.50 -1.22 8.21
CA ALA B 4 -7.19 -1.62 7.69
C ALA B 4 -7.24 -1.89 6.18
N ALA B 5 -8.14 -2.77 5.77
CA ALA B 5 -8.25 -3.12 4.36
C ALA B 5 -8.68 -1.91 3.54
N LEU B 6 -9.59 -1.13 4.09
CA LEU B 6 -10.08 0.06 3.40
C LEU B 6 -8.93 1.06 3.21
N SER B 7 -8.10 1.20 4.24
CA SER B 7 -6.98 2.11 4.17
C SER B 7 -6.07 1.75 3.01
N TRP B 8 -5.76 0.47 2.91
CA TRP B 8 -4.91 -0.02 1.84
C TRP B 8 -5.60 0.11 0.48
N GLN B 9 -6.86 -0.30 0.42
CA GLN B 9 -7.62 -0.23 -0.82
C GLN B 9 -7.82 1.22 -1.28
N ALA B 10 -8.22 2.09 -0.36
CA ALA B 10 -8.45 3.49 -0.69
C ALA B 10 -7.17 4.15 -1.19
N ALA B 11 -6.05 3.83 -0.57
CA ALA B 11 -4.77 4.42 -0.96
C ALA B 11 -4.40 3.99 -2.37
N ILE B 12 -4.58 2.70 -2.67
CA ILE B 12 -4.26 2.17 -4.00
C ILE B 12 -5.16 2.78 -5.05
N ASP B 13 -6.46 2.85 -4.74
CA ASP B 13 -7.43 3.40 -5.68
C ASP B 13 -7.13 4.87 -5.97
N ALA B 14 -6.94 5.65 -4.91
CA ALA B 14 -6.65 7.07 -5.06
C ALA B 14 -5.27 7.28 -5.68
N ALA B 15 -4.33 6.42 -5.29
CA ALA B 15 -2.96 6.50 -5.82
C ALA B 15 -2.98 6.37 -7.34
N ARG B 16 -3.69 5.37 -7.82
CA ARG B 16 -3.80 5.13 -9.25
C ARG B 16 -4.53 6.28 -9.93
N GLN B 17 -5.58 6.78 -9.28
CA GLN B 17 -6.35 7.89 -9.84
C GLN B 17 -5.42 9.04 -10.20
N ALA B 18 -4.50 9.34 -9.28
CA ALA B 18 -3.54 10.41 -9.51
C ALA B 18 -2.61 10.04 -10.65
N LYS B 19 -2.23 8.77 -10.71
CA LYS B 19 -1.33 8.29 -11.76
C LYS B 19 -1.98 8.46 -13.13
N LEU B 20 -3.23 8.04 -13.23
CA LEU B 20 -3.95 8.14 -14.51
C LEU B 20 -4.11 9.60 -14.93
N MET B 21 -4.53 10.44 -13.99
CA MET B 21 -4.74 11.86 -14.27
C MET B 21 -3.40 12.56 -14.54
N GLY B 22 -2.37 12.16 -13.80
CA GLY B 22 -1.04 12.75 -13.96
C GLY B 22 -0.76 13.80 -12.89
N SER B 23 -1.67 13.93 -11.92
CA SER B 23 -1.49 14.90 -10.84
C SER B 23 -1.43 16.32 -11.40
N ALA B 24 -2.58 16.96 -11.51
CA ALA B 24 -2.66 18.32 -12.04
C ALA B 24 -1.80 19.27 -11.20
CA CA C . 11.67 2.21 2.25
CA CA D . 8.14 -7.13 5.48
N ALA A 1 -12.46 -13.99 -6.96
CA ALA A 1 -13.15 -14.93 -7.89
C ALA A 1 -12.31 -15.06 -9.15
N ASP A 2 -11.91 -13.92 -9.68
CA ASP A 2 -11.10 -13.87 -10.89
C ASP A 2 -9.71 -14.45 -10.66
N GLN A 3 -9.28 -15.32 -11.57
CA GLN A 3 -7.96 -15.95 -11.46
C GLN A 3 -6.85 -14.93 -11.72
N LEU A 4 -5.64 -15.26 -11.27
CA LEU A 4 -4.51 -14.35 -11.45
C LEU A 4 -4.20 -14.13 -12.93
N THR A 5 -3.23 -13.25 -13.21
CA THR A 5 -2.85 -12.95 -14.59
C THR A 5 -1.72 -11.92 -14.62
N GLU A 6 -1.26 -11.57 -15.82
CA GLU A 6 -0.18 -10.60 -15.97
C GLU A 6 -0.58 -9.28 -15.29
N GLU A 7 -1.77 -8.80 -15.59
CA GLU A 7 -2.24 -7.56 -15.00
C GLU A 7 -1.97 -7.55 -13.49
N GLN A 8 -2.56 -8.50 -12.79
CA GLN A 8 -2.44 -8.58 -11.33
C GLN A 8 -1.00 -8.36 -10.85
N ILE A 9 -0.06 -9.17 -11.32
CA ILE A 9 1.31 -9.02 -10.87
C ILE A 9 1.83 -7.61 -11.20
N ALA A 10 1.66 -7.18 -12.43
CA ALA A 10 2.11 -5.86 -12.82
C ALA A 10 1.42 -4.81 -11.96
N GLU A 11 0.19 -5.09 -11.58
CA GLU A 11 -0.60 -4.19 -10.75
C GLU A 11 0.03 -4.02 -9.36
N PHE A 12 0.49 -5.13 -8.79
CA PHE A 12 1.10 -5.08 -7.47
C PHE A 12 2.42 -4.30 -7.51
N LYS A 13 3.19 -4.51 -8.56
CA LYS A 13 4.46 -3.83 -8.71
C LYS A 13 4.26 -2.32 -8.82
N GLU A 14 3.27 -1.92 -9.63
CA GLU A 14 2.97 -0.51 -9.80
C GLU A 14 2.62 0.13 -8.46
N ALA A 15 1.61 -0.43 -7.79
CA ALA A 15 1.18 0.09 -6.50
C ALA A 15 2.39 0.17 -5.55
N PHE A 16 3.18 -0.88 -5.52
CA PHE A 16 4.35 -0.90 -4.67
C PHE A 16 5.26 0.29 -4.96
N SER A 17 5.60 0.46 -6.23
CA SER A 17 6.49 1.55 -6.63
C SER A 17 5.97 2.90 -6.13
N LEU A 18 4.65 3.06 -6.10
CA LEU A 18 4.07 4.32 -5.65
C LEU A 18 4.34 4.55 -4.16
N PHE A 19 4.19 3.49 -3.36
CA PHE A 19 4.41 3.61 -1.92
C PHE A 19 5.89 3.73 -1.59
N ASP A 20 6.73 2.89 -2.18
CA ASP A 20 8.16 2.94 -1.90
C ASP A 20 8.76 4.26 -2.38
N LYS A 21 8.44 5.35 -1.69
CA LYS A 21 8.94 6.67 -2.08
C LYS A 21 10.47 6.66 -2.08
N ASP A 22 11.06 6.20 -0.98
CA ASP A 22 12.51 6.16 -0.88
C ASP A 22 13.08 5.23 -1.95
N GLY A 23 12.23 4.37 -2.49
CA GLY A 23 12.65 3.44 -3.53
C GLY A 23 13.80 2.55 -3.08
N ASP A 24 13.73 2.07 -1.85
CA ASP A 24 14.79 1.18 -1.33
C ASP A 24 14.44 -0.29 -1.55
N GLY A 25 13.24 -0.54 -2.07
CA GLY A 25 12.79 -1.91 -2.33
C GLY A 25 11.76 -2.37 -1.30
N THR A 26 11.39 -1.46 -0.40
CA THR A 26 10.41 -1.76 0.64
C THR A 26 9.53 -0.55 0.90
N ILE A 27 8.42 -0.76 1.60
CA ILE A 27 7.51 0.33 1.94
C ILE A 27 7.59 0.59 3.44
N THR A 28 7.77 1.86 3.81
CA THR A 28 7.87 2.24 5.22
C THR A 28 6.63 2.99 5.70
N THR A 29 6.46 3.06 7.02
CA THR A 29 5.31 3.74 7.60
C THR A 29 5.28 5.19 7.17
N LYS A 30 6.45 5.83 7.19
CA LYS A 30 6.56 7.22 6.81
C LYS A 30 6.26 7.40 5.32
N GLU A 31 6.76 6.47 4.51
CA GLU A 31 6.53 6.53 3.07
C GLU A 31 5.03 6.50 2.79
N LEU A 32 4.35 5.49 3.31
CA LEU A 32 2.91 5.37 3.14
C LEU A 32 2.20 6.59 3.72
N GLY A 33 2.57 6.97 4.93
CA GLY A 33 1.95 8.12 5.58
C GLY A 33 1.95 9.32 4.64
N THR A 34 3.07 9.52 3.96
CA THR A 34 3.17 10.63 3.04
C THR A 34 2.12 10.49 1.95
N VAL A 35 2.02 9.29 1.37
CA VAL A 35 1.03 9.05 0.32
C VAL A 35 -0.38 9.23 0.85
N MET A 36 -0.62 8.75 2.07
CA MET A 36 -1.94 8.89 2.68
C MET A 36 -2.27 10.35 2.96
N ARG A 37 -1.30 11.10 3.45
CA ARG A 37 -1.53 12.51 3.75
C ARG A 37 -1.60 13.34 2.48
N SER A 38 -0.60 13.17 1.61
CA SER A 38 -0.54 13.93 0.36
C SER A 38 -1.85 13.79 -0.39
N LEU A 39 -2.60 12.74 -0.10
CA LEU A 39 -3.89 12.51 -0.76
C LEU A 39 -5.03 13.17 0.02
N GLY A 40 -4.77 13.52 1.28
CA GLY A 40 -5.77 14.17 2.12
C GLY A 40 -6.48 13.18 3.06
N GLN A 41 -5.86 12.02 3.29
CA GLN A 41 -6.44 11.02 4.18
C GLN A 41 -6.30 11.42 5.64
N ASN A 42 -7.24 10.99 6.46
CA ASN A 42 -7.24 11.32 7.89
C ASN A 42 -5.82 11.32 8.47
N PRO A 43 -5.53 12.18 9.42
CA PRO A 43 -4.18 12.26 10.06
C PRO A 43 -3.91 11.06 10.95
N THR A 44 -2.94 11.19 11.85
CA THR A 44 -2.57 10.11 12.77
C THR A 44 -1.70 9.07 12.09
N GLU A 45 -0.40 9.10 12.42
CA GLU A 45 0.55 8.15 11.86
C GLU A 45 0.55 6.86 12.68
N ALA A 46 0.69 7.00 14.00
CA ALA A 46 0.73 5.84 14.89
C ALA A 46 -0.26 4.78 14.40
N GLU A 47 -1.33 5.27 13.77
CA GLU A 47 -2.34 4.38 13.20
C GLU A 47 -1.69 3.49 12.12
N LEU A 48 -1.05 4.13 11.14
CA LEU A 48 -0.40 3.39 10.07
C LEU A 48 0.68 2.47 10.67
N GLN A 49 1.55 3.04 11.49
CA GLN A 49 2.61 2.26 12.13
C GLN A 49 2.03 1.03 12.81
N ASP A 50 0.76 1.10 13.19
CA ASP A 50 0.10 -0.01 13.85
C ASP A 50 -0.36 -1.06 12.83
N MET A 51 -0.94 -0.60 11.72
CA MET A 51 -1.41 -1.51 10.68
C MET A 51 -0.26 -2.32 10.10
N ILE A 52 0.85 -1.64 9.81
CA ILE A 52 2.02 -2.31 9.27
C ILE A 52 2.61 -3.26 10.31
N ASN A 53 2.68 -2.79 11.54
CA ASN A 53 3.23 -3.59 12.64
C ASN A 53 2.65 -4.99 12.64
N GLU A 54 1.37 -5.11 12.28
CA GLU A 54 0.71 -6.41 12.24
C GLU A 54 1.19 -7.25 11.04
N VAL A 55 1.31 -6.61 9.87
CA VAL A 55 1.73 -7.33 8.67
C VAL A 55 3.23 -7.17 8.41
N ASP A 56 3.99 -6.80 9.43
CA ASP A 56 5.44 -6.63 9.29
C ASP A 56 6.15 -8.00 9.33
N ALA A 57 6.73 -8.39 8.20
CA ALA A 57 7.39 -9.68 8.09
C ALA A 57 8.56 -9.82 9.09
N ASP A 58 9.60 -9.00 8.91
CA ASP A 58 10.77 -9.07 9.79
C ASP A 58 10.60 -8.17 11.02
N GLY A 59 9.48 -7.47 11.10
CA GLY A 59 9.24 -6.57 12.23
C GLY A 59 10.15 -5.36 12.14
N ASN A 60 10.59 -5.06 10.92
CA ASN A 60 11.49 -3.95 10.67
C ASN A 60 10.70 -2.65 10.55
N GLY A 61 9.37 -2.78 10.46
CA GLY A 61 8.50 -1.61 10.34
C GLY A 61 8.19 -1.31 8.88
N THR A 62 8.56 -2.23 7.99
CA THR A 62 8.32 -2.07 6.56
C THR A 62 7.67 -3.31 5.97
N ILE A 63 7.08 -3.14 4.79
CA ILE A 63 6.41 -4.24 4.09
C ILE A 63 7.22 -4.67 2.88
N ASP A 64 7.40 -5.97 2.76
CA ASP A 64 8.20 -6.54 1.67
C ASP A 64 7.39 -6.66 0.38
N PHE A 65 8.08 -6.92 -0.73
CA PHE A 65 7.45 -7.05 -2.04
C PHE A 65 6.24 -8.03 -2.01
N PRO A 66 6.48 -9.29 -1.75
CA PRO A 66 5.40 -10.32 -1.74
C PRO A 66 4.28 -10.01 -0.74
N GLU A 67 4.67 -9.60 0.45
CA GLU A 67 3.70 -9.29 1.49
C GLU A 67 2.60 -8.41 0.95
N PHE A 68 2.98 -7.30 0.33
CA PHE A 68 2.02 -6.37 -0.23
C PHE A 68 1.17 -7.06 -1.29
N LEU A 69 1.85 -7.78 -2.17
CA LEU A 69 1.16 -8.51 -3.23
C LEU A 69 0.10 -9.45 -2.65
N THR A 70 0.31 -9.90 -1.42
CA THR A 70 -0.63 -10.81 -0.79
C THR A 70 -1.75 -10.08 -0.05
N MET A 71 -1.40 -9.43 1.06
CA MET A 71 -2.40 -8.72 1.88
C MET A 71 -3.30 -7.84 1.02
N MET A 72 -2.87 -7.54 -0.20
CA MET A 72 -3.70 -6.72 -1.09
C MET A 72 -4.74 -7.57 -1.83
N ALA A 73 -4.43 -8.85 -2.03
CA ALA A 73 -5.32 -9.76 -2.73
C ALA A 73 -6.50 -10.18 -1.85
N ARG A 74 -6.18 -10.94 -0.79
CA ARG A 74 -7.21 -11.41 0.12
C ARG A 74 -7.98 -10.22 0.71
N LYS A 75 -7.39 -9.04 0.59
CA LYS A 75 -8.02 -7.82 1.09
C LYS A 75 -8.38 -7.95 2.57
N MET A 76 -9.58 -8.43 2.84
CA MET A 76 -10.05 -8.60 4.21
C MET A 76 -9.47 -9.87 4.82
N LYS A 77 -10.23 -10.47 5.73
CA LYS A 77 -9.81 -11.70 6.39
C LYS A 77 -9.79 -12.85 5.39
N GLY B 1 -14.71 -4.52 10.49
CA GLY B 1 -13.61 -5.36 11.05
C GLY B 1 -12.28 -4.60 10.92
N THR B 2 -11.29 -5.26 10.31
CA THR B 2 -9.99 -4.63 10.13
C THR B 2 -10.10 -3.39 9.24
N GLY B 3 -9.52 -2.28 9.70
CA GLY B 3 -9.56 -1.04 8.95
C GLY B 3 -8.41 -0.97 7.94
N ALA B 4 -7.45 -1.85 8.12
CA ALA B 4 -6.26 -1.90 7.26
C ALA B 4 -6.64 -2.16 5.79
N ALA B 5 -7.48 -3.16 5.55
CA ALA B 5 -7.89 -3.50 4.19
C ALA B 5 -8.54 -2.31 3.50
N LEU B 6 -9.46 -1.66 4.21
CA LEU B 6 -10.16 -0.51 3.66
C LEU B 6 -9.17 0.62 3.37
N SER B 7 -8.23 0.82 4.29
CA SER B 7 -7.22 1.86 4.13
C SER B 7 -6.46 1.66 2.84
N TRP B 8 -6.09 0.42 2.57
CA TRP B 8 -5.35 0.09 1.37
C TRP B 8 -6.21 0.36 0.12
N GLN B 9 -7.50 0.04 0.22
CA GLN B 9 -8.41 0.23 -0.90
C GLN B 9 -8.52 1.71 -1.28
N ALA B 10 -8.69 2.58 -0.28
CA ALA B 10 -8.80 4.02 -0.54
C ALA B 10 -7.50 4.59 -1.09
N ALA B 11 -6.37 4.12 -0.55
CA ALA B 11 -5.06 4.60 -0.99
C ALA B 11 -4.83 4.25 -2.47
N ILE B 12 -5.17 3.01 -2.84
CA ILE B 12 -4.99 2.57 -4.22
C ILE B 12 -5.91 3.35 -5.16
N ASP B 13 -7.16 3.53 -4.74
CA ASP B 13 -8.12 4.25 -5.56
C ASP B 13 -7.71 5.71 -5.74
N ALA B 14 -7.37 6.37 -4.63
CA ALA B 14 -6.96 7.76 -4.67
C ALA B 14 -5.63 7.89 -5.41
N ALA B 15 -4.73 6.94 -5.19
CA ALA B 15 -3.42 6.97 -5.84
C ALA B 15 -3.59 6.82 -7.35
N ARG B 16 -4.50 5.95 -7.76
CA ARG B 16 -4.78 5.72 -9.17
C ARG B 16 -5.35 6.98 -9.81
N GLN B 17 -6.25 7.65 -9.09
CA GLN B 17 -6.86 8.87 -9.62
C GLN B 17 -5.80 9.95 -9.76
N ALA B 18 -4.92 10.04 -8.77
CA ALA B 18 -3.86 11.04 -8.79
C ALA B 18 -2.87 10.74 -9.92
N LYS B 19 -2.48 9.49 -10.04
CA LYS B 19 -1.55 9.08 -11.09
C LYS B 19 -2.18 9.28 -12.46
N LEU B 20 -3.43 8.83 -12.62
CA LEU B 20 -4.12 8.98 -13.89
C LEU B 20 -4.31 10.43 -14.25
N MET B 21 -4.79 11.23 -13.30
CA MET B 21 -5.02 12.65 -13.54
C MET B 21 -3.71 13.40 -13.76
N GLY B 22 -2.68 13.01 -13.01
CA GLY B 22 -1.36 13.65 -13.13
C GLY B 22 -1.19 14.80 -12.14
N SER B 23 -2.28 15.17 -11.47
CA SER B 23 -2.23 16.26 -10.49
C SER B 23 -1.63 15.78 -9.17
N ALA B 24 -1.21 16.73 -8.34
CA ALA B 24 -0.62 16.41 -7.05
C ALA B 24 -1.57 15.59 -6.20
CA CA C . 11.40 1.57 2.33
CA CA D . 10.21 -6.05 6.42
N ALA A 1 -10.16 -15.68 -10.82
CA ALA A 1 -10.10 -17.15 -11.01
C ALA A 1 -9.44 -17.78 -9.79
N ASP A 2 -8.98 -19.01 -9.97
CA ASP A 2 -8.33 -19.74 -8.88
C ASP A 2 -6.87 -19.32 -8.73
N GLN A 3 -6.41 -18.43 -9.60
CA GLN A 3 -5.02 -17.96 -9.56
C GLN A 3 -4.97 -16.44 -9.74
N LEU A 4 -3.77 -15.88 -9.63
CA LEU A 4 -3.58 -14.43 -9.78
C LEU A 4 -4.06 -13.95 -11.15
N THR A 5 -3.63 -12.76 -11.55
CA THR A 5 -4.01 -12.19 -12.84
C THR A 5 -3.06 -11.05 -13.21
N GLU A 6 -3.01 -10.72 -14.50
CA GLU A 6 -2.13 -9.64 -14.97
C GLU A 6 -2.33 -8.38 -14.14
N GLU A 7 -3.55 -7.89 -14.11
CA GLU A 7 -3.85 -6.68 -13.35
C GLU A 7 -3.19 -6.77 -11.97
N GLN A 8 -3.53 -7.81 -11.22
CA GLN A 8 -3.01 -7.99 -9.87
C GLN A 8 -1.50 -7.79 -9.78
N ILE A 9 -0.74 -8.62 -10.49
CA ILE A 9 0.72 -8.50 -10.41
C ILE A 9 1.15 -7.07 -10.76
N ALA A 10 0.67 -6.56 -11.88
CA ALA A 10 1.04 -5.21 -12.30
C ALA A 10 0.62 -4.20 -11.24
N GLU A 11 -0.55 -4.42 -10.66
CA GLU A 11 -1.08 -3.52 -9.64
C GLU A 11 -0.14 -3.43 -8.44
N PHE A 12 0.30 -4.58 -7.92
CA PHE A 12 1.20 -4.59 -6.79
C PHE A 12 2.52 -3.89 -7.14
N LYS A 13 3.03 -4.18 -8.32
CA LYS A 13 4.28 -3.59 -8.77
C LYS A 13 4.17 -2.08 -8.85
N GLU A 14 3.08 -1.60 -9.45
CA GLU A 14 2.86 -0.16 -9.59
C GLU A 14 2.72 0.49 -8.21
N ALA A 15 1.77 0.01 -7.42
CA ALA A 15 1.54 0.56 -6.09
C ALA A 15 2.83 0.49 -5.28
N PHE A 16 3.59 -0.56 -5.48
CA PHE A 16 4.84 -0.73 -4.76
C PHE A 16 5.78 0.45 -5.03
N SER A 17 6.02 0.73 -6.30
CA SER A 17 6.91 1.81 -6.68
C SER A 17 6.33 3.17 -6.31
N LEU A 18 5.02 3.24 -6.12
CA LEU A 18 4.39 4.50 -5.76
C LEU A 18 4.65 4.89 -4.31
N PHE A 19 4.49 3.93 -3.40
CA PHE A 19 4.68 4.21 -1.98
C PHE A 19 6.15 4.36 -1.63
N ASP A 20 6.97 3.37 -1.97
CA ASP A 20 8.38 3.43 -1.66
C ASP A 20 8.98 4.74 -2.18
N LYS A 21 8.90 5.79 -1.36
CA LYS A 21 9.43 7.09 -1.77
C LYS A 21 10.94 6.99 -2.02
N ASP A 22 11.68 6.49 -1.04
CA ASP A 22 13.13 6.39 -1.17
C ASP A 22 13.46 5.43 -2.31
N GLY A 23 12.47 4.63 -2.70
CA GLY A 23 12.65 3.68 -3.79
C GLY A 23 13.80 2.72 -3.52
N ASP A 24 13.88 2.19 -2.29
CA ASP A 24 14.95 1.26 -1.94
C ASP A 24 14.49 -0.20 -2.06
N GLY A 25 13.20 -0.38 -2.35
CA GLY A 25 12.63 -1.73 -2.49
C GLY A 25 11.84 -2.12 -1.25
N THR A 26 11.52 -1.14 -0.42
CA THR A 26 10.75 -1.38 0.80
C THR A 26 9.78 -0.23 1.07
N ILE A 27 8.64 -0.54 1.69
CA ILE A 27 7.66 0.49 2.01
C ILE A 27 7.67 0.72 3.52
N THR A 28 7.42 1.96 3.94
CA THR A 28 7.43 2.30 5.36
C THR A 28 6.24 3.18 5.73
N THR A 29 6.00 3.33 7.03
CA THR A 29 4.89 4.14 7.52
C THR A 29 5.05 5.58 7.06
N LYS A 30 6.29 6.04 7.02
CA LYS A 30 6.60 7.40 6.58
C LYS A 30 6.41 7.53 5.06
N GLU A 31 6.87 6.52 4.33
CA GLU A 31 6.74 6.53 2.88
C GLU A 31 5.27 6.57 2.48
N LEU A 32 4.53 5.55 2.89
CA LEU A 32 3.10 5.49 2.60
C LEU A 32 2.38 6.63 3.29
N GLY A 33 2.68 6.83 4.56
CA GLY A 33 2.04 7.88 5.33
C GLY A 33 2.12 9.18 4.58
N THR A 34 3.27 9.43 3.97
CA THR A 34 3.46 10.66 3.21
C THR A 34 2.44 10.72 2.08
N VAL A 35 2.33 9.64 1.32
CA VAL A 35 1.37 9.59 0.21
C VAL A 35 -0.05 9.77 0.72
N MET A 36 -0.36 9.13 1.84
CA MET A 36 -1.70 9.24 2.42
C MET A 36 -1.96 10.67 2.92
N ARG A 37 -0.98 11.24 3.59
CA ARG A 37 -1.14 12.60 4.13
C ARG A 37 -1.29 13.60 2.98
N SER A 38 -0.37 13.55 2.03
CA SER A 38 -0.41 14.46 0.89
C SER A 38 -1.80 14.49 0.28
N LEU A 39 -2.49 13.35 0.37
CA LEU A 39 -3.83 13.24 -0.19
C LEU A 39 -4.86 13.86 0.76
N GLY A 40 -4.49 14.00 2.03
CA GLY A 40 -5.38 14.60 3.03
C GLY A 40 -6.62 13.76 3.26
N GLN A 41 -6.51 12.44 3.04
CA GLN A 41 -7.66 11.54 3.22
C GLN A 41 -7.53 10.77 4.52
N ASN A 42 -6.31 10.34 4.84
CA ASN A 42 -6.06 9.57 6.06
C ASN A 42 -4.79 10.08 6.76
N PRO A 43 -4.87 11.16 7.50
CA PRO A 43 -3.71 11.74 8.21
C PRO A 43 -3.26 10.89 9.40
N THR A 44 -4.17 10.06 9.89
CA THR A 44 -3.88 9.20 11.03
C THR A 44 -2.73 8.23 10.71
N GLU A 45 -1.53 8.78 10.60
CA GLU A 45 -0.34 7.97 10.32
C GLU A 45 -0.18 6.88 11.37
N ALA A 46 -0.97 6.98 12.43
CA ALA A 46 -0.93 5.99 13.50
C ALA A 46 -1.61 4.69 13.05
N GLU A 47 -2.73 4.84 12.36
CA GLU A 47 -3.50 3.70 11.88
C GLU A 47 -2.59 2.80 11.05
N LEU A 48 -1.84 3.42 10.15
CA LEU A 48 -0.92 2.67 9.29
C LEU A 48 0.15 1.99 10.15
N GLN A 49 0.80 2.77 10.99
CA GLN A 49 1.86 2.23 11.84
C GLN A 49 1.42 0.91 12.46
N ASP A 50 0.18 0.86 12.90
CA ASP A 50 -0.36 -0.35 13.50
C ASP A 50 -0.57 -1.45 12.44
N MET A 51 -1.03 -1.06 11.25
CA MET A 51 -1.28 -2.02 10.19
C MET A 51 0.02 -2.65 9.71
N ILE A 52 1.04 -1.83 9.49
CA ILE A 52 2.33 -2.33 9.04
C ILE A 52 2.94 -3.21 10.13
N ASN A 53 2.84 -2.76 11.37
CA ASN A 53 3.39 -3.50 12.50
C ASN A 53 2.70 -4.86 12.63
N GLU A 54 1.39 -4.89 12.41
CA GLU A 54 0.63 -6.13 12.54
C GLU A 54 1.05 -7.15 11.46
N VAL A 55 1.19 -6.68 10.22
CA VAL A 55 1.56 -7.57 9.12
C VAL A 55 3.08 -7.65 8.94
N ASP A 56 3.84 -7.29 9.97
CA ASP A 56 5.30 -7.33 9.90
C ASP A 56 5.80 -8.73 10.22
N ALA A 57 6.28 -9.43 9.20
CA ALA A 57 6.77 -10.80 9.37
C ALA A 57 8.22 -10.83 9.87
N ASP A 58 9.06 -9.94 9.36
CA ASP A 58 10.46 -9.90 9.77
C ASP A 58 10.66 -9.03 11.02
N GLY A 59 9.70 -8.13 11.27
CA GLY A 59 9.80 -7.24 12.41
C GLY A 59 10.71 -6.06 12.09
N ASN A 60 10.84 -5.78 10.80
CA ASN A 60 11.68 -4.68 10.32
C ASN A 60 10.92 -3.36 10.38
N GLY A 61 9.60 -3.45 10.47
CA GLY A 61 8.75 -2.27 10.52
C GLY A 61 8.42 -1.77 9.12
N THR A 62 8.76 -2.58 8.11
CA THR A 62 8.49 -2.22 6.71
C THR A 62 7.86 -3.39 5.96
N ILE A 63 7.25 -3.08 4.81
CA ILE A 63 6.62 -4.12 3.98
C ILE A 63 7.49 -4.40 2.76
N ASP A 64 8.08 -5.59 2.73
CA ASP A 64 8.95 -5.99 1.63
C ASP A 64 8.15 -6.28 0.37
N PHE A 65 8.82 -6.87 -0.62
CA PHE A 65 8.21 -7.21 -1.90
C PHE A 65 7.11 -8.29 -1.74
N PRO A 66 7.48 -9.47 -1.30
CA PRO A 66 6.52 -10.59 -1.14
C PRO A 66 5.39 -10.24 -0.20
N GLU A 67 5.69 -9.73 0.97
CA GLU A 67 4.63 -9.43 1.94
C GLU A 67 3.39 -8.85 1.28
N PHE A 68 3.56 -7.79 0.51
CA PHE A 68 2.44 -7.16 -0.18
C PHE A 68 1.82 -8.12 -1.20
N LEU A 69 2.62 -8.46 -2.21
CA LEU A 69 2.15 -9.36 -3.26
C LEU A 69 1.69 -10.69 -2.66
N THR A 70 2.41 -11.13 -1.66
CA THR A 70 2.12 -12.39 -0.98
C THR A 70 0.64 -12.48 -0.66
N MET A 71 0.17 -11.67 0.29
CA MET A 71 -1.24 -11.77 0.66
C MET A 71 -2.12 -11.74 -0.60
N MET A 72 -2.20 -10.59 -1.26
CA MET A 72 -3.05 -10.44 -2.43
C MET A 72 -2.87 -11.64 -3.35
N ALA A 73 -1.72 -12.30 -3.19
CA ALA A 73 -1.37 -13.47 -3.99
C ALA A 73 -1.11 -14.68 -3.09
N ARG A 74 -2.17 -15.24 -2.52
CA ARG A 74 -2.05 -16.42 -1.66
C ARG A 74 -2.57 -17.68 -2.37
N LYS A 75 -2.91 -17.53 -3.65
CA LYS A 75 -3.41 -18.64 -4.44
C LYS A 75 -2.36 -19.75 -4.56
N MET A 76 -1.11 -19.34 -4.80
CA MET A 76 -0.02 -20.30 -4.93
C MET A 76 0.25 -20.98 -3.58
N LYS A 77 0.32 -20.16 -2.54
CA LYS A 77 0.58 -20.65 -1.17
C LYS A 77 -0.23 -19.84 -0.17
N GLY B 1 -13.97 -6.42 11.43
CA GLY B 1 -12.76 -7.13 11.92
C GLY B 1 -11.50 -6.44 11.40
N THR B 2 -11.05 -6.83 10.22
CA THR B 2 -9.85 -6.22 9.63
C THR B 2 -10.22 -4.94 8.89
N GLY B 3 -9.21 -4.13 8.57
CA GLY B 3 -9.42 -2.87 7.86
C GLY B 3 -8.22 -2.55 6.97
N ALA B 4 -7.23 -3.42 7.02
CA ALA B 4 -6.00 -3.25 6.25
C ALA B 4 -6.28 -3.17 4.75
N ALA B 5 -7.08 -4.11 4.23
CA ALA B 5 -7.38 -4.15 2.80
C ALA B 5 -8.07 -2.85 2.36
N LEU B 6 -8.98 -2.36 3.19
CA LEU B 6 -9.71 -1.13 2.87
C LEU B 6 -8.72 0.05 2.77
N SER B 7 -7.79 0.10 3.72
CA SER B 7 -6.81 1.18 3.74
C SER B 7 -5.96 1.13 2.47
N TRP B 8 -5.51 -0.06 2.11
CA TRP B 8 -4.71 -0.23 0.93
C TRP B 8 -5.49 0.13 -0.33
N GLN B 9 -6.73 -0.34 -0.42
CA GLN B 9 -7.57 -0.06 -1.58
C GLN B 9 -7.77 1.45 -1.77
N ALA B 10 -8.03 2.15 -0.67
CA ALA B 10 -8.26 3.59 -0.74
C ALA B 10 -7.00 4.34 -1.20
N ALA B 11 -5.85 3.92 -0.69
CA ALA B 11 -4.59 4.56 -1.06
C ALA B 11 -4.27 4.31 -2.54
N ILE B 12 -4.50 3.08 -2.98
CA ILE B 12 -4.24 2.72 -4.37
C ILE B 12 -5.14 3.51 -5.32
N ASP B 13 -6.42 3.61 -4.96
CA ASP B 13 -7.39 4.33 -5.78
C ASP B 13 -7.00 5.79 -5.92
N ALA B 14 -6.61 6.41 -4.80
CA ALA B 14 -6.22 7.81 -4.82
C ALA B 14 -4.91 7.99 -5.60
N ALA B 15 -3.97 7.06 -5.40
CA ALA B 15 -2.69 7.13 -6.10
C ALA B 15 -2.91 6.96 -7.60
N ARG B 16 -3.82 6.06 -7.95
CA ARG B 16 -4.13 5.80 -9.35
C ARG B 16 -4.67 7.05 -10.02
N GLN B 17 -5.57 7.75 -9.35
CA GLN B 17 -6.16 8.96 -9.90
C GLN B 17 -5.07 10.01 -10.10
N ALA B 18 -4.16 10.11 -9.13
CA ALA B 18 -3.07 11.07 -9.20
C ALA B 18 -2.19 10.78 -10.42
N LYS B 19 -1.90 9.50 -10.63
CA LYS B 19 -1.06 9.09 -11.76
C LYS B 19 -1.77 9.42 -13.07
N LEU B 20 -3.06 9.09 -13.15
CA LEU B 20 -3.84 9.34 -14.35
C LEU B 20 -3.93 10.83 -14.65
N MET B 21 -4.11 11.63 -13.60
CA MET B 21 -4.21 13.08 -13.77
C MET B 21 -2.89 13.67 -14.27
N GLY B 22 -1.78 13.13 -13.79
CA GLY B 22 -0.46 13.61 -14.20
C GLY B 22 0.03 14.75 -13.32
N SER B 23 -0.63 14.96 -12.18
CA SER B 23 -0.24 16.03 -11.28
C SER B 23 1.13 15.74 -10.64
N ALA B 24 1.93 16.77 -10.45
CA ALA B 24 3.25 16.61 -9.86
C ALA B 24 3.71 17.92 -9.22
CA CA C . 12.47 2.57 2.22
CA CA D . 9.47 -6.99 5.91
N ALA A 1 -8.05 -24.64 -11.70
CA ALA A 1 -8.44 -23.20 -11.72
C ALA A 1 -7.27 -22.39 -11.19
N ASP A 2 -6.56 -21.76 -12.11
CA ASP A 2 -5.40 -20.97 -11.75
C ASP A 2 -5.79 -19.54 -11.38
N GLN A 3 -5.86 -19.28 -10.08
CA GLN A 3 -6.22 -17.95 -9.59
C GLN A 3 -5.14 -16.93 -9.95
N LEU A 4 -5.40 -15.66 -9.69
CA LEU A 4 -4.45 -14.60 -9.99
C LEU A 4 -4.31 -14.39 -11.51
N THR A 5 -3.43 -13.48 -11.91
CA THR A 5 -3.21 -13.20 -13.33
C THR A 5 -2.05 -12.22 -13.51
N GLU A 6 -1.64 -12.02 -14.76
CA GLU A 6 -0.54 -11.11 -15.06
C GLU A 6 -0.83 -9.72 -14.48
N GLU A 7 -1.99 -9.19 -14.79
CA GLU A 7 -2.39 -7.88 -14.29
C GLU A 7 -2.07 -7.76 -12.80
N GLN A 8 -2.64 -8.64 -12.00
CA GLN A 8 -2.46 -8.60 -10.55
C GLN A 8 -1.01 -8.31 -10.13
N ILE A 9 -0.07 -9.15 -10.55
CA ILE A 9 1.32 -8.94 -10.16
C ILE A 9 1.81 -7.58 -10.60
N ALA A 10 1.58 -7.23 -11.86
CA ALA A 10 2.00 -5.94 -12.38
C ALA A 10 1.32 -4.82 -11.58
N GLU A 11 0.05 -5.03 -11.26
CA GLU A 11 -0.73 -4.05 -10.50
C GLU A 11 -0.07 -3.74 -9.16
N PHE A 12 0.35 -4.77 -8.44
CA PHE A 12 1.00 -4.56 -7.15
C PHE A 12 2.30 -3.79 -7.33
N LYS A 13 3.06 -4.16 -8.37
CA LYS A 13 4.33 -3.49 -8.63
C LYS A 13 4.12 -2.00 -8.80
N GLU A 14 3.08 -1.64 -9.55
CA GLU A 14 2.78 -0.23 -9.80
C GLU A 14 2.51 0.47 -8.47
N ALA A 15 1.57 -0.07 -7.71
CA ALA A 15 1.22 0.53 -6.42
C ALA A 15 2.44 0.55 -5.50
N PHE A 16 3.22 -0.53 -5.53
CA PHE A 16 4.42 -0.62 -4.71
C PHE A 16 5.37 0.53 -5.06
N SER A 17 5.65 0.69 -6.35
CA SER A 17 6.58 1.73 -6.81
C SER A 17 6.11 3.12 -6.36
N LEU A 18 4.80 3.32 -6.32
CA LEU A 18 4.25 4.62 -5.90
C LEU A 18 4.54 4.91 -4.43
N PHE A 19 4.36 3.89 -3.59
CA PHE A 19 4.58 4.07 -2.16
C PHE A 19 6.06 4.22 -1.84
N ASP A 20 6.89 3.30 -2.31
CA ASP A 20 8.32 3.37 -2.04
C ASP A 20 8.90 4.72 -2.47
N LYS A 21 8.74 5.72 -1.61
CA LYS A 21 9.23 7.06 -1.94
C LYS A 21 10.76 7.04 -2.05
N ASP A 22 11.42 6.59 -0.99
CA ASP A 22 12.88 6.54 -0.98
C ASP A 22 13.38 5.62 -2.08
N GLY A 23 12.49 4.75 -2.58
CA GLY A 23 12.84 3.84 -3.65
C GLY A 23 13.92 2.86 -3.25
N ASP A 24 13.85 2.35 -2.02
CA ASP A 24 14.85 1.39 -1.54
C ASP A 24 14.42 -0.05 -1.80
N GLY A 25 13.19 -0.22 -2.27
CA GLY A 25 12.65 -1.56 -2.56
C GLY A 25 11.68 -2.01 -1.48
N THR A 26 11.37 -1.11 -0.56
CA THR A 26 10.46 -1.42 0.53
C THR A 26 9.58 -0.21 0.83
N ILE A 27 8.53 -0.42 1.63
CA ILE A 27 7.63 0.66 2.01
C ILE A 27 7.66 0.84 3.53
N THR A 28 7.70 2.09 3.98
CA THR A 28 7.75 2.37 5.42
C THR A 28 6.51 3.13 5.88
N THR A 29 6.34 3.23 7.20
CA THR A 29 5.19 3.93 7.78
C THR A 29 5.18 5.40 7.36
N LYS A 30 6.37 6.01 7.36
CA LYS A 30 6.51 7.41 6.99
C LYS A 30 6.31 7.58 5.49
N GLU A 31 6.82 6.63 4.70
CA GLU A 31 6.68 6.70 3.24
C GLU A 31 5.20 6.70 2.86
N LEU A 32 4.49 5.66 3.28
CA LEU A 32 3.07 5.54 3.01
C LEU A 32 2.31 6.71 3.61
N GLY A 33 2.62 7.02 4.88
CA GLY A 33 1.97 8.13 5.57
C GLY A 33 2.00 9.38 4.72
N THR A 34 3.15 9.61 4.07
CA THR A 34 3.30 10.77 3.20
C THR A 34 2.26 10.71 2.07
N VAL A 35 2.19 9.57 1.39
CA VAL A 35 1.24 9.40 0.29
C VAL A 35 -0.20 9.54 0.80
N MET A 36 -0.47 8.99 1.97
CA MET A 36 -1.80 9.06 2.55
C MET A 36 -2.16 10.49 2.98
N ARG A 37 -1.19 11.18 3.57
CA ARG A 37 -1.42 12.57 4.01
C ARG A 37 -1.51 13.49 2.80
N SER A 38 -0.53 13.40 1.90
CA SER A 38 -0.50 14.25 0.71
C SER A 38 -1.83 14.15 -0.05
N LEU A 39 -2.55 13.06 0.17
CA LEU A 39 -3.85 12.85 -0.49
C LEU A 39 -4.99 13.42 0.35
N GLY A 40 -4.72 13.69 1.62
CA GLY A 40 -5.73 14.26 2.52
C GLY A 40 -6.47 13.18 3.31
N GLN A 41 -5.95 11.95 3.27
CA GLN A 41 -6.58 10.84 4.00
C GLN A 41 -6.03 10.73 5.41
N ASN A 42 -6.69 9.92 6.23
CA ASN A 42 -6.29 9.72 7.64
C ASN A 42 -4.76 9.76 7.79
N PRO A 43 -4.22 10.89 8.20
CA PRO A 43 -2.74 11.04 8.39
C PRO A 43 -2.28 10.46 9.72
N THR A 44 -3.10 9.59 10.30
CA THR A 44 -2.77 8.98 11.58
C THR A 44 -1.54 8.08 11.46
N GLU A 45 -0.36 8.70 11.59
CA GLU A 45 0.90 7.97 11.50
C GLU A 45 0.90 6.81 12.51
N ALA A 46 -0.06 6.83 13.42
CA ALA A 46 -0.17 5.77 14.42
C ALA A 46 -0.96 4.59 13.85
N GLU A 47 -2.01 4.90 13.11
CA GLU A 47 -2.84 3.88 12.47
C GLU A 47 -1.99 3.03 11.54
N LEU A 48 -1.15 3.69 10.73
CA LEU A 48 -0.28 3.00 9.80
C LEU A 48 0.73 2.14 10.57
N GLN A 49 1.45 2.77 11.50
CA GLN A 49 2.44 2.05 12.29
C GLN A 49 1.84 0.78 12.89
N ASP A 50 0.56 0.86 13.24
CA ASP A 50 -0.14 -0.28 13.82
C ASP A 50 -0.58 -1.26 12.74
N MET A 51 -1.13 -0.73 11.64
CA MET A 51 -1.59 -1.57 10.55
C MET A 51 -0.44 -2.36 9.94
N ILE A 52 0.68 -1.69 9.70
CA ILE A 52 1.85 -2.34 9.14
C ILE A 52 2.37 -3.39 10.13
N ASN A 53 2.38 -3.03 11.41
CA ASN A 53 2.87 -3.93 12.45
C ASN A 53 2.12 -5.28 12.39
N GLU A 54 0.82 -5.22 12.13
CA GLU A 54 0.02 -6.44 12.05
C GLU A 54 0.40 -7.28 10.83
N VAL A 55 0.60 -6.63 9.68
CA VAL A 55 0.96 -7.35 8.45
C VAL A 55 2.46 -7.22 8.14
N ASP A 56 3.30 -7.19 9.18
CA ASP A 56 4.74 -7.08 8.96
C ASP A 56 5.35 -8.44 8.60
N ALA A 57 6.64 -8.62 8.94
CA ALA A 57 7.32 -9.89 8.65
C ALA A 57 8.54 -10.08 9.57
N ASP A 58 9.62 -9.35 9.30
CA ASP A 58 10.84 -9.48 10.10
C ASP A 58 10.85 -8.47 11.26
N GLY A 59 9.79 -7.67 11.37
CA GLY A 59 9.71 -6.66 12.41
C GLY A 59 10.50 -5.42 12.01
N ASN A 60 10.81 -5.34 10.72
CA ASN A 60 11.57 -4.22 10.18
C ASN A 60 10.69 -2.96 10.12
N GLY A 61 9.39 -3.16 10.26
CA GLY A 61 8.45 -2.05 10.21
C GLY A 61 8.19 -1.60 8.78
N THR A 62 8.56 -2.45 7.83
CA THR A 62 8.38 -2.15 6.40
C THR A 62 7.67 -3.29 5.69
N ILE A 63 7.07 -2.97 4.54
CA ILE A 63 6.36 -3.98 3.74
C ILE A 63 7.20 -4.39 2.53
N ASP A 64 7.47 -5.69 2.43
CA ASP A 64 8.28 -6.22 1.34
C ASP A 64 7.44 -6.46 0.09
N PHE A 65 8.11 -6.86 -0.99
CA PHE A 65 7.45 -7.14 -2.27
C PHE A 65 6.25 -8.10 -2.11
N PRO A 66 6.50 -9.33 -1.72
CA PRO A 66 5.43 -10.36 -1.56
C PRO A 66 4.36 -9.94 -0.55
N GLU A 67 4.80 -9.40 0.58
CA GLU A 67 3.88 -9.00 1.63
C GLU A 67 2.77 -8.13 1.05
N PHE A 68 3.16 -7.10 0.29
CA PHE A 68 2.19 -6.21 -0.31
C PHE A 68 1.28 -6.98 -1.27
N LEU A 69 1.90 -7.77 -2.13
CA LEU A 69 1.16 -8.57 -3.09
C LEU A 69 0.15 -9.46 -2.38
N THR A 70 0.42 -9.77 -1.12
CA THR A 70 -0.47 -10.61 -0.34
C THR A 70 -1.52 -9.80 0.42
N MET A 71 -1.07 -8.92 1.30
CA MET A 71 -1.98 -8.12 2.11
C MET A 71 -3.08 -7.49 1.25
N MET A 72 -2.84 -7.43 -0.07
CA MET A 72 -3.83 -6.83 -0.98
C MET A 72 -4.90 -7.86 -1.35
N ALA A 73 -4.54 -9.14 -1.26
CA ALA A 73 -5.46 -10.23 -1.58
C ALA A 73 -6.09 -10.79 -0.31
N ARG A 74 -6.24 -9.95 0.71
CA ARG A 74 -6.83 -10.38 1.97
C ARG A 74 -8.21 -11.01 1.75
N LYS A 75 -8.61 -11.11 0.49
CA LYS A 75 -9.89 -11.69 0.12
C LYS A 75 -9.91 -13.19 0.45
N MET A 76 -11.00 -13.86 0.08
CA MET A 76 -11.15 -15.29 0.35
C MET A 76 -10.58 -16.11 -0.81
N LYS A 77 -10.14 -17.31 -0.50
CA LYS A 77 -9.57 -18.21 -1.49
C LYS A 77 -9.90 -19.66 -1.13
N GLY B 1 -13.15 -3.98 14.14
CA GLY B 1 -11.96 -4.87 14.19
C GLY B 1 -11.17 -4.74 12.88
N THR B 2 -11.76 -5.22 11.78
CA THR B 2 -11.10 -5.15 10.48
C THR B 2 -11.13 -3.72 9.96
N GLY B 3 -10.28 -3.44 8.97
CA GLY B 3 -10.19 -2.10 8.39
C GLY B 3 -8.87 -1.93 7.64
N ALA B 4 -7.93 -2.84 7.92
CA ALA B 4 -6.60 -2.81 7.31
C ALA B 4 -6.67 -2.88 5.78
N ALA B 5 -7.44 -3.82 5.25
CA ALA B 5 -7.57 -3.98 3.80
C ALA B 5 -8.23 -2.75 3.16
N LEU B 6 -9.20 -2.18 3.86
CA LEU B 6 -9.91 -1.02 3.36
C LEU B 6 -8.94 0.15 3.19
N SER B 7 -8.10 0.36 4.19
CA SER B 7 -7.12 1.44 4.15
C SER B 7 -6.14 1.23 3.00
N TRP B 8 -5.70 -0.01 2.85
CA TRP B 8 -4.78 -0.36 1.78
C TRP B 8 -5.43 -0.15 0.41
N GLN B 9 -6.67 -0.63 0.28
CA GLN B 9 -7.39 -0.50 -0.98
C GLN B 9 -7.65 0.97 -1.34
N ALA B 10 -7.98 1.78 -0.33
CA ALA B 10 -8.25 3.20 -0.56
C ALA B 10 -6.99 3.94 -1.05
N ALA B 11 -5.84 3.59 -0.47
CA ALA B 11 -4.58 4.22 -0.86
C ALA B 11 -4.21 3.86 -2.29
N ILE B 12 -4.41 2.60 -2.65
CA ILE B 12 -4.09 2.12 -4.00
C ILE B 12 -4.98 2.82 -5.03
N ASP B 13 -6.27 2.91 -4.72
CA ASP B 13 -7.23 3.55 -5.62
C ASP B 13 -6.89 5.02 -5.81
N ALA B 14 -6.66 5.73 -4.71
CA ALA B 14 -6.32 7.14 -4.77
C ALA B 14 -4.98 7.34 -5.49
N ALA B 15 -4.01 6.49 -5.18
CA ALA B 15 -2.70 6.58 -5.82
C ALA B 15 -2.82 6.31 -7.32
N ARG B 16 -3.59 5.29 -7.66
CA ARG B 16 -3.80 4.94 -9.06
C ARG B 16 -4.50 6.05 -9.81
N GLN B 17 -5.52 6.63 -9.17
CA GLN B 17 -6.27 7.72 -9.80
C GLN B 17 -5.36 8.94 -9.99
N ALA B 18 -4.56 9.24 -8.96
CA ALA B 18 -3.64 10.36 -9.02
C ALA B 18 -2.65 10.18 -10.17
N LYS B 19 -2.20 8.94 -10.36
CA LYS B 19 -1.26 8.63 -11.43
C LYS B 19 -1.91 8.85 -12.79
N LEU B 20 -3.20 8.50 -12.89
CA LEU B 20 -3.93 8.64 -14.14
C LEU B 20 -3.96 10.10 -14.60
N MET B 21 -4.32 10.99 -13.69
CA MET B 21 -4.41 12.42 -14.01
C MET B 21 -3.00 13.03 -14.08
N GLY B 22 -2.10 12.55 -13.24
CA GLY B 22 -0.73 13.06 -13.21
C GLY B 22 -0.60 14.31 -12.33
N SER B 23 -1.64 14.60 -11.54
CA SER B 23 -1.60 15.77 -10.66
C SER B 23 -1.10 17.00 -11.42
N ALA B 24 -1.12 16.91 -12.75
CA ALA B 24 -0.66 18.00 -13.60
C ALA B 24 0.67 18.55 -13.11
CA CA C . 11.54 1.93 2.09
CA CA D . 10.00 -5.78 6.02
N ALA A 1 -14.91 -14.82 -8.56
CA ALA A 1 -14.04 -15.05 -9.75
C ALA A 1 -12.68 -14.42 -9.46
N ASP A 2 -12.22 -14.62 -8.22
CA ASP A 2 -10.96 -14.05 -7.77
C ASP A 2 -9.81 -15.02 -8.03
N GLN A 3 -8.92 -14.65 -8.96
CA GLN A 3 -7.77 -15.49 -9.30
C GLN A 3 -6.59 -14.62 -9.75
N LEU A 4 -5.39 -15.16 -9.64
CA LEU A 4 -4.18 -14.42 -10.02
C LEU A 4 -4.13 -14.20 -11.53
N THR A 5 -3.36 -13.20 -11.97
CA THR A 5 -3.23 -12.90 -13.39
C THR A 5 -2.13 -11.86 -13.61
N GLU A 6 -1.76 -11.65 -14.87
CA GLU A 6 -0.73 -10.67 -15.21
C GLU A 6 -1.06 -9.32 -14.58
N GLU A 7 -2.24 -8.81 -14.87
CA GLU A 7 -2.65 -7.52 -14.33
C GLU A 7 -2.31 -7.44 -12.84
N GLN A 8 -2.84 -8.37 -12.06
CA GLN A 8 -2.66 -8.37 -10.61
C GLN A 8 -1.19 -8.14 -10.21
N ILE A 9 -0.28 -9.00 -10.66
CA ILE A 9 1.10 -8.84 -10.28
C ILE A 9 1.63 -7.46 -10.67
N ALA A 10 1.40 -7.08 -11.92
CA ALA A 10 1.86 -5.78 -12.39
C ALA A 10 1.22 -4.67 -11.55
N GLU A 11 -0.05 -4.87 -11.21
CA GLU A 11 -0.79 -3.90 -10.41
C GLU A 11 -0.09 -3.64 -9.08
N PHE A 12 0.34 -4.71 -8.41
CA PHE A 12 1.02 -4.56 -7.13
C PHE A 12 2.33 -3.80 -7.33
N LYS A 13 3.07 -4.16 -8.36
CA LYS A 13 4.35 -3.51 -8.63
C LYS A 13 4.16 -2.01 -8.78
N GLU A 14 3.14 -1.62 -9.53
CA GLU A 14 2.86 -0.21 -9.73
C GLU A 14 2.60 0.48 -8.39
N ALA A 15 1.64 -0.06 -7.64
CA ALA A 15 1.30 0.50 -6.34
C ALA A 15 2.53 0.49 -5.43
N PHE A 16 3.29 -0.58 -5.48
CA PHE A 16 4.49 -0.69 -4.67
C PHE A 16 5.47 0.44 -4.99
N SER A 17 5.76 0.62 -6.27
CA SER A 17 6.69 1.65 -6.70
C SER A 17 6.25 3.02 -6.21
N LEU A 18 4.94 3.24 -6.19
CA LEU A 18 4.41 4.53 -5.75
C LEU A 18 4.69 4.79 -4.28
N PHE A 19 4.49 3.77 -3.45
CA PHE A 19 4.71 3.92 -2.01
C PHE A 19 6.19 4.03 -1.68
N ASP A 20 7.01 3.12 -2.20
CA ASP A 20 8.44 3.16 -1.91
C ASP A 20 9.05 4.47 -2.39
N LYS A 21 8.82 5.55 -1.65
CA LYS A 21 9.37 6.85 -2.04
C LYS A 21 10.89 6.80 -2.07
N ASP A 22 11.49 6.33 -0.99
CA ASP A 22 12.94 6.27 -0.91
C ASP A 22 13.46 5.37 -2.02
N GLY A 23 12.58 4.55 -2.58
CA GLY A 23 12.93 3.65 -3.67
C GLY A 23 14.03 2.67 -3.26
N ASP A 24 13.94 2.13 -2.04
CA ASP A 24 14.94 1.17 -1.56
C ASP A 24 14.46 -0.26 -1.74
N GLY A 25 13.23 -0.42 -2.25
CA GLY A 25 12.66 -1.77 -2.47
C GLY A 25 11.77 -2.18 -1.31
N THR A 26 11.48 -1.22 -0.43
CA THR A 26 10.62 -1.49 0.72
C THR A 26 9.72 -0.29 1.00
N ILE A 27 8.62 -0.53 1.71
CA ILE A 27 7.70 0.55 2.07
C ILE A 27 7.73 0.76 3.58
N THR A 28 7.70 2.03 4.00
CA THR A 28 7.74 2.35 5.43
C THR A 28 6.54 3.21 5.85
N THR A 29 6.32 3.30 7.16
CA THR A 29 5.21 4.08 7.68
C THR A 29 5.28 5.52 7.19
N LYS A 30 6.48 6.08 7.22
CA LYS A 30 6.69 7.46 6.77
C LYS A 30 6.47 7.57 5.27
N GLU A 31 6.97 6.58 4.52
CA GLU A 31 6.82 6.59 3.07
C GLU A 31 5.33 6.62 2.71
N LEU A 32 4.61 5.60 3.15
CA LEU A 32 3.18 5.53 2.88
C LEU A 32 2.45 6.69 3.52
N GLY A 33 2.74 6.93 4.79
CA GLY A 33 2.09 8.01 5.52
C GLY A 33 2.11 9.29 4.69
N THR A 34 3.27 9.58 4.09
CA THR A 34 3.41 10.76 3.28
C THR A 34 2.42 10.71 2.12
N VAL A 35 2.37 9.57 1.43
CA VAL A 35 1.45 9.40 0.31
C VAL A 35 0.01 9.56 0.78
N MET A 36 -0.30 9.01 1.94
CA MET A 36 -1.67 9.10 2.47
C MET A 36 -2.01 10.55 2.83
N ARG A 37 -1.08 11.25 3.45
CA ARG A 37 -1.32 12.64 3.83
C ARG A 37 -1.40 13.53 2.59
N SER A 38 -0.41 13.42 1.72
CA SER A 38 -0.37 14.23 0.51
C SER A 38 -1.70 14.14 -0.23
N LEU A 39 -2.38 13.01 -0.06
CA LEU A 39 -3.67 12.80 -0.73
C LEU A 39 -4.80 13.49 0.03
N GLY A 40 -4.55 13.84 1.30
CA GLY A 40 -5.55 14.54 2.11
C GLY A 40 -6.26 13.58 3.07
N GLN A 41 -5.65 12.43 3.33
CA GLN A 41 -6.25 11.46 4.23
C GLN A 41 -6.12 11.91 5.70
N ASN A 42 -7.25 11.90 6.41
CA ASN A 42 -7.27 12.32 7.80
C ASN A 42 -6.18 11.63 8.64
N PRO A 43 -5.72 12.24 9.69
CA PRO A 43 -4.68 11.64 10.58
C PRO A 43 -4.91 10.14 10.79
N THR A 44 -4.21 9.33 10.01
CA THR A 44 -4.34 7.88 10.12
C THR A 44 -2.96 7.21 10.04
N GLU A 45 -1.93 8.04 9.87
CA GLU A 45 -0.56 7.53 9.77
C GLU A 45 -0.24 6.65 11.00
N ALA A 46 -0.99 6.86 12.07
CA ALA A 46 -0.80 6.08 13.29
C ALA A 46 -1.36 4.67 13.11
N GLU A 47 -2.54 4.60 12.49
CA GLU A 47 -3.20 3.32 12.24
C GLU A 47 -2.26 2.41 11.45
N LEU A 48 -1.66 2.97 10.40
CA LEU A 48 -0.74 2.20 9.58
C LEU A 48 0.45 1.73 10.41
N GLN A 49 1.07 2.66 11.13
CA GLN A 49 2.22 2.32 11.95
C GLN A 49 1.96 1.06 12.76
N ASP A 50 0.77 0.98 13.33
CA ASP A 50 0.38 -0.18 14.13
C ASP A 50 0.15 -1.41 13.25
N MET A 51 -0.47 -1.20 12.09
CA MET A 51 -0.75 -2.31 11.18
C MET A 51 0.52 -2.87 10.55
N ILE A 52 1.37 -1.98 10.05
CA ILE A 52 2.61 -2.40 9.42
C ILE A 52 3.44 -3.20 10.43
N ASN A 53 3.46 -2.72 11.67
CA ASN A 53 4.22 -3.39 12.71
C ASN A 53 3.70 -4.82 12.93
N GLU A 54 2.48 -5.09 12.45
CA GLU A 54 1.87 -6.42 12.60
C GLU A 54 2.13 -7.31 11.38
N VAL A 55 1.75 -6.82 10.19
CA VAL A 55 1.93 -7.59 8.97
C VAL A 55 3.40 -7.81 8.63
N ASP A 56 4.29 -6.97 9.17
CA ASP A 56 5.72 -7.10 8.89
C ASP A 56 6.21 -8.49 9.32
N ALA A 57 6.85 -9.19 8.37
CA ALA A 57 7.36 -10.54 8.63
C ALA A 57 8.58 -10.52 9.55
N ASP A 58 9.54 -9.64 9.28
CA ASP A 58 10.75 -9.56 10.11
C ASP A 58 10.59 -8.55 11.24
N GLY A 59 9.45 -7.86 11.28
CA GLY A 59 9.21 -6.87 12.32
C GLY A 59 10.13 -5.66 12.12
N ASN A 60 10.52 -5.44 10.87
CA ASN A 60 11.41 -4.34 10.51
C ASN A 60 10.65 -3.04 10.44
N GLY A 61 9.33 -3.14 10.39
CA GLY A 61 8.48 -1.96 10.31
C GLY A 61 8.24 -1.56 8.85
N THR A 62 8.60 -2.47 7.93
CA THR A 62 8.42 -2.20 6.49
C THR A 62 7.69 -3.36 5.82
N ILE A 63 7.05 -3.05 4.69
CA ILE A 63 6.32 -4.06 3.93
C ILE A 63 7.12 -4.48 2.70
N ASP A 64 7.41 -5.77 2.61
CA ASP A 64 8.19 -6.30 1.50
C ASP A 64 7.31 -6.54 0.26
N PHE A 65 7.97 -6.93 -0.83
CA PHE A 65 7.29 -7.19 -2.09
C PHE A 65 6.09 -8.15 -1.93
N PRO A 66 6.34 -9.38 -1.56
CA PRO A 66 5.25 -10.42 -1.43
C PRO A 66 4.14 -10.01 -0.47
N GLU A 67 4.52 -9.54 0.71
CA GLU A 67 3.55 -9.15 1.71
C GLU A 67 2.50 -8.23 1.12
N PHE A 68 2.95 -7.18 0.45
CA PHE A 68 2.02 -6.23 -0.15
C PHE A 68 1.18 -6.92 -1.21
N LEU A 69 1.83 -7.65 -2.09
CA LEU A 69 1.12 -8.36 -3.15
C LEU A 69 0.00 -9.20 -2.57
N THR A 70 0.16 -9.66 -1.34
CA THR A 70 -0.86 -10.49 -0.70
C THR A 70 -1.98 -9.66 -0.06
N MET A 71 -1.64 -8.97 1.02
CA MET A 71 -2.63 -8.16 1.73
C MET A 71 -3.34 -7.19 0.80
N MET A 72 -2.74 -6.91 -0.36
CA MET A 72 -3.35 -5.98 -1.32
C MET A 72 -4.33 -6.73 -2.25
N ALA A 73 -4.04 -8.01 -2.50
CA ALA A 73 -4.88 -8.81 -3.38
C ALA A 73 -6.32 -8.90 -2.86
N ARG A 74 -6.46 -9.23 -1.59
CA ARG A 74 -7.78 -9.36 -0.98
C ARG A 74 -8.45 -7.99 -0.92
N LYS A 75 -7.64 -6.94 -1.04
CA LYS A 75 -8.16 -5.57 -1.00
C LYS A 75 -9.26 -5.41 0.04
N MET A 76 -10.23 -4.56 -0.25
CA MET A 76 -11.34 -4.30 0.66
C MET A 76 -12.65 -4.25 -0.11
N LYS A 77 -13.27 -5.42 -0.27
CA LYS A 77 -14.54 -5.53 -0.99
C LYS A 77 -15.37 -6.66 -0.38
N GLY B 1 -14.12 4.38 11.16
CA GLY B 1 -14.13 2.89 10.94
C GLY B 1 -12.70 2.37 11.02
N THR B 2 -11.80 2.96 10.24
CA THR B 2 -10.41 2.53 10.22
C THR B 2 -10.29 1.04 9.88
N GLY B 3 -9.14 0.65 9.34
CA GLY B 3 -8.91 -0.75 8.98
C GLY B 3 -7.76 -0.87 7.99
N ALA B 4 -6.96 -1.91 8.15
CA ALA B 4 -5.79 -2.15 7.29
C ALA B 4 -6.17 -2.26 5.81
N ALA B 5 -7.12 -3.15 5.50
CA ALA B 5 -7.55 -3.35 4.12
C ALA B 5 -8.14 -2.07 3.54
N LEU B 6 -8.94 -1.39 4.34
CA LEU B 6 -9.57 -0.15 3.91
C LEU B 6 -8.52 0.91 3.62
N SER B 7 -7.52 0.99 4.49
CA SER B 7 -6.45 1.96 4.33
C SER B 7 -5.73 1.74 3.02
N TRP B 8 -5.46 0.48 2.72
CA TRP B 8 -4.76 0.12 1.49
C TRP B 8 -5.64 0.43 0.28
N GLN B 9 -6.92 0.12 0.38
CA GLN B 9 -7.86 0.36 -0.72
C GLN B 9 -8.01 1.87 -1.00
N ALA B 10 -8.08 2.66 0.06
CA ALA B 10 -8.24 4.10 -0.10
C ALA B 10 -6.94 4.74 -0.60
N ALA B 11 -5.80 4.24 -0.12
CA ALA B 11 -4.51 4.78 -0.53
C ALA B 11 -4.19 4.43 -1.98
N ILE B 12 -4.36 3.17 -2.35
CA ILE B 12 -4.08 2.73 -3.71
C ILE B 12 -5.08 3.33 -4.69
N ASP B 13 -6.35 3.34 -4.29
CA ASP B 13 -7.40 3.89 -5.13
C ASP B 13 -7.19 5.38 -5.36
N ALA B 14 -6.74 6.07 -4.31
CA ALA B 14 -6.50 7.51 -4.41
C ALA B 14 -5.19 7.79 -5.16
N ALA B 15 -4.13 7.09 -4.76
CA ALA B 15 -2.83 7.26 -5.40
C ALA B 15 -2.93 6.90 -6.88
N ARG B 16 -3.62 5.79 -7.17
CA ARG B 16 -3.80 5.35 -8.54
C ARG B 16 -4.64 6.36 -9.32
N GLN B 17 -5.69 6.87 -8.69
CA GLN B 17 -6.55 7.85 -9.35
C GLN B 17 -5.71 9.01 -9.88
N ALA B 18 -4.79 9.49 -9.04
CA ALA B 18 -3.92 10.59 -9.44
C ALA B 18 -3.00 10.14 -10.57
N LYS B 19 -2.53 8.89 -10.49
CA LYS B 19 -1.66 8.35 -11.52
C LYS B 19 -2.38 8.29 -12.86
N LEU B 20 -3.62 7.82 -12.83
CA LEU B 20 -4.40 7.70 -14.05
C LEU B 20 -4.62 9.06 -14.71
N MET B 21 -4.94 10.07 -13.89
CA MET B 21 -5.17 11.41 -14.40
C MET B 21 -3.88 12.01 -14.98
N GLY B 22 -2.75 11.72 -14.33
CA GLY B 22 -1.47 12.24 -14.80
C GLY B 22 -1.26 13.70 -14.41
N SER B 23 -1.99 14.16 -13.39
CA SER B 23 -1.85 15.54 -12.93
C SER B 23 -1.82 16.50 -14.12
N ALA B 24 -2.49 16.11 -15.21
CA ALA B 24 -2.53 16.92 -16.42
C ALA B 24 -3.89 16.79 -17.09
CA CA C . 12.11 2.32 2.43
CA CA D . 8.42 -7.32 5.41
N ALA A 1 -9.89 -18.34 -3.92
CA ALA A 1 -9.22 -19.19 -4.93
C ALA A 1 -7.71 -19.00 -4.78
N ASP A 2 -7.34 -17.85 -4.25
CA ASP A 2 -5.93 -17.54 -4.05
C ASP A 2 -5.17 -17.68 -5.37
N GLN A 3 -5.83 -17.29 -6.47
CA GLN A 3 -5.22 -17.37 -7.80
C GLN A 3 -5.22 -15.99 -8.47
N LEU A 4 -4.03 -15.43 -8.66
CA LEU A 4 -3.88 -14.11 -9.27
C LEU A 4 -3.71 -14.22 -10.79
N THR A 5 -2.94 -13.30 -11.38
CA THR A 5 -2.70 -13.31 -12.82
C THR A 5 -1.60 -12.31 -13.18
N GLU A 6 -1.17 -12.33 -14.45
CA GLU A 6 -0.13 -11.41 -14.90
C GLU A 6 -0.43 -9.99 -14.43
N GLU A 7 -1.58 -9.49 -14.81
CA GLU A 7 -1.99 -8.15 -14.43
C GLU A 7 -1.73 -7.91 -12.93
N GLN A 8 -2.29 -8.76 -12.09
CA GLN A 8 -2.18 -8.64 -10.64
C GLN A 8 -0.75 -8.35 -10.18
N ILE A 9 0.20 -9.20 -10.54
CA ILE A 9 1.57 -8.98 -10.09
C ILE A 9 2.07 -7.61 -10.54
N ALA A 10 1.88 -7.27 -11.81
CA ALA A 10 2.31 -5.99 -12.32
C ALA A 10 1.57 -4.87 -11.60
N GLU A 11 0.30 -5.12 -11.30
CA GLU A 11 -0.54 -4.15 -10.61
C GLU A 11 0.05 -3.78 -9.25
N PHE A 12 0.43 -4.77 -8.46
CA PHE A 12 1.00 -4.53 -7.16
C PHE A 12 2.33 -3.76 -7.30
N LYS A 13 3.10 -4.13 -8.31
CA LYS A 13 4.38 -3.48 -8.54
C LYS A 13 4.16 -1.97 -8.71
N GLU A 14 3.16 -1.60 -9.51
CA GLU A 14 2.87 -0.19 -9.74
C GLU A 14 2.54 0.49 -8.42
N ALA A 15 1.58 -0.06 -7.70
CA ALA A 15 1.19 0.50 -6.40
C ALA A 15 2.40 0.57 -5.48
N PHE A 16 3.23 -0.46 -5.53
CA PHE A 16 4.43 -0.48 -4.71
C PHE A 16 5.33 0.72 -5.03
N SER A 17 5.63 0.90 -6.30
CA SER A 17 6.49 1.99 -6.74
C SER A 17 5.95 3.33 -6.25
N LEU A 18 4.64 3.44 -6.17
CA LEU A 18 4.01 4.69 -5.72
C LEU A 18 4.28 4.94 -4.23
N PHE A 19 4.18 3.89 -3.44
CA PHE A 19 4.39 4.02 -2.00
C PHE A 19 5.86 4.27 -1.66
N ASP A 20 6.74 3.37 -2.11
CA ASP A 20 8.16 3.53 -1.83
C ASP A 20 8.65 4.91 -2.26
N LYS A 21 8.49 5.91 -1.40
CA LYS A 21 8.92 7.26 -1.73
C LYS A 21 10.44 7.32 -1.85
N ASP A 22 11.15 6.89 -0.80
CA ASP A 22 12.60 6.92 -0.80
C ASP A 22 13.13 6.00 -1.91
N GLY A 23 12.28 5.09 -2.37
CA GLY A 23 12.66 4.17 -3.43
C GLY A 23 13.78 3.23 -3.00
N ASP A 24 13.72 2.73 -1.77
CA ASP A 24 14.75 1.83 -1.26
C ASP A 24 14.42 0.37 -1.57
N GLY A 25 13.21 0.14 -2.13
CA GLY A 25 12.77 -1.22 -2.47
C GLY A 25 11.79 -1.76 -1.44
N THR A 26 11.48 -0.94 -0.44
CA THR A 26 10.55 -1.34 0.63
C THR A 26 9.66 -0.16 1.00
N ILE A 27 8.50 -0.46 1.59
CA ILE A 27 7.57 0.58 2.02
C ILE A 27 7.59 0.69 3.53
N THR A 28 7.55 1.92 4.03
CA THR A 28 7.58 2.16 5.48
C THR A 28 6.45 3.10 5.90
N THR A 29 6.43 3.43 7.19
CA THR A 29 5.40 4.31 7.73
C THR A 29 5.42 5.68 7.06
N LYS A 30 6.63 6.23 6.93
CA LYS A 30 6.80 7.55 6.32
C LYS A 30 6.42 7.52 4.84
N GLU A 31 6.91 6.52 4.12
CA GLU A 31 6.61 6.39 2.70
C GLU A 31 5.09 6.39 2.48
N LEU A 32 4.42 5.42 3.08
CA LEU A 32 2.98 5.34 2.96
C LEU A 32 2.30 6.55 3.56
N GLY A 33 2.75 6.96 4.73
CA GLY A 33 2.17 8.11 5.41
C GLY A 33 2.08 9.28 4.46
N THR A 34 3.14 9.51 3.70
CA THR A 34 3.16 10.61 2.75
C THR A 34 2.02 10.44 1.76
N VAL A 35 1.90 9.25 1.17
CA VAL A 35 0.84 8.98 0.21
C VAL A 35 -0.54 9.13 0.85
N MET A 36 -0.67 8.64 2.08
CA MET A 36 -1.95 8.74 2.79
C MET A 36 -2.31 10.20 3.11
N ARG A 37 -1.31 10.98 3.52
CA ARG A 37 -1.55 12.39 3.85
C ARG A 37 -1.71 13.22 2.58
N SER A 38 -0.75 13.08 1.66
CA SER A 38 -0.79 13.83 0.41
C SER A 38 -2.14 13.70 -0.27
N LEU A 39 -2.85 12.61 0.03
CA LEU A 39 -4.17 12.38 -0.56
C LEU A 39 -5.27 12.99 0.31
N GLY A 40 -4.92 13.34 1.55
CA GLY A 40 -5.89 13.95 2.46
C GLY A 40 -6.53 12.93 3.39
N GLN A 41 -5.90 11.75 3.53
CA GLN A 41 -6.44 10.70 4.40
C GLN A 41 -5.78 10.76 5.78
N ASN A 42 -6.23 9.86 6.68
CA ASN A 42 -5.72 9.80 8.03
C ASN A 42 -4.22 10.11 8.09
N PRO A 43 -3.84 11.31 8.48
CA PRO A 43 -2.39 11.71 8.54
C PRO A 43 -1.68 11.09 9.74
N THR A 44 -2.46 10.59 10.68
CA THR A 44 -1.90 9.98 11.88
C THR A 44 -1.03 8.78 11.51
N GLU A 45 0.22 8.80 11.97
CA GLU A 45 1.16 7.71 11.70
C GLU A 45 0.94 6.55 12.67
N ALA A 46 0.77 6.89 13.95
CA ALA A 46 0.57 5.85 14.98
C ALA A 46 -0.33 4.75 14.42
N GLU A 47 -1.41 5.17 13.77
CA GLU A 47 -2.33 4.22 13.16
C GLU A 47 -1.59 3.35 12.13
N LEU A 48 -0.93 4.01 11.18
CA LEU A 48 -0.19 3.31 10.13
C LEU A 48 0.79 2.31 10.79
N GLN A 49 1.58 2.81 11.72
CA GLN A 49 2.55 1.97 12.42
C GLN A 49 1.86 0.73 12.97
N ASP A 50 0.58 0.86 13.28
CA ASP A 50 -0.19 -0.26 13.81
C ASP A 50 -0.61 -1.22 12.69
N MET A 51 -1.12 -0.66 11.60
CA MET A 51 -1.55 -1.48 10.46
C MET A 51 -0.37 -2.18 9.82
N ILE A 52 0.73 -1.44 9.62
CA ILE A 52 1.92 -2.02 9.02
C ILE A 52 2.49 -3.10 9.94
N ASN A 53 2.52 -2.81 11.23
CA ASN A 53 3.04 -3.76 12.21
C ASN A 53 2.22 -5.04 12.23
N GLU A 54 0.90 -4.89 12.11
CA GLU A 54 0.01 -6.05 12.13
C GLU A 54 0.22 -6.92 10.89
N VAL A 55 0.44 -6.31 9.72
CA VAL A 55 0.64 -7.06 8.48
C VAL A 55 2.11 -7.07 8.04
N ASP A 56 3.02 -6.93 9.00
CA ASP A 56 4.45 -6.93 8.69
C ASP A 56 4.94 -8.34 8.37
N ALA A 57 6.14 -8.68 8.84
CA ALA A 57 6.71 -10.00 8.60
C ALA A 57 7.96 -10.25 9.45
N ASP A 58 9.07 -9.59 9.09
CA ASP A 58 10.32 -9.76 9.83
C ASP A 58 10.39 -8.82 11.04
N GLY A 59 9.35 -8.00 11.21
CA GLY A 59 9.32 -7.04 12.31
C GLY A 59 10.14 -5.80 11.97
N ASN A 60 10.51 -5.69 10.70
CA ASN A 60 11.30 -4.58 10.20
C ASN A 60 10.47 -3.31 10.17
N GLY A 61 9.14 -3.49 10.17
CA GLY A 61 8.22 -2.36 10.13
C GLY A 61 8.02 -1.87 8.70
N THR A 62 8.38 -2.71 7.73
CA THR A 62 8.23 -2.36 6.32
C THR A 62 7.52 -3.48 5.55
N ILE A 63 6.91 -3.12 4.42
CA ILE A 63 6.21 -4.09 3.59
C ILE A 63 7.03 -4.44 2.36
N ASP A 64 7.38 -5.71 2.23
CA ASP A 64 8.19 -6.18 1.11
C ASP A 64 7.33 -6.46 -0.12
N PHE A 65 8.00 -6.83 -1.21
CA PHE A 65 7.32 -7.13 -2.47
C PHE A 65 6.15 -8.12 -2.29
N PRO A 66 6.44 -9.35 -1.93
CA PRO A 66 5.39 -10.40 -1.77
C PRO A 66 4.30 -10.02 -0.77
N GLU A 67 4.71 -9.46 0.35
CA GLU A 67 3.76 -9.09 1.39
C GLU A 67 2.63 -8.27 0.81
N PHE A 68 2.99 -7.20 0.10
CA PHE A 68 1.99 -6.33 -0.51
C PHE A 68 1.16 -7.11 -1.51
N LEU A 69 1.84 -7.91 -2.32
CA LEU A 69 1.15 -8.69 -3.33
C LEU A 69 0.09 -9.56 -2.67
N THR A 70 0.35 -10.06 -1.48
CA THR A 70 -0.61 -10.91 -0.81
C THR A 70 -1.69 -10.12 -0.06
N MET A 71 -1.28 -9.40 0.97
CA MET A 71 -2.23 -8.63 1.76
C MET A 71 -3.20 -7.84 0.88
N MET A 72 -2.84 -7.62 -0.39
CA MET A 72 -3.71 -6.87 -1.29
C MET A 72 -4.74 -7.80 -1.94
N ALA A 73 -4.41 -9.08 -2.02
CA ALA A 73 -5.30 -10.08 -2.63
C ALA A 73 -6.26 -10.67 -1.59
N ARG A 74 -6.63 -9.87 -0.59
CA ARG A 74 -7.55 -10.31 0.45
C ARG A 74 -8.98 -9.87 0.14
N LYS A 75 -9.15 -9.22 -1.02
CA LYS A 75 -10.47 -8.73 -1.44
C LYS A 75 -11.55 -9.79 -1.19
N MET A 76 -11.21 -11.05 -1.45
CA MET A 76 -12.15 -12.15 -1.23
C MET A 76 -13.35 -12.00 -2.17
N LYS A 77 -13.16 -12.47 -3.41
CA LYS A 77 -14.23 -12.41 -4.42
C LYS A 77 -15.47 -13.14 -3.92
N GLY B 1 -15.66 -3.78 6.91
CA GLY B 1 -14.37 -3.04 7.03
C GLY B 1 -13.61 -3.52 8.26
N THR B 2 -12.59 -4.35 8.05
CA THR B 2 -11.79 -4.85 9.16
C THR B 2 -10.95 -3.74 9.77
N GLY B 3 -10.51 -2.80 8.91
CA GLY B 3 -9.69 -1.67 9.36
C GLY B 3 -8.43 -1.55 8.49
N ALA B 4 -7.49 -2.45 8.71
CA ALA B 4 -6.23 -2.43 7.98
C ALA B 4 -6.44 -2.61 6.47
N ALA B 5 -7.31 -3.54 6.09
CA ALA B 5 -7.58 -3.80 4.67
C ALA B 5 -8.21 -2.57 4.01
N LEU B 6 -9.10 -1.91 4.73
CA LEU B 6 -9.77 -0.74 4.22
C LEU B 6 -8.77 0.38 3.95
N SER B 7 -7.84 0.55 4.87
CA SER B 7 -6.81 1.58 4.75
C SER B 7 -5.98 1.34 3.49
N TRP B 8 -5.59 0.08 3.29
CA TRP B 8 -4.81 -0.30 2.13
C TRP B 8 -5.62 -0.13 0.85
N GLN B 9 -6.86 -0.62 0.86
CA GLN B 9 -7.73 -0.51 -0.31
C GLN B 9 -7.99 0.94 -0.68
N ALA B 10 -8.24 1.78 0.32
CA ALA B 10 -8.52 3.19 0.08
C ALA B 10 -7.30 3.91 -0.51
N ALA B 11 -6.12 3.58 0.00
CA ALA B 11 -4.89 4.21 -0.48
C ALA B 11 -4.62 3.81 -1.93
N ILE B 12 -4.86 2.54 -2.25
CA ILE B 12 -4.64 2.05 -3.60
C ILE B 12 -5.61 2.71 -4.59
N ASP B 13 -6.87 2.83 -4.19
CA ASP B 13 -7.89 3.44 -5.03
C ASP B 13 -7.56 4.90 -5.31
N ALA B 14 -7.21 5.63 -4.26
CA ALA B 14 -6.86 7.05 -4.40
C ALA B 14 -5.53 7.19 -5.13
N ALA B 15 -4.59 6.30 -4.82
CA ALA B 15 -3.27 6.34 -5.45
C ALA B 15 -3.41 6.21 -6.97
N ARG B 16 -4.15 5.19 -7.39
CA ARG B 16 -4.37 4.94 -8.80
C ARG B 16 -5.20 6.08 -9.41
N GLN B 17 -6.11 6.65 -8.63
CA GLN B 17 -6.94 7.72 -9.13
C GLN B 17 -6.07 8.87 -9.63
N ALA B 18 -5.05 9.21 -8.83
CA ALA B 18 -4.12 10.28 -9.21
C ALA B 18 -3.32 9.87 -10.43
N LYS B 19 -2.89 8.61 -10.46
CA LYS B 19 -2.11 8.10 -11.58
C LYS B 19 -2.94 8.14 -12.87
N LEU B 20 -4.19 7.70 -12.77
CA LEU B 20 -5.07 7.68 -13.93
C LEU B 20 -5.29 9.09 -14.48
N MET B 21 -5.57 10.02 -13.58
CA MET B 21 -5.82 11.41 -13.98
C MET B 21 -4.55 12.05 -14.53
N GLY B 22 -3.42 11.74 -13.93
CA GLY B 22 -2.14 12.29 -14.37
C GLY B 22 -1.96 13.74 -13.91
N SER B 23 -2.95 14.28 -13.21
CA SER B 23 -2.87 15.64 -12.71
C SER B 23 -3.83 15.86 -11.55
N ALA B 24 -3.48 16.79 -10.67
CA ALA B 24 -4.31 17.10 -9.51
C ALA B 24 -5.38 18.11 -9.86
CA CA C . 11.61 1.89 2.84
CA CA D . 9.10 -6.96 5.55
N ALA A 1 -11.97 -12.91 -13.89
CA ALA A 1 -12.93 -12.99 -12.77
C ALA A 1 -12.20 -12.71 -11.47
N ASP A 2 -12.55 -13.47 -10.43
CA ASP A 2 -11.94 -13.30 -9.12
C ASP A 2 -10.58 -14.01 -9.06
N GLN A 3 -10.22 -14.68 -10.14
CA GLN A 3 -8.95 -15.40 -10.20
C GLN A 3 -7.78 -14.43 -10.47
N LEU A 4 -6.57 -14.84 -10.11
CA LEU A 4 -5.39 -14.00 -10.31
C LEU A 4 -5.04 -13.91 -11.80
N THR A 5 -3.98 -13.16 -12.11
CA THR A 5 -3.52 -13.01 -13.49
C THR A 5 -2.23 -12.18 -13.55
N GLU A 6 -1.68 -12.02 -14.74
CA GLU A 6 -0.46 -11.24 -14.92
C GLU A 6 -0.70 -9.80 -14.46
N GLU A 7 -1.77 -9.20 -14.93
CA GLU A 7 -2.08 -7.84 -14.55
C GLU A 7 -1.93 -7.64 -13.04
N GLN A 8 -2.63 -8.46 -12.28
CA GLN A 8 -2.63 -8.36 -10.82
C GLN A 8 -1.23 -8.18 -10.24
N ILE A 9 -0.32 -9.12 -10.51
CA ILE A 9 1.02 -9.01 -9.95
C ILE A 9 1.67 -7.69 -10.36
N ALA A 10 1.59 -7.35 -11.64
CA ALA A 10 2.17 -6.10 -12.11
C ALA A 10 1.52 -4.92 -11.39
N GLU A 11 0.19 -4.98 -11.28
CA GLU A 11 -0.58 -3.94 -10.63
C GLU A 11 -0.01 -3.64 -9.24
N PHE A 12 0.29 -4.70 -8.49
CA PHE A 12 0.84 -4.52 -7.15
C PHE A 12 2.23 -3.84 -7.24
N LYS A 13 3.05 -4.28 -8.19
CA LYS A 13 4.37 -3.72 -8.35
C LYS A 13 4.28 -2.21 -8.57
N GLU A 14 3.37 -1.80 -9.45
CA GLU A 14 3.19 -0.38 -9.73
C GLU A 14 2.80 0.36 -8.45
N ALA A 15 1.76 -0.12 -7.78
CA ALA A 15 1.31 0.49 -6.54
C ALA A 15 2.44 0.52 -5.53
N PHE A 16 3.18 -0.57 -5.45
CA PHE A 16 4.31 -0.64 -4.54
C PHE A 16 5.31 0.49 -4.83
N SER A 17 5.71 0.60 -6.08
CA SER A 17 6.68 1.61 -6.49
C SER A 17 6.23 3.00 -6.06
N LEU A 18 4.93 3.24 -6.12
CA LEU A 18 4.38 4.55 -5.74
C LEU A 18 4.61 4.83 -4.26
N PHE A 19 4.40 3.81 -3.43
CA PHE A 19 4.57 3.99 -1.99
C PHE A 19 6.04 4.11 -1.60
N ASP A 20 6.87 3.19 -2.08
CA ASP A 20 8.30 3.24 -1.74
C ASP A 20 8.95 4.52 -2.25
N LYS A 21 8.63 5.64 -1.61
CA LYS A 21 9.20 6.93 -2.03
C LYS A 21 10.72 6.85 -2.02
N ASP A 22 11.28 6.36 -0.91
CA ASP A 22 12.72 6.26 -0.79
C ASP A 22 13.26 5.34 -1.89
N GLY A 23 12.36 4.56 -2.47
CA GLY A 23 12.74 3.64 -3.55
C GLY A 23 13.88 2.71 -3.12
N ASP A 24 13.82 2.21 -1.90
CA ASP A 24 14.88 1.32 -1.41
C ASP A 24 14.50 -0.14 -1.65
N GLY A 25 13.30 -0.38 -2.17
CA GLY A 25 12.84 -1.74 -2.45
C GLY A 25 11.81 -2.20 -1.41
N THR A 26 11.47 -1.29 -0.49
CA THR A 26 10.50 -1.60 0.56
C THR A 26 9.65 -0.38 0.86
N ILE A 27 8.55 -0.58 1.58
CA ILE A 27 7.66 0.52 1.95
C ILE A 27 7.76 0.75 3.45
N THR A 28 7.93 2.01 3.85
CA THR A 28 8.06 2.36 5.28
C THR A 28 6.86 3.17 5.75
N THR A 29 6.70 3.25 7.08
CA THR A 29 5.58 3.98 7.66
C THR A 29 5.58 5.43 7.17
N LYS A 30 6.76 6.02 7.11
CA LYS A 30 6.91 7.41 6.67
C LYS A 30 6.60 7.53 5.17
N GLU A 31 7.10 6.58 4.39
CA GLU A 31 6.87 6.59 2.95
C GLU A 31 5.37 6.58 2.66
N LEU A 32 4.70 5.52 3.08
CA LEU A 32 3.27 5.41 2.89
C LEU A 32 2.54 6.52 3.66
N GLY A 33 2.94 6.75 4.90
CA GLY A 33 2.28 7.76 5.71
C GLY A 33 2.22 9.08 4.98
N THR A 34 3.33 9.45 4.36
CA THR A 34 3.40 10.70 3.62
C THR A 34 2.40 10.67 2.47
N VAL A 35 2.36 9.56 1.74
CA VAL A 35 1.44 9.42 0.63
C VAL A 35 -0.02 9.53 1.09
N MET A 36 -0.32 8.95 2.22
CA MET A 36 -1.69 9.02 2.75
C MET A 36 -2.07 10.45 3.16
N ARG A 37 -1.18 11.11 3.90
CA ARG A 37 -1.44 12.47 4.35
C ARG A 37 -1.40 13.45 3.17
N SER A 38 -0.33 13.36 2.37
CA SER A 38 -0.18 14.25 1.22
C SER A 38 -1.42 14.21 0.35
N LEU A 39 -2.21 13.14 0.48
CA LEU A 39 -3.43 13.01 -0.32
C LEU A 39 -4.59 13.77 0.32
N GLY A 40 -4.41 14.20 1.56
CA GLY A 40 -5.44 14.97 2.27
C GLY A 40 -6.26 14.08 3.20
N GLN A 41 -5.75 12.91 3.53
CA GLN A 41 -6.46 12.00 4.41
C GLN A 41 -6.23 12.37 5.88
N ASN A 42 -7.34 12.59 6.60
CA ASN A 42 -7.27 12.97 8.02
C ASN A 42 -6.22 12.17 8.77
N PRO A 43 -5.69 12.69 9.86
CA PRO A 43 -4.67 11.98 10.68
C PRO A 43 -4.98 10.49 10.79
N THR A 44 -4.33 9.68 9.97
CA THR A 44 -4.53 8.23 9.99
C THR A 44 -3.20 7.51 9.91
N GLU A 45 -2.11 8.28 9.82
CA GLU A 45 -0.77 7.70 9.76
C GLU A 45 -0.55 6.74 10.93
N ALA A 46 -1.37 6.90 11.96
CA ALA A 46 -1.26 6.03 13.14
C ALA A 46 -1.91 4.68 12.86
N GLU A 47 -3.04 4.72 12.16
CA GLU A 47 -3.77 3.50 11.81
C GLU A 47 -2.86 2.58 11.00
N LEU A 48 -2.20 3.16 10.00
CA LEU A 48 -1.29 2.39 9.16
C LEU A 48 -0.11 1.86 9.99
N GLN A 49 0.53 2.77 10.71
CA GLN A 49 1.68 2.41 11.53
C GLN A 49 1.37 1.15 12.33
N ASP A 50 0.17 1.10 12.88
CA ASP A 50 -0.25 -0.05 13.68
C ASP A 50 -0.41 -1.29 12.80
N MET A 51 -0.95 -1.09 11.59
CA MET A 51 -1.16 -2.20 10.67
C MET A 51 0.17 -2.82 10.26
N ILE A 52 1.13 -1.98 9.88
CA ILE A 52 2.43 -2.47 9.46
C ILE A 52 3.11 -3.18 10.63
N ASN A 53 3.01 -2.59 11.82
CA ASN A 53 3.61 -3.16 13.01
C ASN A 53 3.17 -4.62 13.19
N GLU A 54 2.10 -5.00 12.51
CA GLU A 54 1.58 -6.37 12.60
C GLU A 54 2.04 -7.23 11.41
N VAL A 55 1.67 -6.81 10.20
CA VAL A 55 2.04 -7.55 8.99
C VAL A 55 3.53 -7.43 8.66
N ASP A 56 4.37 -7.27 9.68
CA ASP A 56 5.81 -7.13 9.45
C ASP A 56 6.47 -8.51 9.45
N ALA A 57 7.01 -8.91 8.29
CA ALA A 57 7.64 -10.22 8.15
C ALA A 57 8.82 -10.39 9.10
N ASP A 58 9.90 -9.64 8.89
CA ASP A 58 11.09 -9.76 9.74
C ASP A 58 11.04 -8.78 10.91
N GLY A 59 10.02 -7.95 10.96
CA GLY A 59 9.90 -6.97 12.04
C GLY A 59 10.79 -5.76 11.75
N ASN A 60 11.19 -5.65 10.49
CA ASN A 60 12.07 -4.57 10.06
C ASN A 60 11.32 -3.24 10.05
N GLY A 61 10.01 -3.34 9.98
CA GLY A 61 9.16 -2.15 9.95
C GLY A 61 8.87 -1.72 8.53
N THR A 62 9.04 -2.66 7.58
CA THR A 62 8.80 -2.37 6.17
C THR A 62 8.05 -3.51 5.50
N ILE A 63 7.42 -3.22 4.36
CA ILE A 63 6.67 -4.23 3.60
C ILE A 63 7.40 -4.58 2.31
N ASP A 64 7.59 -5.88 2.08
CA ASP A 64 8.29 -6.34 0.87
C ASP A 64 7.31 -6.63 -0.26
N PHE A 65 7.84 -7.07 -1.39
CA PHE A 65 7.05 -7.37 -2.58
C PHE A 65 5.83 -8.27 -2.26
N PRO A 66 6.06 -9.52 -1.90
CA PRO A 66 4.96 -10.50 -1.64
C PRO A 66 4.01 -10.04 -0.52
N GLU A 67 4.57 -9.62 0.59
CA GLU A 67 3.78 -9.18 1.72
C GLU A 67 2.75 -8.16 1.29
N PHE A 68 3.18 -7.16 0.54
CA PHE A 68 2.27 -6.14 0.08
C PHE A 68 1.17 -6.77 -0.75
N LEU A 69 1.56 -7.59 -1.70
CA LEU A 69 0.57 -8.23 -2.55
C LEU A 69 -0.38 -9.06 -1.71
N THR A 70 0.14 -9.99 -0.93
CA THR A 70 -0.70 -10.88 -0.14
C THR A 70 -1.62 -10.09 0.77
N MET A 71 -1.04 -9.36 1.72
CA MET A 71 -1.84 -8.57 2.66
C MET A 71 -2.99 -7.85 1.95
N MET A 72 -2.84 -7.58 0.65
CA MET A 72 -3.90 -6.89 -0.09
C MET A 72 -4.98 -7.89 -0.55
N ALA A 73 -4.55 -9.13 -0.78
CA ALA A 73 -5.44 -10.19 -1.25
C ALA A 73 -5.96 -11.05 -0.11
N ARG A 74 -5.80 -10.56 1.12
CA ARG A 74 -6.24 -11.30 2.30
C ARG A 74 -7.55 -10.73 2.83
N LYS A 75 -7.99 -9.62 2.23
CA LYS A 75 -9.24 -8.97 2.62
C LYS A 75 -9.20 -8.57 4.10
N MET A 76 -8.01 -8.21 4.57
CA MET A 76 -7.81 -7.80 5.96
C MET A 76 -9.00 -6.95 6.44
N LYS A 77 -9.75 -7.51 7.39
CA LYS A 77 -10.92 -6.83 7.93
C LYS A 77 -11.42 -7.57 9.16
N GLY B 1 -14.37 -4.09 11.40
CA GLY B 1 -13.00 -3.88 10.83
C GLY B 1 -13.01 -2.63 9.96
N THR B 2 -12.21 -1.63 10.34
CA THR B 2 -12.11 -0.37 9.59
C THR B 2 -10.65 -0.07 9.24
N GLY B 3 -10.41 0.29 7.98
CA GLY B 3 -9.07 0.59 7.51
C GLY B 3 -8.43 -0.63 6.85
N ALA B 4 -7.29 -1.05 7.38
CA ALA B 4 -6.56 -2.22 6.88
C ALA B 4 -6.72 -2.37 5.36
N ALA B 5 -7.54 -3.33 4.94
CA ALA B 5 -7.74 -3.59 3.52
C ALA B 5 -8.31 -2.35 2.81
N LEU B 6 -9.24 -1.67 3.48
CA LEU B 6 -9.85 -0.47 2.91
C LEU B 6 -8.79 0.62 2.73
N SER B 7 -7.92 0.74 3.72
CA SER B 7 -6.86 1.74 3.68
C SER B 7 -5.98 1.53 2.46
N TRP B 8 -5.64 0.27 2.21
CA TRP B 8 -4.81 -0.08 1.08
C TRP B 8 -5.54 0.20 -0.24
N GLN B 9 -6.80 -0.21 -0.31
CA GLN B 9 -7.61 0.01 -1.52
C GLN B 9 -7.87 1.50 -1.76
N ALA B 10 -8.11 2.25 -0.69
CA ALA B 10 -8.38 3.69 -0.83
C ALA B 10 -7.11 4.44 -1.26
N ALA B 11 -5.96 4.01 -0.74
CA ALA B 11 -4.70 4.67 -1.06
C ALA B 11 -4.31 4.44 -2.51
N ILE B 12 -4.47 3.20 -2.97
CA ILE B 12 -4.11 2.86 -4.34
C ILE B 12 -5.03 3.58 -5.33
N ASP B 13 -6.31 3.66 -4.99
CA ASP B 13 -7.28 4.29 -5.86
C ASP B 13 -6.94 5.76 -6.06
N ALA B 14 -6.56 6.41 -4.97
CA ALA B 14 -6.19 7.82 -5.05
C ALA B 14 -4.86 7.99 -5.77
N ALA B 15 -3.94 7.08 -5.53
CA ALA B 15 -2.63 7.13 -6.18
C ALA B 15 -2.79 6.97 -7.68
N ARG B 16 -3.67 6.06 -8.07
CA ARG B 16 -3.92 5.82 -9.49
C ARG B 16 -4.47 7.07 -10.16
N GLN B 17 -5.48 7.67 -9.53
CA GLN B 17 -6.09 8.87 -10.08
C GLN B 17 -5.08 10.01 -10.09
N ALA B 18 -4.31 10.10 -9.01
CA ALA B 18 -3.29 11.13 -8.89
C ALA B 18 -2.21 10.94 -9.93
N LYS B 19 -1.85 9.69 -10.19
CA LYS B 19 -0.82 9.38 -11.18
C LYS B 19 -1.24 9.85 -12.57
N LEU B 20 -2.47 9.51 -12.94
CA LEU B 20 -3.00 9.90 -14.26
C LEU B 20 -3.08 11.41 -14.39
N MET B 21 -3.54 12.07 -13.33
CA MET B 21 -3.67 13.53 -13.34
C MET B 21 -2.30 14.20 -13.45
N GLY B 22 -1.31 13.64 -12.78
CA GLY B 22 0.04 14.18 -12.81
C GLY B 22 0.23 15.32 -11.80
N SER B 23 -0.82 15.61 -11.02
CA SER B 23 -0.75 16.67 -10.02
C SER B 23 -1.36 16.20 -8.70
N ALA B 24 -0.90 16.79 -7.60
CA ALA B 24 -1.39 16.43 -6.27
C ALA B 24 -1.30 17.62 -5.33
CA CA C . 11.86 2.36 2.52
CA CA D . 9.69 -6.46 4.81
N ALA A 1 1.99 -24.91 -12.73
CA ALA A 1 0.80 -24.15 -12.26
C ALA A 1 1.04 -22.67 -12.55
N ASP A 2 0.18 -22.12 -13.39
CA ASP A 2 0.30 -20.73 -13.79
C ASP A 2 -0.04 -19.78 -12.64
N GLN A 3 0.66 -18.65 -12.61
CA GLN A 3 0.43 -17.66 -11.56
C GLN A 3 -0.91 -16.96 -11.76
N LEU A 4 -1.30 -16.13 -10.80
CA LEU A 4 -2.58 -15.42 -10.87
C LEU A 4 -2.85 -14.90 -12.29
N THR A 5 -2.40 -13.68 -12.57
CA THR A 5 -2.59 -13.07 -13.89
C THR A 5 -1.55 -11.99 -14.15
N GLU A 6 -1.11 -11.87 -15.39
CA GLU A 6 -0.12 -10.87 -15.75
C GLU A 6 -0.47 -9.51 -15.15
N GLU A 7 -1.64 -9.01 -15.49
CA GLU A 7 -2.07 -7.73 -14.97
C GLU A 7 -1.86 -7.65 -13.45
N GLN A 8 -2.48 -8.57 -12.73
CA GLN A 8 -2.40 -8.58 -11.26
C GLN A 8 -0.99 -8.32 -10.75
N ILE A 9 -0.01 -9.11 -11.18
CA ILE A 9 1.35 -8.90 -10.69
C ILE A 9 1.85 -7.50 -11.06
N ALA A 10 1.68 -7.12 -12.31
CA ALA A 10 2.11 -5.80 -12.75
C ALA A 10 1.45 -4.73 -11.90
N GLU A 11 0.14 -4.88 -11.71
CA GLU A 11 -0.63 -3.93 -10.91
C GLU A 11 -0.01 -3.75 -9.52
N PHE A 12 0.43 -4.85 -8.91
CA PHE A 12 1.05 -4.78 -7.60
C PHE A 12 2.33 -3.95 -7.66
N LYS A 13 3.14 -4.20 -8.68
CA LYS A 13 4.40 -3.48 -8.84
C LYS A 13 4.13 -1.98 -8.96
N GLU A 14 3.13 -1.64 -9.77
CA GLU A 14 2.78 -0.23 -9.97
C GLU A 14 2.44 0.42 -8.64
N ALA A 15 1.47 -0.18 -7.92
CA ALA A 15 1.07 0.35 -6.63
C ALA A 15 2.26 0.40 -5.68
N PHE A 16 3.06 -0.66 -5.69
CA PHE A 16 4.25 -0.71 -4.85
C PHE A 16 5.18 0.47 -5.15
N SER A 17 5.49 0.66 -6.43
CA SER A 17 6.39 1.74 -6.85
C SER A 17 5.86 3.10 -6.39
N LEU A 18 4.54 3.23 -6.33
CA LEU A 18 3.94 4.51 -5.91
C LEU A 18 4.20 4.78 -4.43
N PHE A 19 4.10 3.75 -3.61
CA PHE A 19 4.32 3.91 -2.18
C PHE A 19 5.80 3.93 -1.83
N ASP A 20 6.58 3.04 -2.41
CA ASP A 20 8.01 2.99 -2.12
C ASP A 20 8.72 4.27 -2.59
N LYS A 21 8.33 5.42 -2.04
CA LYS A 21 8.93 6.69 -2.44
C LYS A 21 10.45 6.59 -2.35
N ASP A 22 10.94 5.99 -1.26
CA ASP A 22 12.38 5.85 -1.08
C ASP A 22 12.96 5.00 -2.21
N GLY A 23 12.10 4.24 -2.89
CA GLY A 23 12.53 3.42 -4.01
C GLY A 23 13.64 2.45 -3.61
N ASP A 24 13.56 1.91 -2.39
CA ASP A 24 14.58 0.97 -1.92
C ASP A 24 14.12 -0.49 -2.08
N GLY A 25 12.81 -0.67 -2.25
CA GLY A 25 12.23 -2.01 -2.41
C GLY A 25 11.33 -2.38 -1.25
N THR A 26 11.05 -1.39 -0.40
CA THR A 26 10.18 -1.61 0.77
C THR A 26 9.31 -0.38 1.01
N ILE A 27 8.17 -0.59 1.65
CA ILE A 27 7.27 0.51 1.98
C ILE A 27 7.23 0.68 3.50
N THR A 28 7.50 1.89 3.97
CA THR A 28 7.51 2.17 5.42
C THR A 28 6.39 3.13 5.80
N THR A 29 6.28 3.40 7.10
CA THR A 29 5.24 4.30 7.60
C THR A 29 5.42 5.71 7.02
N LYS A 30 6.67 6.13 6.89
CA LYS A 30 6.98 7.45 6.36
C LYS A 30 6.62 7.55 4.88
N GLU A 31 7.00 6.53 4.11
CA GLU A 31 6.70 6.50 2.68
C GLU A 31 5.19 6.59 2.46
N LEU A 32 4.48 5.58 2.94
CA LEU A 32 3.03 5.56 2.80
C LEU A 32 2.40 6.74 3.51
N GLY A 33 2.80 6.95 4.77
CA GLY A 33 2.25 8.05 5.55
C GLY A 33 2.30 9.33 4.75
N THR A 34 3.40 9.54 4.04
CA THR A 34 3.56 10.73 3.22
C THR A 34 2.47 10.77 2.17
N VAL A 35 2.32 9.67 1.40
CA VAL A 35 1.30 9.61 0.36
C VAL A 35 -0.10 9.77 0.94
N MET A 36 -0.33 9.16 2.09
CA MET A 36 -1.65 9.24 2.74
C MET A 36 -1.94 10.67 3.20
N ARG A 37 -0.89 11.41 3.51
CA ARG A 37 -1.06 12.78 3.97
C ARG A 37 -1.42 13.71 2.80
N SER A 38 -0.64 13.64 1.72
CA SER A 38 -0.88 14.50 0.55
C SER A 38 -2.27 14.23 -0.03
N LEU A 39 -2.73 13.01 0.11
CA LEU A 39 -4.05 12.61 -0.40
C LEU A 39 -5.17 13.27 0.40
N GLY A 40 -4.92 13.53 1.68
CA GLY A 40 -5.91 14.17 2.55
C GLY A 40 -6.51 13.18 3.54
N GLN A 41 -5.83 12.06 3.76
CA GLN A 41 -6.32 11.05 4.70
C GLN A 41 -6.02 11.46 6.15
N ASN A 42 -6.82 10.93 7.07
CA ASN A 42 -6.69 11.24 8.49
C ASN A 42 -5.21 11.39 8.89
N PRO A 43 -4.89 12.31 9.76
CA PRO A 43 -3.49 12.53 10.23
C PRO A 43 -3.01 11.41 11.16
N THR A 44 -3.94 10.53 11.53
CA THR A 44 -3.61 9.42 12.42
C THR A 44 -2.49 8.56 11.84
N GLU A 45 -1.27 9.04 11.95
CA GLU A 45 -0.09 8.32 11.46
C GLU A 45 0.17 7.08 12.33
N ALA A 46 -0.58 7.00 13.43
CA ALA A 46 -0.46 5.87 14.34
C ALA A 46 -1.09 4.61 13.73
N GLU A 47 -2.19 4.81 13.01
CA GLU A 47 -2.89 3.71 12.38
C GLU A 47 -1.94 2.95 11.45
N LEU A 48 -1.20 3.71 10.62
CA LEU A 48 -0.25 3.10 9.70
C LEU A 48 0.83 2.35 10.47
N GLN A 49 1.41 3.02 11.48
CA GLN A 49 2.46 2.40 12.29
C GLN A 49 2.00 1.05 12.83
N ASP A 50 0.78 1.02 13.35
CA ASP A 50 0.23 -0.22 13.91
C ASP A 50 -0.16 -1.20 12.80
N MET A 51 -0.75 -0.69 11.72
CA MET A 51 -1.18 -1.55 10.62
C MET A 51 0.02 -2.26 10.00
N ILE A 52 1.07 -1.50 9.68
CA ILE A 52 2.26 -2.09 9.10
C ILE A 52 2.91 -3.04 10.10
N ASN A 53 2.96 -2.62 11.36
CA ASN A 53 3.56 -3.42 12.41
C ASN A 53 2.88 -4.79 12.51
N GLU A 54 1.57 -4.81 12.28
CA GLU A 54 0.82 -6.07 12.36
C GLU A 54 1.22 -7.02 11.23
N VAL A 55 1.36 -6.50 10.01
CA VAL A 55 1.72 -7.34 8.86
C VAL A 55 3.22 -7.31 8.59
N ASP A 56 4.01 -6.86 9.57
CA ASP A 56 5.47 -6.80 9.40
C ASP A 56 6.04 -8.19 9.12
N ALA A 57 7.25 -8.46 9.62
CA ALA A 57 7.89 -9.76 9.40
C ALA A 57 8.91 -10.06 10.50
N ASP A 58 9.99 -9.28 10.56
CA ASP A 58 11.04 -9.49 11.57
C ASP A 58 10.87 -8.53 12.75
N GLY A 59 9.73 -7.86 12.82
CA GLY A 59 9.49 -6.90 13.90
C GLY A 59 10.28 -5.63 13.66
N ASN A 60 10.70 -5.45 12.40
CA ASN A 60 11.48 -4.27 12.00
C ASN A 60 10.62 -3.35 11.14
N GLY A 61 9.37 -3.75 10.90
CA GLY A 61 8.45 -2.95 10.08
C GLY A 61 8.87 -3.01 8.63
N THR A 62 8.08 -2.40 7.74
CA THR A 62 8.37 -2.36 6.30
C THR A 62 7.70 -3.52 5.57
N ILE A 63 7.13 -3.22 4.40
CA ILE A 63 6.45 -4.25 3.60
C ILE A 63 7.31 -4.63 2.39
N ASP A 64 7.40 -5.94 2.15
CA ASP A 64 8.20 -6.46 1.04
C ASP A 64 7.36 -6.68 -0.21
N PHE A 65 8.02 -7.08 -1.29
CA PHE A 65 7.37 -7.31 -2.57
C PHE A 65 6.18 -8.29 -2.43
N PRO A 66 6.43 -9.53 -2.09
CA PRO A 66 5.36 -10.56 -1.98
C PRO A 66 4.29 -10.19 -0.95
N GLU A 67 4.72 -9.71 0.20
CA GLU A 67 3.80 -9.34 1.26
C GLU A 67 2.67 -8.46 0.73
N PHE A 68 3.04 -7.37 0.09
CA PHE A 68 2.05 -6.46 -0.46
C PHE A 68 1.19 -7.16 -1.51
N LEU A 69 1.85 -7.84 -2.42
CA LEU A 69 1.15 -8.56 -3.48
C LEU A 69 0.15 -9.53 -2.89
N THR A 70 0.42 -10.00 -1.67
CA THR A 70 -0.48 -10.95 -1.02
C THR A 70 -1.57 -10.25 -0.21
N MET A 71 -1.17 -9.59 0.88
CA MET A 71 -2.12 -8.90 1.75
C MET A 71 -3.10 -8.06 0.94
N MET A 72 -2.76 -7.77 -0.32
CA MET A 72 -3.64 -6.97 -1.17
C MET A 72 -4.68 -7.85 -1.88
N ALA A 73 -4.33 -9.12 -2.08
CA ALA A 73 -5.22 -10.07 -2.76
C ALA A 73 -6.18 -10.73 -1.78
N ARG A 74 -6.44 -10.07 -0.66
CA ARG A 74 -7.35 -10.60 0.36
C ARG A 74 -8.80 -10.23 0.04
N LYS A 75 -8.97 -9.51 -1.06
CA LYS A 75 -10.32 -9.08 -1.49
C LYS A 75 -10.91 -10.08 -2.48
N MET A 76 -10.52 -11.35 -2.33
CA MET A 76 -11.02 -12.41 -3.21
C MET A 76 -11.86 -13.40 -2.42
N LYS A 77 -13.04 -13.70 -2.95
CA LYS A 77 -13.95 -14.63 -2.30
C LYS A 77 -13.32 -16.02 -2.21
N GLY B 1 -13.10 4.17 11.16
CA GLY B 1 -13.66 2.81 10.89
C GLY B 1 -13.24 2.35 9.50
N THR B 2 -11.92 2.26 9.27
CA THR B 2 -11.40 1.81 7.97
C THR B 2 -10.54 0.57 8.14
N GLY B 3 -10.87 -0.48 7.38
CA GLY B 3 -10.14 -1.73 7.44
C GLY B 3 -8.80 -1.63 6.72
N ALA B 4 -7.90 -2.54 7.05
CA ALA B 4 -6.56 -2.56 6.45
C ALA B 4 -6.61 -2.70 4.92
N ALA B 5 -7.36 -3.69 4.43
CA ALA B 5 -7.47 -3.93 2.99
C ALA B 5 -8.11 -2.74 2.29
N LEU B 6 -9.13 -2.17 2.93
CA LEU B 6 -9.84 -1.03 2.38
C LEU B 6 -8.89 0.16 2.26
N SER B 7 -8.06 0.33 3.27
CA SER B 7 -7.10 1.43 3.30
C SER B 7 -6.15 1.32 2.11
N TRP B 8 -5.66 0.11 1.88
CA TRP B 8 -4.74 -0.14 0.78
C TRP B 8 -5.42 0.14 -0.56
N GLN B 9 -6.65 -0.36 -0.73
CA GLN B 9 -7.40 -0.16 -1.96
C GLN B 9 -7.74 1.32 -2.17
N ALA B 10 -8.17 1.99 -1.10
CA ALA B 10 -8.54 3.40 -1.19
C ALA B 10 -7.35 4.26 -1.61
N ALA B 11 -6.17 3.92 -1.11
CA ALA B 11 -4.97 4.67 -1.44
C ALA B 11 -4.62 4.52 -2.92
N ILE B 12 -4.82 3.32 -3.46
CA ILE B 12 -4.54 3.05 -4.86
C ILE B 12 -5.47 3.86 -5.76
N ASP B 13 -6.75 3.88 -5.41
CA ASP B 13 -7.75 4.61 -6.18
C ASP B 13 -7.42 6.10 -6.22
N ALA B 14 -7.11 6.67 -5.07
CA ALA B 14 -6.76 8.08 -4.99
C ALA B 14 -5.41 8.35 -5.64
N ALA B 15 -4.47 7.43 -5.43
CA ALA B 15 -3.14 7.57 -6.00
C ALA B 15 -3.22 7.50 -7.52
N ARG B 16 -4.05 6.61 -8.03
CA ARG B 16 -4.23 6.45 -9.46
C ARG B 16 -4.79 7.74 -10.08
N GLN B 17 -5.80 8.30 -9.45
CA GLN B 17 -6.41 9.53 -9.95
C GLN B 17 -5.40 10.67 -9.88
N ALA B 18 -4.62 10.68 -8.80
CA ALA B 18 -3.60 11.72 -8.61
C ALA B 18 -2.53 11.61 -9.70
N LYS B 19 -2.16 10.38 -10.05
CA LYS B 19 -1.16 10.15 -11.08
C LYS B 19 -1.66 10.67 -12.44
N LEU B 20 -2.93 10.40 -12.73
CA LEU B 20 -3.51 10.83 -14.00
C LEU B 20 -3.52 12.36 -14.12
N MET B 21 -3.88 13.03 -13.04
CA MET B 21 -3.93 14.49 -13.03
C MET B 21 -2.52 15.08 -13.17
N GLY B 22 -1.54 14.43 -12.56
CA GLY B 22 -0.15 14.90 -12.63
C GLY B 22 0.20 15.81 -11.45
N SER B 23 -0.68 15.88 -10.45
CA SER B 23 -0.44 16.71 -9.27
C SER B 23 -0.84 15.98 -8.00
N ALA B 24 -0.02 16.12 -6.96
CA ALA B 24 -0.28 15.46 -5.68
C ALA B 24 -1.00 16.42 -4.74
CA CA C . 11.80 1.90 2.33
CA CA D . 9.19 -6.80 5.42
N ALA A 1 -3.02 -21.04 -13.43
CA ALA A 1 -3.27 -19.58 -13.33
C ALA A 1 -4.71 -19.37 -12.85
N ASP A 2 -5.06 -20.14 -11.83
CA ASP A 2 -6.41 -20.08 -11.26
C ASP A 2 -6.71 -18.71 -10.69
N GLN A 3 -5.73 -18.12 -10.00
CA GLN A 3 -5.92 -16.81 -9.38
C GLN A 3 -4.64 -15.98 -9.51
N LEU A 4 -4.78 -14.66 -9.45
CA LEU A 4 -3.63 -13.77 -9.55
C LEU A 4 -2.72 -14.15 -10.71
N THR A 5 -3.02 -13.61 -11.88
CA THR A 5 -2.26 -13.88 -13.10
C THR A 5 -1.19 -12.81 -13.31
N GLU A 6 -0.86 -12.56 -14.57
CA GLU A 6 0.15 -11.57 -14.89
C GLU A 6 -0.35 -10.17 -14.58
N GLU A 7 -1.60 -9.92 -14.90
CA GLU A 7 -2.18 -8.62 -14.66
C GLU A 7 -1.96 -8.19 -13.21
N GLN A 8 -2.53 -8.94 -12.29
CA GLN A 8 -2.46 -8.61 -10.87
C GLN A 8 -1.04 -8.29 -10.39
N ILE A 9 -0.09 -9.17 -10.63
CA ILE A 9 1.27 -8.91 -10.16
C ILE A 9 1.76 -7.56 -10.66
N ALA A 10 1.51 -7.26 -11.92
CA ALA A 10 1.93 -5.98 -12.47
C ALA A 10 1.27 -4.84 -11.69
N GLU A 11 0.01 -5.04 -11.34
CA GLU A 11 -0.75 -4.03 -10.60
C GLU A 11 -0.07 -3.70 -9.28
N PHE A 12 0.34 -4.73 -8.54
CA PHE A 12 1.01 -4.51 -7.27
C PHE A 12 2.33 -3.75 -7.48
N LYS A 13 3.08 -4.15 -8.49
CA LYS A 13 4.35 -3.51 -8.78
C LYS A 13 4.16 -2.01 -8.95
N GLU A 14 3.12 -1.62 -9.68
CA GLU A 14 2.84 -0.21 -9.91
C GLU A 14 2.56 0.48 -8.58
N ALA A 15 1.61 -0.04 -7.83
CA ALA A 15 1.26 0.54 -6.53
C ALA A 15 2.48 0.58 -5.63
N PHE A 16 3.27 -0.49 -5.67
CA PHE A 16 4.48 -0.56 -4.86
C PHE A 16 5.42 0.60 -5.19
N SER A 17 5.67 0.80 -6.48
CA SER A 17 6.56 1.86 -6.92
C SER A 17 6.07 3.22 -6.44
N LEU A 18 4.75 3.38 -6.33
CA LEU A 18 4.20 4.65 -5.89
C LEU A 18 4.47 4.91 -4.41
N PHE A 19 4.28 3.89 -3.57
CA PHE A 19 4.49 4.04 -2.14
C PHE A 19 5.98 4.12 -1.80
N ASP A 20 6.77 3.23 -2.40
CA ASP A 20 8.21 3.22 -2.12
C ASP A 20 8.87 4.52 -2.58
N LYS A 21 8.58 5.61 -1.88
CA LYS A 21 9.15 6.91 -2.24
C LYS A 21 10.67 6.83 -2.22
N ASP A 22 11.23 6.30 -1.13
CA ASP A 22 12.67 6.21 -1.01
C ASP A 22 13.22 5.36 -2.15
N GLY A 23 12.34 4.58 -2.77
CA GLY A 23 12.72 3.73 -3.90
C GLY A 23 13.83 2.75 -3.54
N ASP A 24 13.75 2.15 -2.34
CA ASP A 24 14.77 1.18 -1.92
C ASP A 24 14.27 -0.26 -2.12
N GLY A 25 12.98 -0.39 -2.48
CA GLY A 25 12.39 -1.72 -2.68
C GLY A 25 11.55 -2.14 -1.48
N THR A 26 11.31 -1.19 -0.57
CA THR A 26 10.52 -1.46 0.62
C THR A 26 9.63 -0.27 0.95
N ILE A 27 8.47 -0.54 1.57
CA ILE A 27 7.55 0.53 1.96
C ILE A 27 7.56 0.67 3.48
N THR A 28 7.42 1.90 3.96
CA THR A 28 7.42 2.16 5.39
C THR A 28 6.36 3.19 5.77
N THR A 29 6.05 3.25 7.06
CA THR A 29 5.03 4.17 7.55
C THR A 29 5.30 5.59 7.05
N LYS A 30 6.56 6.00 7.09
CA LYS A 30 6.94 7.35 6.67
C LYS A 30 6.67 7.56 5.17
N GLU A 31 7.04 6.57 4.36
CA GLU A 31 6.84 6.65 2.91
C GLU A 31 5.36 6.71 2.60
N LEU A 32 4.65 5.65 2.97
CA LEU A 32 3.22 5.59 2.73
C LEU A 32 2.51 6.71 3.50
N GLY A 33 2.90 6.91 4.74
CA GLY A 33 2.26 7.92 5.55
C GLY A 33 2.30 9.27 4.85
N THR A 34 3.44 9.58 4.25
CA THR A 34 3.59 10.83 3.54
C THR A 34 2.57 10.91 2.41
N VAL A 35 2.47 9.84 1.63
CA VAL A 35 1.51 9.80 0.53
C VAL A 35 0.09 9.96 1.04
N MET A 36 -0.21 9.31 2.17
CA MET A 36 -1.55 9.41 2.75
C MET A 36 -1.85 10.85 3.20
N ARG A 37 -0.85 11.51 3.78
CA ARG A 37 -1.04 12.89 4.25
C ARG A 37 -1.20 13.85 3.06
N SER A 38 -0.28 13.77 2.11
CA SER A 38 -0.31 14.64 0.94
C SER A 38 -1.67 14.60 0.27
N LEU A 39 -2.31 13.44 0.33
CA LEU A 39 -3.63 13.26 -0.27
C LEU A 39 -4.69 14.04 0.49
N GLY A 40 -4.39 14.41 1.74
CA GLY A 40 -5.33 15.18 2.55
C GLY A 40 -6.10 14.30 3.53
N GLN A 41 -5.51 13.15 3.87
CA GLN A 41 -6.15 12.24 4.80
C GLN A 41 -5.91 12.67 6.25
N ASN A 42 -7.01 12.81 7.00
CA ASN A 42 -6.94 13.24 8.40
C ASN A 42 -5.91 12.42 9.19
N PRO A 43 -5.73 12.71 10.46
CA PRO A 43 -4.76 11.96 11.33
C PRO A 43 -5.13 10.48 11.43
N THR A 44 -4.42 9.65 10.66
CA THR A 44 -4.67 8.21 10.68
C THR A 44 -3.37 7.47 10.40
N GLU A 45 -2.28 8.21 10.25
CA GLU A 45 -0.97 7.62 10.00
C GLU A 45 -0.63 6.60 11.09
N ALA A 46 -1.36 6.67 12.19
CA ALA A 46 -1.15 5.74 13.30
C ALA A 46 -1.68 4.36 12.96
N GLU A 47 -2.85 4.34 12.33
CA GLU A 47 -3.48 3.09 11.95
C GLU A 47 -2.50 2.27 11.11
N LEU A 48 -1.91 2.90 10.11
CA LEU A 48 -0.96 2.22 9.25
C LEU A 48 0.26 1.78 10.05
N GLN A 49 0.80 2.69 10.84
CA GLN A 49 1.99 2.37 11.64
C GLN A 49 1.81 1.05 12.38
N ASP A 50 0.67 0.92 13.04
CA ASP A 50 0.37 -0.29 13.79
C ASP A 50 0.12 -1.49 12.87
N MET A 51 -0.58 -1.25 11.76
CA MET A 51 -0.89 -2.31 10.81
C MET A 51 0.39 -2.85 10.17
N ILE A 52 1.30 -1.95 9.79
CA ILE A 52 2.55 -2.37 9.18
C ILE A 52 3.37 -3.19 10.18
N ASN A 53 3.44 -2.71 11.40
CA ASN A 53 4.18 -3.38 12.45
C ASN A 53 3.60 -4.77 12.73
N GLU A 54 2.28 -4.91 12.56
CA GLU A 54 1.62 -6.18 12.81
C GLU A 54 1.81 -7.17 11.65
N VAL A 55 1.43 -6.76 10.44
CA VAL A 55 1.54 -7.64 9.28
C VAL A 55 2.99 -7.98 8.95
N ASP A 56 3.91 -7.03 9.16
CA ASP A 56 5.33 -7.26 8.87
C ASP A 56 5.74 -8.67 9.29
N ALA A 57 6.39 -9.39 8.37
CA ALA A 57 6.83 -10.76 8.65
C ALA A 57 8.19 -10.80 9.34
N ASP A 58 9.11 -9.92 8.92
CA ASP A 58 10.45 -9.88 9.52
C ASP A 58 10.49 -8.98 10.75
N GLY A 59 9.51 -8.08 10.85
CA GLY A 59 9.46 -7.15 11.98
C GLY A 59 10.42 -5.99 11.73
N ASN A 60 10.82 -5.82 10.47
CA ASN A 60 11.73 -4.76 10.08
C ASN A 60 11.04 -3.41 10.15
N GLY A 61 9.72 -3.45 10.12
CA GLY A 61 8.92 -2.23 10.17
C GLY A 61 8.55 -1.75 8.77
N THR A 62 8.86 -2.57 7.76
CA THR A 62 8.55 -2.22 6.37
C THR A 62 7.84 -3.38 5.68
N ILE A 63 7.17 -3.06 4.57
CA ILE A 63 6.44 -4.07 3.80
C ILE A 63 7.22 -4.42 2.53
N ASP A 64 7.50 -5.70 2.36
CA ASP A 64 8.26 -6.17 1.19
C ASP A 64 7.32 -6.56 0.04
N PHE A 65 7.91 -7.06 -1.04
CA PHE A 65 7.16 -7.45 -2.23
C PHE A 65 6.02 -8.44 -1.89
N PRO A 66 6.28 -9.45 -1.09
CA PRO A 66 5.29 -10.51 -0.77
C PRO A 66 4.21 -10.04 0.21
N GLU A 67 4.65 -9.45 1.31
CA GLU A 67 3.73 -8.98 2.33
C GLU A 67 2.69 -8.06 1.72
N PHE A 68 3.14 -7.19 0.82
CA PHE A 68 2.23 -6.25 0.17
C PHE A 68 1.33 -6.98 -0.82
N LEU A 69 1.94 -7.51 -1.86
CA LEU A 69 1.22 -8.24 -2.88
C LEU A 69 0.26 -9.25 -2.24
N THR A 70 0.60 -9.70 -1.05
CA THR A 70 -0.23 -10.69 -0.35
C THR A 70 -1.38 -10.02 0.42
N MET A 71 -1.04 -9.35 1.51
CA MET A 71 -2.04 -8.69 2.35
C MET A 71 -3.03 -7.89 1.52
N MET A 72 -2.67 -7.57 0.27
CA MET A 72 -3.56 -6.82 -0.61
C MET A 72 -4.45 -7.75 -1.44
N ALA A 73 -3.93 -8.94 -1.75
CA ALA A 73 -4.66 -9.90 -2.57
C ALA A 73 -5.84 -10.51 -1.82
N ARG A 74 -6.01 -10.13 -0.56
CA ARG A 74 -7.11 -10.65 0.26
C ARG A 74 -8.16 -9.57 0.48
N LYS A 75 -7.91 -8.38 -0.05
CA LYS A 75 -8.85 -7.26 0.07
C LYS A 75 -10.07 -7.46 -0.83
N MET A 76 -9.84 -8.02 -2.02
CA MET A 76 -10.92 -8.27 -2.97
C MET A 76 -11.87 -9.33 -2.43
N LYS A 77 -11.58 -10.58 -2.78
CA LYS A 77 -12.40 -11.70 -2.34
C LYS A 77 -11.57 -12.98 -2.30
N GLY B 1 -14.10 4.18 12.91
CA GLY B 1 -12.77 3.59 13.19
C GLY B 1 -12.55 2.37 12.28
N THR B 2 -13.30 2.30 11.19
CA THR B 2 -13.16 1.18 10.26
C THR B 2 -11.73 1.10 9.73
N GLY B 3 -11.29 2.16 9.06
CA GLY B 3 -9.95 2.21 8.49
C GLY B 3 -9.53 0.85 7.94
N ALA B 4 -8.53 0.25 8.57
CA ALA B 4 -8.02 -1.07 8.16
C ALA B 4 -8.09 -1.27 6.64
N ALA B 5 -9.05 -2.08 6.20
CA ALA B 5 -9.21 -2.37 4.77
C ALA B 5 -9.50 -1.09 3.99
N LEU B 6 -10.34 -0.23 4.55
CA LEU B 6 -10.69 1.02 3.89
C LEU B 6 -9.45 1.89 3.73
N SER B 7 -8.65 1.97 4.79
CA SER B 7 -7.44 2.77 4.77
C SER B 7 -6.45 2.23 3.75
N TRP B 8 -6.17 0.94 3.88
CA TRP B 8 -5.23 0.29 2.99
C TRP B 8 -5.71 0.38 1.54
N GLN B 9 -6.99 0.06 1.33
CA GLN B 9 -7.56 0.11 -0.02
C GLN B 9 -7.62 1.54 -0.54
N ALA B 10 -7.91 2.49 0.34
CA ALA B 10 -8.00 3.89 -0.05
C ALA B 10 -6.68 4.39 -0.62
N ALA B 11 -5.57 3.90 -0.06
CA ALA B 11 -4.25 4.32 -0.51
C ALA B 11 -4.08 4.06 -2.01
N ILE B 12 -4.41 2.85 -2.45
CA ILE B 12 -4.29 2.49 -3.86
C ILE B 12 -5.27 3.31 -4.71
N ASP B 13 -6.50 3.44 -4.22
CA ASP B 13 -7.52 4.18 -4.93
C ASP B 13 -7.11 5.64 -5.12
N ALA B 14 -6.61 6.24 -4.04
CA ALA B 14 -6.18 7.63 -4.09
C ALA B 14 -4.92 7.76 -4.96
N ALA B 15 -4.01 6.81 -4.82
CA ALA B 15 -2.77 6.83 -5.59
C ALA B 15 -3.08 6.69 -7.07
N ARG B 16 -3.97 5.76 -7.39
CA ARG B 16 -4.36 5.52 -8.77
C ARG B 16 -5.01 6.77 -9.37
N GLN B 17 -5.92 7.37 -8.62
CA GLN B 17 -6.60 8.57 -9.09
C GLN B 17 -5.61 9.72 -9.20
N ALA B 18 -4.71 9.81 -8.23
CA ALA B 18 -3.69 10.85 -8.22
C ALA B 18 -2.78 10.71 -9.43
N LYS B 19 -2.41 9.47 -9.75
CA LYS B 19 -1.53 9.20 -10.88
C LYS B 19 -2.21 9.61 -12.18
N LEU B 20 -3.48 9.23 -12.33
CA LEU B 20 -4.23 9.54 -13.54
C LEU B 20 -4.40 11.06 -13.69
N MET B 21 -4.70 11.74 -12.60
CA MET B 21 -4.88 13.19 -12.64
C MET B 21 -3.56 13.90 -12.91
N GLY B 22 -2.47 13.38 -12.35
CA GLY B 22 -1.15 13.96 -12.55
C GLY B 22 -0.89 15.13 -11.59
N SER B 23 -1.74 15.26 -10.58
CA SER B 23 -1.58 16.34 -9.60
C SER B 23 -2.21 15.96 -8.26
N ALA B 24 -1.81 16.66 -7.21
CA ALA B 24 -2.34 16.39 -5.87
C ALA B 24 -2.42 14.88 -5.62
CA CA C . 13.28 2.52 1.88
CA CA D . 9.24 -7.00 6.12
N ALA A 1 -13.09 -12.54 -9.41
CA ALA A 1 -12.90 -13.44 -8.23
C ALA A 1 -11.98 -14.58 -8.66
N ASP A 2 -11.36 -14.41 -9.81
CA ASP A 2 -10.48 -15.41 -10.36
C ASP A 2 -9.11 -15.39 -9.68
N GLN A 3 -8.49 -16.56 -9.59
CA GLN A 3 -7.17 -16.70 -8.97
C GLN A 3 -6.21 -15.62 -9.51
N LEU A 4 -5.03 -15.52 -8.90
CA LEU A 4 -4.05 -14.54 -9.33
C LEU A 4 -3.86 -14.55 -10.85
N THR A 5 -2.98 -13.69 -11.35
CA THR A 5 -2.72 -13.61 -12.78
C THR A 5 -1.58 -12.63 -13.07
N GLU A 6 -1.18 -12.54 -14.33
CA GLU A 6 -0.11 -11.63 -14.72
C GLU A 6 -0.44 -10.20 -14.28
N GLU A 7 -1.61 -9.71 -14.66
CA GLU A 7 -2.02 -8.38 -14.29
C GLU A 7 -1.74 -8.10 -12.81
N GLN A 8 -2.30 -8.94 -11.95
CA GLN A 8 -2.19 -8.76 -10.50
C GLN A 8 -0.75 -8.44 -10.07
N ILE A 9 0.21 -9.30 -10.38
CA ILE A 9 1.57 -9.06 -9.95
C ILE A 9 2.06 -7.69 -10.46
N ALA A 10 1.84 -7.42 -11.74
CA ALA A 10 2.25 -6.14 -12.31
C ALA A 10 1.54 -5.00 -11.59
N GLU A 11 0.26 -5.21 -11.30
CA GLU A 11 -0.56 -4.20 -10.63
C GLU A 11 0.05 -3.82 -9.28
N PHE A 12 0.48 -4.82 -8.51
CA PHE A 12 1.09 -4.56 -7.22
C PHE A 12 2.41 -3.82 -7.39
N LYS A 13 3.18 -4.21 -8.40
CA LYS A 13 4.45 -3.57 -8.67
C LYS A 13 4.26 -2.07 -8.86
N GLU A 14 3.20 -1.71 -9.57
CA GLU A 14 2.89 -0.31 -9.81
C GLU A 14 2.60 0.39 -8.48
N ALA A 15 1.64 -0.15 -7.73
CA ALA A 15 1.27 0.43 -6.45
C ALA A 15 2.50 0.50 -5.54
N PHE A 16 3.32 -0.55 -5.58
CA PHE A 16 4.52 -0.58 -4.78
C PHE A 16 5.43 0.60 -5.11
N SER A 17 5.69 0.80 -6.39
CA SER A 17 6.56 1.88 -6.84
C SER A 17 6.05 3.23 -6.35
N LEU A 18 4.73 3.38 -6.26
CA LEU A 18 4.15 4.64 -5.80
C LEU A 18 4.44 4.88 -4.32
N PHE A 19 4.32 3.84 -3.51
CA PHE A 19 4.55 3.97 -2.07
C PHE A 19 6.03 4.16 -1.76
N ASP A 20 6.88 3.27 -2.26
CA ASP A 20 8.31 3.37 -2.00
C ASP A 20 8.86 4.69 -2.53
N LYS A 21 8.62 5.78 -1.78
CA LYS A 21 9.10 7.09 -2.20
C LYS A 21 10.62 7.09 -2.31
N ASP A 22 11.28 6.66 -1.23
CA ASP A 22 12.73 6.62 -1.21
C ASP A 22 13.24 5.68 -2.29
N GLY A 23 12.36 4.80 -2.75
CA GLY A 23 12.71 3.85 -3.82
C GLY A 23 13.85 2.93 -3.40
N ASP A 24 13.82 2.45 -2.15
CA ASP A 24 14.87 1.56 -1.67
C ASP A 24 14.52 0.09 -1.94
N GLY A 25 13.32 -0.14 -2.48
CA GLY A 25 12.87 -1.50 -2.79
C GLY A 25 11.86 -2.00 -1.75
N THR A 26 11.54 -1.15 -0.78
CA THR A 26 10.60 -1.50 0.28
C THR A 26 9.71 -0.30 0.59
N ILE A 27 8.68 -0.53 1.40
CA ILE A 27 7.77 0.54 1.80
C ILE A 27 7.90 0.75 3.31
N THR A 28 7.99 2.02 3.72
CA THR A 28 8.13 2.33 5.16
C THR A 28 6.86 2.99 5.70
N THR A 29 6.77 3.02 7.02
CA THR A 29 5.61 3.61 7.69
C THR A 29 5.47 5.10 7.34
N LYS A 30 6.60 5.79 7.33
CA LYS A 30 6.64 7.20 7.00
C LYS A 30 6.35 7.42 5.52
N GLU A 31 6.91 6.56 4.67
CA GLU A 31 6.69 6.68 3.23
C GLU A 31 5.20 6.67 2.93
N LEU A 32 4.53 5.60 3.32
CA LEU A 32 3.09 5.48 3.10
C LEU A 32 2.35 6.62 3.78
N GLY A 33 2.69 6.88 5.04
CA GLY A 33 2.03 7.95 5.78
C GLY A 33 2.01 9.22 4.97
N THR A 34 3.13 9.54 4.34
CA THR A 34 3.23 10.73 3.52
C THR A 34 2.21 10.66 2.38
N VAL A 35 2.17 9.52 1.70
CA VAL A 35 1.24 9.34 0.58
C VAL A 35 -0.21 9.46 1.06
N MET A 36 -0.47 9.00 2.27
CA MET A 36 -1.82 9.09 2.82
C MET A 36 -2.21 10.53 3.11
N ARG A 37 -1.32 11.28 3.76
CA ARG A 37 -1.60 12.67 4.10
C ARG A 37 -1.66 13.51 2.82
N SER A 38 -0.67 13.34 1.95
CA SER A 38 -0.61 14.09 0.70
C SER A 38 -1.93 13.97 -0.07
N LEU A 39 -2.66 12.88 0.18
CA LEU A 39 -3.93 12.67 -0.50
C LEU A 39 -5.06 13.41 0.20
N GLY A 40 -4.79 13.92 1.42
CA GLY A 40 -5.78 14.68 2.17
C GLY A 40 -6.47 13.82 3.22
N GLN A 41 -5.84 12.70 3.58
CA GLN A 41 -6.40 11.81 4.60
C GLN A 41 -6.05 12.29 6.01
N ASN A 42 -7.08 12.53 6.81
CA ASN A 42 -6.89 13.01 8.19
C ASN A 42 -5.72 12.29 8.89
N PRO A 43 -5.04 12.95 9.79
CA PRO A 43 -3.90 12.32 10.52
C PRO A 43 -4.21 10.90 10.96
N THR A 44 -3.41 9.95 10.48
CA THR A 44 -3.61 8.54 10.83
C THR A 44 -2.27 7.79 10.81
N GLU A 45 -1.18 8.55 10.85
CA GLU A 45 0.15 7.97 10.85
C GLU A 45 0.29 6.93 11.96
N ALA A 46 -0.61 7.02 12.95
CA ALA A 46 -0.62 6.07 14.05
C ALA A 46 -1.20 4.74 13.61
N GLU A 47 -2.26 4.81 12.81
CA GLU A 47 -2.92 3.63 12.30
C GLU A 47 -1.92 2.76 11.53
N LEU A 48 -1.11 3.43 10.70
CA LEU A 48 -0.09 2.73 9.92
C LEU A 48 0.90 2.05 10.85
N GLN A 49 1.46 2.82 11.78
CA GLN A 49 2.44 2.29 12.73
C GLN A 49 1.96 0.98 13.33
N ASP A 50 0.69 0.94 13.69
CA ASP A 50 0.10 -0.26 14.29
C ASP A 50 -0.24 -1.32 13.23
N MET A 51 -0.77 -0.87 12.10
CA MET A 51 -1.16 -1.81 11.04
C MET A 51 0.05 -2.56 10.50
N ILE A 52 1.10 -1.81 10.15
CA ILE A 52 2.31 -2.43 9.63
C ILE A 52 2.94 -3.31 10.70
N ASN A 53 3.01 -2.79 11.92
CA ASN A 53 3.59 -3.53 13.04
C ASN A 53 3.07 -4.96 13.09
N GLU A 54 1.96 -5.22 12.39
CA GLU A 54 1.35 -6.55 12.38
C GLU A 54 1.62 -7.28 11.06
N VAL A 55 1.26 -6.66 9.94
CA VAL A 55 1.46 -7.28 8.63
C VAL A 55 2.83 -6.95 8.02
N ASP A 56 3.85 -6.84 8.87
CA ASP A 56 5.20 -6.53 8.39
C ASP A 56 5.94 -7.80 7.98
N ALA A 57 5.54 -8.93 8.55
CA ALA A 57 6.14 -10.22 8.22
C ALA A 57 7.42 -10.45 9.04
N ASP A 58 8.40 -9.58 8.84
CA ASP A 58 9.68 -9.70 9.54
C ASP A 58 9.71 -8.79 10.77
N GLY A 59 8.67 -7.99 10.96
CA GLY A 59 8.62 -7.06 12.09
C GLY A 59 9.65 -5.96 11.90
N ASN A 60 10.13 -5.81 10.67
CA ASN A 60 11.14 -4.81 10.34
C ASN A 60 10.50 -3.42 10.28
N GLY A 61 9.19 -3.39 10.05
CA GLY A 61 8.47 -2.13 9.96
C GLY A 61 8.23 -1.72 8.50
N THR A 62 8.71 -2.56 7.58
CA THR A 62 8.55 -2.28 6.15
C THR A 62 7.83 -3.43 5.45
N ILE A 63 7.18 -3.11 4.33
CA ILE A 63 6.43 -4.11 3.56
C ILE A 63 7.23 -4.51 2.32
N ASP A 64 7.54 -5.79 2.20
CA ASP A 64 8.32 -6.31 1.09
C ASP A 64 7.44 -6.55 -0.14
N PHE A 65 8.07 -6.91 -1.24
CA PHE A 65 7.38 -7.18 -2.51
C PHE A 65 6.21 -8.17 -2.33
N PRO A 66 6.50 -9.41 -1.99
CA PRO A 66 5.45 -10.47 -1.84
C PRO A 66 4.36 -10.09 -0.84
N GLU A 67 4.77 -9.56 0.29
CA GLU A 67 3.81 -9.18 1.33
C GLU A 67 2.69 -8.34 0.75
N PHE A 68 3.06 -7.27 0.06
CA PHE A 68 2.07 -6.39 -0.55
C PHE A 68 1.25 -7.17 -1.57
N LEU A 69 1.94 -7.92 -2.40
CA LEU A 69 1.24 -8.71 -3.42
C LEU A 69 0.14 -9.55 -2.78
N THR A 70 0.39 -10.08 -1.59
CA THR A 70 -0.58 -10.92 -0.93
C THR A 70 -1.68 -10.11 -0.24
N MET A 71 -1.32 -9.42 0.83
CA MET A 71 -2.30 -8.65 1.59
C MET A 71 -3.13 -7.74 0.68
N MET A 72 -2.65 -7.48 -0.54
CA MET A 72 -3.39 -6.65 -1.49
C MET A 72 -4.34 -7.49 -2.35
N ALA A 73 -3.98 -8.77 -2.55
CA ALA A 73 -4.79 -9.68 -3.37
C ALA A 73 -6.22 -9.79 -2.85
N ARG A 74 -6.36 -9.80 -1.53
CA ARG A 74 -7.69 -9.91 -0.93
C ARG A 74 -8.63 -8.86 -1.51
N LYS A 75 -8.31 -7.59 -1.27
CA LYS A 75 -9.13 -6.49 -1.78
C LYS A 75 -10.62 -6.78 -1.61
N MET A 76 -10.98 -7.39 -0.48
CA MET A 76 -12.37 -7.72 -0.20
C MET A 76 -12.93 -8.66 -1.27
N LYS A 77 -12.96 -9.93 -0.93
CA LYS A 77 -13.48 -10.95 -1.84
C LYS A 77 -14.99 -10.80 -2.02
N GLY B 1 -10.57 3.06 14.90
CA GLY B 1 -9.95 3.59 13.65
C GLY B 1 -10.37 2.74 12.47
N THR B 2 -9.67 2.89 11.34
CA THR B 2 -10.00 2.11 10.14
C THR B 2 -9.30 0.75 10.19
N GLY B 3 -9.74 -0.17 9.33
CA GLY B 3 -9.17 -1.52 9.29
C GLY B 3 -7.96 -1.57 8.36
N ALA B 4 -7.21 -2.67 8.46
CA ALA B 4 -6.00 -2.86 7.65
C ALA B 4 -6.33 -2.90 6.14
N ALA B 5 -7.30 -3.72 5.76
CA ALA B 5 -7.67 -3.86 4.35
C ALA B 5 -8.24 -2.55 3.81
N LEU B 6 -9.10 -1.92 4.59
CA LEU B 6 -9.71 -0.66 4.19
C LEU B 6 -8.64 0.42 4.01
N SER B 7 -7.68 0.44 4.93
CA SER B 7 -6.61 1.41 4.88
C SER B 7 -5.83 1.28 3.58
N TRP B 8 -5.49 0.04 3.25
CA TRP B 8 -4.76 -0.24 2.02
C TRP B 8 -5.62 0.07 0.79
N GLN B 9 -6.87 -0.39 0.81
CA GLN B 9 -7.77 -0.16 -0.31
C GLN B 9 -7.98 1.34 -0.55
N ALA B 10 -8.19 2.10 0.51
CA ALA B 10 -8.40 3.54 0.38
C ALA B 10 -7.16 4.24 -0.17
N ALA B 11 -6.00 3.82 0.29
CA ALA B 11 -4.74 4.40 -0.17
C ALA B 11 -4.48 4.05 -1.63
N ILE B 12 -4.65 2.77 -1.95
CA ILE B 12 -4.43 2.30 -3.32
C ILE B 12 -5.44 2.94 -4.28
N ASP B 13 -6.69 2.98 -3.85
CA ASP B 13 -7.75 3.57 -4.68
C ASP B 13 -7.50 5.06 -4.90
N ALA B 14 -7.15 5.76 -3.83
CA ALA B 14 -6.88 7.19 -3.92
C ALA B 14 -5.61 7.45 -4.72
N ALA B 15 -4.60 6.61 -4.51
CA ALA B 15 -3.33 6.74 -5.22
C ALA B 15 -3.55 6.49 -6.71
N ARG B 16 -4.36 5.48 -7.01
CA ARG B 16 -4.66 5.13 -8.40
C ARG B 16 -5.45 6.24 -9.08
N GLN B 17 -6.38 6.83 -8.34
CA GLN B 17 -7.19 7.91 -8.89
C GLN B 17 -6.31 9.12 -9.20
N ALA B 18 -5.37 9.39 -8.30
CA ALA B 18 -4.45 10.50 -8.49
C ALA B 18 -3.59 10.30 -9.74
N LYS B 19 -3.03 9.10 -9.87
CA LYS B 19 -2.20 8.77 -11.02
C LYS B 19 -3.03 8.78 -12.29
N LEU B 20 -4.25 8.25 -12.21
CA LEU B 20 -5.13 8.18 -13.36
C LEU B 20 -5.46 9.58 -13.88
N MET B 21 -5.80 10.48 -12.97
CA MET B 21 -6.14 11.85 -13.35
C MET B 21 -4.91 12.59 -13.87
N GLY B 22 -3.75 12.33 -13.28
CA GLY B 22 -2.51 12.97 -13.70
C GLY B 22 -2.25 14.26 -12.93
N SER B 23 -3.11 14.56 -11.97
CA SER B 23 -2.96 15.78 -11.17
C SER B 23 -2.58 16.96 -12.05
N ALA B 24 -3.59 17.57 -12.66
CA ALA B 24 -3.37 18.72 -13.54
C ALA B 24 -2.47 19.75 -12.86
CA CA C . 11.29 1.72 2.20
CA CA D . 8.75 -7.14 5.19
N ALA A 1 -13.36 -16.45 -5.58
CA ALA A 1 -12.02 -16.82 -6.08
C ALA A 1 -11.65 -15.88 -7.22
N ASP A 2 -10.38 -15.90 -7.60
CA ASP A 2 -9.91 -15.02 -8.66
C ASP A 2 -8.77 -15.66 -9.44
N GLN A 3 -8.85 -15.60 -10.76
CA GLN A 3 -7.83 -16.18 -11.63
C GLN A 3 -6.70 -15.18 -11.86
N LEU A 4 -5.48 -15.57 -11.49
CA LEU A 4 -4.33 -14.69 -11.65
C LEU A 4 -4.04 -14.42 -13.12
N THR A 5 -3.19 -13.42 -13.40
CA THR A 5 -2.85 -13.07 -14.77
C THR A 5 -1.68 -12.08 -14.79
N GLU A 6 -1.10 -11.87 -15.97
CA GLU A 6 0.02 -10.94 -16.11
C GLU A 6 -0.30 -9.63 -15.40
N GLU A 7 -1.39 -9.00 -15.77
CA GLU A 7 -1.78 -7.74 -15.15
C GLU A 7 -1.61 -7.81 -13.63
N GLN A 8 -2.24 -8.80 -13.02
CA GLN A 8 -2.22 -8.95 -11.56
C GLN A 8 -0.82 -8.71 -10.98
N ILE A 9 0.18 -9.48 -11.40
CA ILE A 9 1.51 -9.29 -10.84
C ILE A 9 2.02 -7.87 -11.08
N ALA A 10 1.91 -7.39 -12.31
CA ALA A 10 2.36 -6.05 -12.63
C ALA A 10 1.61 -5.04 -11.77
N GLU A 11 0.33 -5.32 -11.54
CA GLU A 11 -0.52 -4.43 -10.75
C GLU A 11 0.03 -4.24 -9.34
N PHE A 12 0.44 -5.35 -8.72
CA PHE A 12 0.99 -5.27 -7.37
C PHE A 12 2.27 -4.43 -7.37
N LYS A 13 3.13 -4.66 -8.35
CA LYS A 13 4.39 -3.93 -8.43
C LYS A 13 4.12 -2.44 -8.56
N GLU A 14 3.20 -2.08 -9.44
CA GLU A 14 2.86 -0.69 -9.65
C GLU A 14 2.44 -0.04 -8.32
N ALA A 15 1.48 -0.65 -7.65
CA ALA A 15 1.01 -0.13 -6.37
C ALA A 15 2.16 -0.07 -5.37
N PHE A 16 2.93 -1.15 -5.31
CA PHE A 16 4.08 -1.19 -4.41
C PHE A 16 5.04 -0.05 -4.69
N SER A 17 5.40 0.13 -5.95
CA SER A 17 6.33 1.19 -6.34
C SER A 17 5.82 2.57 -5.94
N LEU A 18 4.51 2.77 -6.06
CA LEU A 18 3.91 4.05 -5.71
C LEU A 18 4.12 4.38 -4.24
N PHE A 19 3.96 3.37 -3.39
CA PHE A 19 4.13 3.59 -1.96
C PHE A 19 5.60 3.77 -1.57
N ASP A 20 6.48 2.99 -2.17
CA ASP A 20 7.90 3.08 -1.84
C ASP A 20 8.49 4.42 -2.31
N LYS A 21 8.05 5.51 -1.66
CA LYS A 21 8.54 6.83 -2.04
C LYS A 21 10.07 6.88 -1.93
N ASP A 22 10.59 6.39 -0.82
CA ASP A 22 12.04 6.38 -0.62
C ASP A 22 12.70 5.62 -1.75
N GLY A 23 11.90 4.84 -2.47
CA GLY A 23 12.41 4.07 -3.61
C GLY A 23 13.60 3.19 -3.23
N ASP A 24 13.57 2.63 -2.02
CA ASP A 24 14.66 1.77 -1.58
C ASP A 24 14.32 0.29 -1.78
N GLY A 25 13.11 0.03 -2.26
CA GLY A 25 12.66 -1.35 -2.50
C GLY A 25 11.73 -1.82 -1.39
N THR A 26 11.40 -0.91 -0.48
CA THR A 26 10.52 -1.25 0.65
C THR A 26 9.63 -0.06 0.98
N ILE A 27 8.48 -0.35 1.60
CA ILE A 27 7.55 0.72 1.99
C ILE A 27 7.66 0.93 3.50
N THR A 28 7.88 2.18 3.90
CA THR A 28 8.02 2.52 5.33
C THR A 28 6.80 3.29 5.82
N THR A 29 6.65 3.37 7.14
CA THR A 29 5.53 4.07 7.75
C THR A 29 5.44 5.51 7.23
N LYS A 30 6.59 6.17 7.14
CA LYS A 30 6.66 7.54 6.66
C LYS A 30 6.30 7.61 5.18
N GLU A 31 6.78 6.64 4.40
CA GLU A 31 6.50 6.60 2.97
C GLU A 31 4.99 6.55 2.74
N LEU A 32 4.35 5.53 3.32
CA LEU A 32 2.91 5.38 3.19
C LEU A 32 2.17 6.57 3.78
N GLY A 33 2.55 6.95 4.99
CA GLY A 33 1.91 8.08 5.67
C GLY A 33 1.85 9.27 4.73
N THR A 34 2.93 9.53 4.03
CA THR A 34 2.97 10.65 3.10
C THR A 34 1.89 10.48 2.04
N VAL A 35 1.84 9.29 1.43
CA VAL A 35 0.84 9.01 0.41
C VAL A 35 -0.57 9.13 0.98
N MET A 36 -0.77 8.63 2.19
CA MET A 36 -2.08 8.69 2.83
C MET A 36 -2.51 10.14 3.08
N ARG A 37 -1.54 10.98 3.38
CA ARG A 37 -1.83 12.40 3.63
C ARG A 37 -2.01 13.17 2.33
N SER A 38 -1.04 13.02 1.42
CA SER A 38 -1.07 13.74 0.14
C SER A 38 -2.43 13.57 -0.52
N LEU A 39 -3.19 12.58 -0.09
CA LEU A 39 -4.51 12.33 -0.66
C LEU A 39 -5.48 13.45 -0.29
N GLY A 40 -5.11 14.28 0.67
CA GLY A 40 -5.95 15.40 1.10
C GLY A 40 -6.64 15.11 2.42
N GLN A 41 -5.93 14.47 3.35
CA GLN A 41 -6.52 14.16 4.66
C GLN A 41 -5.47 14.26 5.76
N ASN A 42 -5.90 14.16 7.01
CA ASN A 42 -5.00 14.23 8.16
C ASN A 42 -4.99 12.92 8.95
N PRO A 43 -4.30 11.91 8.47
CA PRO A 43 -4.20 10.59 9.15
C PRO A 43 -3.20 10.62 10.30
N THR A 44 -3.08 9.49 11.01
CA THR A 44 -2.16 9.39 12.14
C THR A 44 -1.15 8.26 11.90
N GLU A 45 0.05 8.45 12.43
CA GLU A 45 1.12 7.45 12.29
C GLU A 45 0.78 6.21 13.11
N ALA A 46 0.55 6.40 14.40
CA ALA A 46 0.24 5.27 15.29
C ALA A 46 -0.69 4.30 14.56
N GLU A 47 -1.69 4.85 13.89
CA GLU A 47 -2.62 4.04 13.12
C GLU A 47 -1.86 3.20 12.08
N LEU A 48 -1.20 3.87 11.14
CA LEU A 48 -0.44 3.17 10.11
C LEU A 48 0.60 2.26 10.75
N GLN A 49 1.38 2.82 11.67
CA GLN A 49 2.41 2.05 12.37
C GLN A 49 1.83 0.77 12.93
N ASP A 50 0.53 0.79 13.21
CA ASP A 50 -0.15 -0.39 13.74
C ASP A 50 -0.49 -1.38 12.63
N MET A 51 -0.98 -0.85 11.50
CA MET A 51 -1.33 -1.70 10.37
C MET A 51 -0.11 -2.45 9.84
N ILE A 52 0.99 -1.72 9.69
CA ILE A 52 2.22 -2.33 9.21
C ILE A 52 2.75 -3.33 10.25
N ASN A 53 2.73 -2.91 11.51
CA ASN A 53 3.22 -3.75 12.59
C ASN A 53 2.39 -5.05 12.68
N GLU A 54 1.09 -4.93 12.43
CA GLU A 54 0.21 -6.09 12.49
C GLU A 54 0.59 -7.12 11.41
N VAL A 55 0.93 -6.64 10.22
CA VAL A 55 1.28 -7.55 9.12
C VAL A 55 2.80 -7.69 8.97
N ASP A 56 3.48 -6.62 8.58
CA ASP A 56 4.94 -6.64 8.40
C ASP A 56 5.42 -8.04 7.97
N ALA A 57 6.53 -8.50 8.55
CA ALA A 57 7.06 -9.82 8.22
C ALA A 57 8.23 -10.18 9.13
N ASP A 58 9.37 -9.51 8.93
CA ASP A 58 10.56 -9.78 9.74
C ASP A 58 10.56 -8.93 11.02
N GLY A 59 9.55 -8.07 11.15
CA GLY A 59 9.46 -7.19 12.32
C GLY A 59 10.32 -5.94 12.12
N ASN A 60 10.84 -5.80 10.90
CA ASN A 60 11.68 -4.67 10.54
C ASN A 60 10.84 -3.39 10.43
N GLY A 61 9.53 -3.58 10.34
CA GLY A 61 8.62 -2.44 10.23
C GLY A 61 8.50 -1.98 8.79
N THR A 62 8.91 -2.84 7.85
CA THR A 62 8.84 -2.50 6.43
C THR A 62 8.11 -3.58 5.65
N ILE A 63 7.51 -3.19 4.52
CA ILE A 63 6.77 -4.13 3.66
C ILE A 63 7.54 -4.42 2.39
N ASP A 64 7.72 -5.70 2.10
CA ASP A 64 8.45 -6.13 0.91
C ASP A 64 7.48 -6.45 -0.24
N PHE A 65 8.06 -6.75 -1.39
CA PHE A 65 7.31 -7.07 -2.60
C PHE A 65 6.18 -8.09 -2.32
N PRO A 66 6.51 -9.24 -1.76
CA PRO A 66 5.51 -10.30 -1.49
C PRO A 66 4.55 -9.93 -0.36
N GLU A 67 5.09 -9.32 0.69
CA GLU A 67 4.28 -8.94 1.84
C GLU A 67 3.16 -7.99 1.40
N PHE A 68 3.53 -7.02 0.56
CA PHE A 68 2.56 -6.05 0.07
C PHE A 68 1.45 -6.77 -0.71
N LEU A 69 1.86 -7.62 -1.65
CA LEU A 69 0.90 -8.36 -2.44
C LEU A 69 0.05 -9.27 -1.56
N THR A 70 0.69 -10.07 -0.75
CA THR A 70 -0.03 -11.01 0.11
C THR A 70 -1.04 -10.30 0.99
N MET A 71 -0.62 -9.24 1.67
CA MET A 71 -1.52 -8.51 2.56
C MET A 71 -2.67 -7.87 1.79
N MET A 72 -2.48 -7.62 0.49
CA MET A 72 -3.54 -7.02 -0.32
C MET A 72 -4.54 -8.08 -0.80
N ALA A 73 -4.07 -9.32 -0.89
CA ALA A 73 -4.89 -10.43 -1.35
C ALA A 73 -5.65 -11.06 -0.20
N ARG A 74 -5.89 -10.28 0.85
CA ARG A 74 -6.62 -10.78 2.02
C ARG A 74 -8.10 -10.42 1.92
N LYS A 75 -8.44 -9.59 0.94
CA LYS A 75 -9.82 -9.18 0.73
C LYS A 75 -9.94 -8.37 -0.56
N MET A 76 -10.27 -9.05 -1.66
CA MET A 76 -10.41 -8.39 -2.95
C MET A 76 -11.89 -8.22 -3.28
N LYS A 77 -12.67 -9.24 -3.00
CA LYS A 77 -14.10 -9.20 -3.26
C LYS A 77 -14.37 -8.64 -4.66
N GLY B 1 -11.73 -7.62 11.72
CA GLY B 1 -10.78 -6.56 11.28
C GLY B 1 -11.51 -5.53 10.42
N THR B 2 -11.79 -5.90 9.18
CA THR B 2 -12.48 -5.00 8.25
C THR B 2 -11.95 -3.57 8.40
N GLY B 3 -10.67 -3.45 8.69
CA GLY B 3 -10.02 -2.14 8.86
C GLY B 3 -8.75 -2.04 8.02
N ALA B 4 -7.84 -2.97 8.27
CA ALA B 4 -6.56 -3.01 7.55
C ALA B 4 -6.74 -3.18 6.04
N ALA B 5 -7.60 -4.12 5.64
CA ALA B 5 -7.84 -4.38 4.22
C ALA B 5 -8.49 -3.17 3.54
N LEU B 6 -9.44 -2.56 4.24
CA LEU B 6 -10.13 -1.39 3.70
C LEU B 6 -9.15 -0.23 3.50
N SER B 7 -8.28 -0.04 4.48
CA SER B 7 -7.29 1.02 4.41
C SER B 7 -6.38 0.83 3.20
N TRP B 8 -5.92 -0.40 3.03
CA TRP B 8 -5.05 -0.72 1.92
C TRP B 8 -5.81 -0.60 0.59
N GLN B 9 -7.02 -1.16 0.55
CA GLN B 9 -7.83 -1.11 -0.66
C GLN B 9 -8.16 0.32 -1.07
N ALA B 10 -8.55 1.14 -0.10
CA ALA B 10 -8.90 2.53 -0.37
C ALA B 10 -7.68 3.32 -0.85
N ALA B 11 -6.52 3.06 -0.25
CA ALA B 11 -5.30 3.75 -0.63
C ALA B 11 -4.89 3.40 -2.06
N ILE B 12 -4.99 2.12 -2.40
CA ILE B 12 -4.64 1.65 -3.74
C ILE B 12 -5.56 2.27 -4.79
N ASP B 13 -6.86 2.29 -4.49
CA ASP B 13 -7.84 2.85 -5.39
C ASP B 13 -7.58 4.33 -5.63
N ALA B 14 -7.38 5.07 -4.55
CA ALA B 14 -7.12 6.50 -4.66
C ALA B 14 -5.80 6.76 -5.37
N ALA B 15 -4.80 5.92 -5.09
CA ALA B 15 -3.49 6.05 -5.72
C ALA B 15 -3.63 5.86 -7.23
N ARG B 16 -4.47 4.92 -7.63
CA ARG B 16 -4.70 4.63 -9.03
C ARG B 16 -5.31 5.84 -9.74
N GLN B 17 -6.32 6.44 -9.09
CA GLN B 17 -6.98 7.61 -9.67
C GLN B 17 -6.01 8.77 -9.75
N ALA B 18 -5.17 8.90 -8.72
CA ALA B 18 -4.19 9.97 -8.68
C ALA B 18 -3.17 9.81 -9.82
N LYS B 19 -2.75 8.57 -10.06
CA LYS B 19 -1.80 8.28 -11.13
C LYS B 19 -2.38 8.64 -12.48
N LEU B 20 -3.64 8.27 -12.70
CA LEU B 20 -4.31 8.55 -13.96
C LEU B 20 -4.41 10.05 -14.20
N MET B 21 -4.79 10.79 -13.16
CA MET B 21 -4.94 12.24 -13.28
C MET B 21 -3.58 12.92 -13.49
N GLY B 22 -2.55 12.38 -12.84
CA GLY B 22 -1.20 12.94 -12.96
C GLY B 22 -1.00 14.14 -12.05
N SER B 23 -1.93 14.37 -11.13
CA SER B 23 -1.82 15.51 -10.21
C SER B 23 -0.55 15.38 -9.38
N ALA B 24 -0.26 14.16 -8.93
CA ALA B 24 0.93 13.90 -8.11
C ALA B 24 2.19 14.21 -8.91
CA CA C . 12.34 2.35 2.93
CA CA D . 10.37 -6.45 5.47
N ALA A 1 3.57 -18.69 -9.76
CA ALA A 1 2.99 -20.06 -9.82
C ALA A 1 1.49 -19.95 -9.71
N ASP A 2 0.82 -20.07 -10.86
CA ASP A 2 -0.62 -19.97 -10.90
C ASP A 2 -1.08 -18.65 -10.26
N GLN A 3 -0.27 -17.61 -10.43
CA GLN A 3 -0.59 -16.29 -9.88
C GLN A 3 -1.99 -15.85 -10.31
N LEU A 4 -2.44 -14.72 -9.78
CA LEU A 4 -3.77 -14.21 -10.11
C LEU A 4 -3.92 -13.92 -11.61
N THR A 5 -3.30 -12.84 -12.07
CA THR A 5 -3.37 -12.47 -13.49
C THR A 5 -2.37 -11.36 -13.79
N GLU A 6 -2.07 -11.17 -15.09
CA GLU A 6 -1.13 -10.14 -15.49
C GLU A 6 -1.44 -8.81 -14.81
N GLU A 7 -2.63 -8.30 -15.05
CA GLU A 7 -3.04 -7.03 -14.45
C GLU A 7 -2.67 -6.99 -12.97
N GLN A 8 -3.23 -7.91 -12.20
CA GLN A 8 -3.01 -7.96 -10.76
C GLN A 8 -1.55 -7.74 -10.38
N ILE A 9 -0.65 -8.61 -10.84
CA ILE A 9 0.75 -8.47 -10.48
C ILE A 9 1.27 -7.07 -10.85
N ALA A 10 1.02 -6.67 -12.08
CA ALA A 10 1.46 -5.37 -12.54
C ALA A 10 0.86 -4.28 -11.64
N GLU A 11 -0.33 -4.58 -11.11
CA GLU A 11 -1.03 -3.64 -10.24
C GLU A 11 -0.27 -3.42 -8.93
N PHE A 12 0.18 -4.51 -8.31
CA PHE A 12 0.90 -4.41 -7.06
C PHE A 12 2.21 -3.64 -7.27
N LYS A 13 2.93 -3.98 -8.35
CA LYS A 13 4.20 -3.33 -8.63
C LYS A 13 4.01 -1.82 -8.73
N GLU A 14 3.01 -1.41 -9.50
CA GLU A 14 2.74 0.01 -9.67
C GLU A 14 2.51 0.68 -8.32
N ALA A 15 1.55 0.16 -7.57
CA ALA A 15 1.24 0.71 -6.25
C ALA A 15 2.47 0.64 -5.35
N PHE A 16 3.19 -0.47 -5.41
CA PHE A 16 4.38 -0.62 -4.60
C PHE A 16 5.40 0.48 -4.91
N SER A 17 5.69 0.65 -6.19
CA SER A 17 6.67 1.66 -6.61
C SER A 17 6.28 3.04 -6.11
N LEU A 18 4.98 3.32 -6.07
CA LEU A 18 4.51 4.63 -5.62
C LEU A 18 4.79 4.85 -4.14
N PHE A 19 4.55 3.81 -3.34
CA PHE A 19 4.76 3.91 -1.90
C PHE A 19 6.24 4.01 -1.56
N ASP A 20 7.04 3.07 -2.05
CA ASP A 20 8.47 3.09 -1.76
C ASP A 20 9.12 4.38 -2.26
N LYS A 21 8.91 5.47 -1.53
CA LYS A 21 9.48 6.75 -1.92
C LYS A 21 11.01 6.67 -1.95
N ASP A 22 11.59 6.22 -0.85
CA ASP A 22 13.04 6.13 -0.75
C ASP A 22 13.57 5.22 -1.86
N GLY A 23 12.68 4.39 -2.40
CA GLY A 23 13.03 3.49 -3.48
C GLY A 23 14.10 2.48 -3.05
N ASP A 24 13.96 1.95 -1.83
CA ASP A 24 14.92 0.96 -1.33
C ASP A 24 14.44 -0.48 -1.57
N GLY A 25 13.24 -0.60 -2.13
CA GLY A 25 12.67 -1.93 -2.43
C GLY A 25 11.70 -2.35 -1.33
N THR A 26 11.39 -1.42 -0.43
CA THR A 26 10.47 -1.70 0.67
C THR A 26 9.59 -0.48 0.94
N ILE A 27 8.57 -0.67 1.78
CA ILE A 27 7.67 0.42 2.14
C ILE A 27 7.73 0.65 3.64
N THR A 28 7.65 1.91 4.06
CA THR A 28 7.72 2.25 5.49
C THR A 28 6.55 3.13 5.90
N THR A 29 6.33 3.24 7.21
CA THR A 29 5.23 4.05 7.74
C THR A 29 5.30 5.47 7.21
N LYS A 30 6.50 6.03 7.19
CA LYS A 30 6.72 7.39 6.70
C LYS A 30 6.47 7.47 5.20
N GLU A 31 6.95 6.46 4.47
CA GLU A 31 6.76 6.42 3.02
C GLU A 31 5.28 6.41 2.68
N LEU A 32 4.60 5.35 3.10
CA LEU A 32 3.18 5.22 2.86
C LEU A 32 2.41 6.36 3.54
N GLY A 33 2.78 6.66 4.78
CA GLY A 33 2.09 7.69 5.53
C GLY A 33 2.06 8.98 4.75
N THR A 34 3.20 9.32 4.15
CA THR A 34 3.29 10.54 3.36
C THR A 34 2.30 10.48 2.19
N VAL A 35 2.29 9.35 1.48
CA VAL A 35 1.38 9.20 0.35
C VAL A 35 -0.07 9.37 0.78
N MET A 36 -0.41 8.81 1.94
CA MET A 36 -1.79 8.94 2.45
C MET A 36 -2.14 10.39 2.78
N ARG A 37 -1.18 11.12 3.34
CA ARG A 37 -1.40 12.53 3.68
C ARG A 37 -1.45 13.39 2.43
N SER A 38 -0.44 13.26 1.58
CA SER A 38 -0.36 14.05 0.35
C SER A 38 -1.67 13.96 -0.44
N LEU A 39 -2.33 12.81 -0.34
CA LEU A 39 -3.59 12.61 -1.05
C LEU A 39 -4.71 13.45 -0.44
N GLY A 40 -4.47 14.01 0.74
CA GLY A 40 -5.45 14.86 1.41
C GLY A 40 -6.43 14.05 2.25
N GLN A 41 -6.02 12.85 2.68
CA GLN A 41 -6.89 12.00 3.50
C GLN A 41 -6.66 12.27 4.99
N ASN A 42 -7.73 12.18 5.76
CA ASN A 42 -7.67 12.43 7.21
C ASN A 42 -6.45 11.76 7.83
N PRO A 43 -5.96 12.29 8.94
CA PRO A 43 -4.78 11.72 9.65
C PRO A 43 -5.06 10.31 10.16
N THR A 44 -4.19 9.37 9.78
CA THR A 44 -4.34 7.99 10.21
C THR A 44 -3.01 7.25 10.12
N GLU A 45 -1.93 8.02 9.98
CA GLU A 45 -0.59 7.45 9.92
C GLU A 45 -0.33 6.56 11.14
N ALA A 46 -1.11 6.76 12.19
CA ALA A 46 -0.97 5.97 13.40
C ALA A 46 -1.53 4.56 13.18
N GLU A 47 -2.70 4.51 12.56
CA GLU A 47 -3.35 3.24 12.26
C GLU A 47 -2.40 2.33 11.49
N LEU A 48 -1.83 2.86 10.42
CA LEU A 48 -0.90 2.10 9.60
C LEU A 48 0.30 1.67 10.43
N GLN A 49 0.91 2.63 11.11
CA GLN A 49 2.08 2.33 11.94
C GLN A 49 1.86 1.07 12.77
N ASP A 50 0.68 0.96 13.35
CA ASP A 50 0.35 -0.19 14.17
C ASP A 50 0.14 -1.43 13.31
N MET A 51 -0.49 -1.25 12.15
CA MET A 51 -0.74 -2.37 11.25
C MET A 51 0.55 -2.89 10.62
N ILE A 52 1.36 -1.98 10.10
CA ILE A 52 2.62 -2.37 9.47
C ILE A 52 3.51 -3.05 10.50
N ASN A 53 3.56 -2.49 11.70
CA ASN A 53 4.37 -3.04 12.77
C ASN A 53 3.98 -4.48 13.07
N GLU A 54 2.79 -4.89 12.60
CA GLU A 54 2.29 -6.24 12.84
C GLU A 54 2.56 -7.17 11.64
N VAL A 55 2.03 -6.81 10.49
CA VAL A 55 2.20 -7.63 9.28
C VAL A 55 3.67 -7.74 8.87
N ASP A 56 4.57 -7.18 9.67
CA ASP A 56 6.00 -7.24 9.35
C ASP A 56 6.58 -8.61 9.73
N ALA A 57 7.15 -9.30 8.75
CA ALA A 57 7.73 -10.63 8.97
C ALA A 57 9.00 -10.57 9.82
N ASP A 58 9.92 -9.67 9.47
CA ASP A 58 11.18 -9.55 10.22
C ASP A 58 11.06 -8.53 11.36
N GLY A 59 9.94 -7.82 11.41
CA GLY A 59 9.75 -6.81 12.45
C GLY A 59 10.58 -5.58 12.15
N ASN A 60 10.88 -5.38 10.86
CA ASN A 60 11.68 -4.26 10.41
C ASN A 60 10.83 -2.99 10.33
N GLY A 61 9.52 -3.16 10.45
CA GLY A 61 8.60 -2.04 10.38
C GLY A 61 8.33 -1.64 8.92
N THR A 62 8.64 -2.55 8.00
CA THR A 62 8.45 -2.28 6.57
C THR A 62 7.73 -3.46 5.90
N ILE A 63 7.11 -3.17 4.75
CA ILE A 63 6.39 -4.20 3.98
C ILE A 63 7.19 -4.61 2.77
N ASP A 64 7.54 -5.89 2.71
CA ASP A 64 8.33 -6.43 1.61
C ASP A 64 7.46 -6.72 0.39
N PHE A 65 8.11 -7.13 -0.69
CA PHE A 65 7.42 -7.47 -1.93
C PHE A 65 6.27 -8.47 -1.71
N PRO A 66 6.58 -9.66 -1.24
CA PRO A 66 5.55 -10.74 -1.06
C PRO A 66 4.37 -10.31 -0.20
N GLU A 67 4.69 -9.72 0.95
CA GLU A 67 3.66 -9.28 1.87
C GLU A 67 2.65 -8.36 1.18
N PHE A 68 3.16 -7.40 0.44
CA PHE A 68 2.30 -6.45 -0.25
C PHE A 68 1.41 -7.16 -1.27
N LEU A 69 2.05 -7.76 -2.26
CA LEU A 69 1.33 -8.48 -3.30
C LEU A 69 0.28 -9.40 -2.67
N THR A 70 0.52 -9.82 -1.43
CA THR A 70 -0.40 -10.72 -0.75
C THR A 70 -1.53 -9.96 -0.06
N MET A 71 -1.21 -9.26 1.03
CA MET A 71 -2.21 -8.53 1.78
C MET A 71 -3.04 -7.62 0.87
N MET A 72 -2.54 -7.35 -0.33
CA MET A 72 -3.26 -6.49 -1.27
C MET A 72 -4.24 -7.31 -2.12
N ALA A 73 -3.91 -8.59 -2.32
CA ALA A 73 -4.75 -9.48 -3.12
C ALA A 73 -5.95 -9.98 -2.32
N ARG A 74 -6.26 -9.31 -1.23
CA ARG A 74 -7.38 -9.71 -0.39
C ARG A 74 -8.69 -9.13 -0.93
N LYS A 75 -8.62 -8.54 -2.12
CA LYS A 75 -9.78 -7.95 -2.76
C LYS A 75 -10.87 -9.00 -3.02
N MET A 76 -11.90 -8.60 -3.77
CA MET A 76 -13.00 -9.52 -4.09
C MET A 76 -12.62 -10.40 -5.28
N LYS A 77 -12.05 -9.78 -6.30
CA LYS A 77 -11.65 -10.48 -7.51
C LYS A 77 -10.32 -9.93 -8.01
N GLY B 1 -14.80 1.72 10.65
CA GLY B 1 -13.57 1.55 9.81
C GLY B 1 -12.68 0.47 10.43
N THR B 2 -11.54 0.89 10.96
CA THR B 2 -10.60 -0.06 11.57
C THR B 2 -10.48 -1.33 10.72
N GLY B 3 -9.76 -1.22 9.61
CA GLY B 3 -9.57 -2.35 8.70
C GLY B 3 -8.33 -2.15 7.83
N ALA B 4 -7.34 -3.00 8.04
CA ALA B 4 -6.08 -2.93 7.29
C ALA B 4 -6.28 -3.15 5.78
N ALA B 5 -7.13 -4.11 5.43
CA ALA B 5 -7.39 -4.41 4.02
C ALA B 5 -7.97 -3.18 3.30
N LEU B 6 -8.95 -2.55 3.92
CA LEU B 6 -9.59 -1.38 3.34
C LEU B 6 -8.58 -0.24 3.20
N SER B 7 -7.77 -0.08 4.24
CA SER B 7 -6.77 0.98 4.23
C SER B 7 -5.88 0.84 3.01
N TRP B 8 -5.46 -0.38 2.73
CA TRP B 8 -4.62 -0.65 1.58
C TRP B 8 -5.39 -0.42 0.28
N GLN B 9 -6.60 -0.94 0.21
CA GLN B 9 -7.43 -0.79 -0.99
C GLN B 9 -7.73 0.68 -1.28
N ALA B 10 -8.13 1.42 -0.26
CA ALA B 10 -8.46 2.84 -0.43
C ALA B 10 -7.23 3.64 -0.85
N ALA B 11 -6.07 3.29 -0.30
CA ALA B 11 -4.83 3.98 -0.64
C ALA B 11 -4.47 3.77 -2.11
N ILE B 12 -4.67 2.54 -2.59
CA ILE B 12 -4.37 2.21 -3.98
C ILE B 12 -5.28 2.99 -4.93
N ASP B 13 -6.56 3.04 -4.59
CA ASP B 13 -7.53 3.75 -5.40
C ASP B 13 -7.18 5.23 -5.51
N ALA B 14 -6.91 5.85 -4.37
CA ALA B 14 -6.54 7.27 -4.35
C ALA B 14 -5.20 7.49 -5.06
N ALA B 15 -4.28 6.55 -4.86
CA ALA B 15 -2.96 6.65 -5.48
C ALA B 15 -3.10 6.60 -7.00
N ARG B 16 -3.97 5.72 -7.47
CA ARG B 16 -4.20 5.57 -8.90
C ARG B 16 -4.77 6.86 -9.50
N GLN B 17 -5.75 7.43 -8.81
CA GLN B 17 -6.37 8.66 -9.29
C GLN B 17 -5.34 9.78 -9.35
N ALA B 18 -4.48 9.83 -8.32
CA ALA B 18 -3.44 10.85 -8.27
C ALA B 18 -2.48 10.70 -9.45
N LYS B 19 -2.08 9.46 -9.71
CA LYS B 19 -1.17 9.20 -10.82
C LYS B 19 -1.83 9.56 -12.15
N LEU B 20 -3.10 9.18 -12.29
CA LEU B 20 -3.82 9.45 -13.53
C LEU B 20 -3.92 10.96 -13.79
N MET B 21 -4.40 11.70 -12.79
CA MET B 21 -4.54 13.14 -12.92
C MET B 21 -3.17 13.82 -13.01
N GLY B 22 -2.21 13.30 -12.26
CA GLY B 22 -0.86 13.86 -12.26
C GLY B 22 -0.69 14.98 -11.23
N SER B 23 -1.67 15.12 -10.35
CA SER B 23 -1.62 16.16 -9.32
C SER B 23 -0.67 15.75 -8.19
N ALA B 24 -0.26 16.72 -7.39
CA ALA B 24 0.64 16.47 -6.27
C ALA B 24 1.94 15.84 -6.76
CA CA C . 11.89 2.10 2.46
CA CA D . 9.43 -6.69 6.14
N ALA A 1 -14.44 -16.40 -8.91
CA ALA A 1 -13.18 -17.18 -8.89
C ALA A 1 -12.28 -16.66 -10.00
N ASP A 2 -11.88 -15.41 -9.85
CA ASP A 2 -11.04 -14.75 -10.84
C ASP A 2 -9.65 -15.36 -10.88
N GLN A 3 -9.12 -15.56 -12.10
CA GLN A 3 -7.79 -16.13 -12.29
C GLN A 3 -6.76 -15.02 -12.48
N LEU A 4 -5.54 -15.24 -11.98
CA LEU A 4 -4.48 -14.25 -12.10
C LEU A 4 -4.24 -13.87 -13.56
N THR A 5 -3.35 -12.90 -13.78
CA THR A 5 -3.04 -12.45 -15.13
C THR A 5 -1.89 -11.44 -15.11
N GLU A 6 -1.39 -11.08 -16.29
CA GLU A 6 -0.30 -10.11 -16.38
C GLU A 6 -0.66 -8.84 -15.63
N GLU A 7 -1.84 -8.31 -15.91
CA GLU A 7 -2.29 -7.10 -15.26
C GLU A 7 -2.02 -7.17 -13.76
N GLN A 8 -2.59 -8.18 -13.10
CA GLN A 8 -2.46 -8.34 -11.66
C GLN A 8 -1.02 -8.11 -11.18
N ILE A 9 -0.08 -8.90 -11.67
CA ILE A 9 1.30 -8.73 -11.22
C ILE A 9 1.80 -7.31 -11.49
N ALA A 10 1.62 -6.83 -12.70
CA ALA A 10 2.05 -5.51 -13.06
C ALA A 10 1.38 -4.49 -12.13
N GLU A 11 0.15 -4.81 -11.75
CA GLU A 11 -0.62 -3.93 -10.87
C GLU A 11 0.05 -3.79 -9.50
N PHE A 12 0.48 -4.91 -8.93
CA PHE A 12 1.12 -4.89 -7.63
C PHE A 12 2.40 -4.05 -7.70
N LYS A 13 3.17 -4.24 -8.75
CA LYS A 13 4.42 -3.51 -8.91
C LYS A 13 4.16 -2.01 -8.94
N GLU A 14 3.18 -1.60 -9.74
CA GLU A 14 2.83 -0.18 -9.83
C GLU A 14 2.51 0.38 -8.44
N ALA A 15 1.55 -0.22 -7.77
CA ALA A 15 1.17 0.21 -6.43
C ALA A 15 2.39 0.25 -5.52
N PHE A 16 3.17 -0.81 -5.54
CA PHE A 16 4.37 -0.88 -4.72
C PHE A 16 5.30 0.30 -5.02
N SER A 17 5.58 0.52 -6.28
CA SER A 17 6.47 1.60 -6.70
C SER A 17 5.96 2.95 -6.21
N LEU A 18 4.64 3.11 -6.22
CA LEU A 18 4.05 4.38 -5.79
C LEU A 18 4.31 4.64 -4.31
N PHE A 19 4.17 3.60 -3.50
CA PHE A 19 4.38 3.75 -2.07
C PHE A 19 5.85 3.99 -1.73
N ASP A 20 6.73 3.16 -2.25
CA ASP A 20 8.17 3.32 -1.98
C ASP A 20 8.65 4.68 -2.48
N LYS A 21 8.45 5.71 -1.67
CA LYS A 21 8.88 7.06 -2.06
C LYS A 21 10.40 7.14 -2.14
N ASP A 22 11.07 6.76 -1.06
CA ASP A 22 12.53 6.82 -1.01
C ASP A 22 13.11 5.92 -2.10
N GLY A 23 12.28 4.99 -2.59
CA GLY A 23 12.71 4.10 -3.66
C GLY A 23 13.83 3.17 -3.21
N ASP A 24 13.71 2.62 -2.00
CA ASP A 24 14.73 1.69 -1.49
C ASP A 24 14.30 0.23 -1.65
N GLY A 25 13.12 0.03 -2.26
CA GLY A 25 12.59 -1.33 -2.47
C GLY A 25 11.72 -1.76 -1.31
N THR A 26 11.38 -0.81 -0.45
CA THR A 26 10.53 -1.10 0.71
C THR A 26 9.60 0.08 0.99
N ILE A 27 8.51 -0.20 1.70
CA ILE A 27 7.55 0.85 2.06
C ILE A 27 7.63 1.09 3.56
N THR A 28 7.67 2.35 3.97
CA THR A 28 7.77 2.70 5.40
C THR A 28 6.51 3.39 5.89
N THR A 29 6.36 3.45 7.21
CA THR A 29 5.20 4.07 7.83
C THR A 29 5.05 5.51 7.36
N LYS A 30 6.16 6.24 7.36
CA LYS A 30 6.17 7.63 6.94
C LYS A 30 5.92 7.74 5.44
N GLU A 31 6.57 6.88 4.67
CA GLU A 31 6.40 6.88 3.21
C GLU A 31 4.91 6.78 2.88
N LEU A 32 4.28 5.74 3.40
CA LEU A 32 2.85 5.53 3.18
C LEU A 32 2.05 6.70 3.72
N GLY A 33 2.36 7.12 4.94
CA GLY A 33 1.65 8.23 5.57
C GLY A 33 1.57 9.40 4.62
N THR A 34 2.69 9.71 3.98
CA THR A 34 2.73 10.83 3.04
C THR A 34 1.74 10.59 1.92
N VAL A 35 1.74 9.38 1.36
CA VAL A 35 0.83 9.04 0.28
C VAL A 35 -0.62 9.13 0.75
N MET A 36 -0.88 8.64 1.96
CA MET A 36 -2.23 8.67 2.51
C MET A 36 -2.69 10.10 2.78
N ARG A 37 -1.78 10.94 3.29
CA ARG A 37 -2.12 12.33 3.58
C ARG A 37 -2.23 13.15 2.29
N SER A 38 -1.19 13.08 1.46
CA SER A 38 -1.17 13.82 0.19
C SER A 38 -2.45 13.57 -0.59
N LEU A 39 -3.08 12.43 -0.35
CA LEU A 39 -4.32 12.08 -1.05
C LEU A 39 -5.53 12.61 -0.30
N GLY A 40 -5.34 12.95 0.98
CA GLY A 40 -6.44 13.49 1.79
C GLY A 40 -7.03 12.43 2.72
N GLN A 41 -6.33 11.31 2.88
CA GLN A 41 -6.83 10.23 3.75
C GLN A 41 -6.28 10.37 5.17
N ASN A 42 -6.75 9.51 6.06
CA ASN A 42 -6.33 9.53 7.46
C ASN A 42 -4.85 9.91 7.59
N PRO A 43 -4.53 11.12 7.99
CA PRO A 43 -3.11 11.57 8.14
C PRO A 43 -2.44 10.97 9.37
N THR A 44 -3.26 10.44 10.28
CA THR A 44 -2.75 9.85 11.51
C THR A 44 -1.66 8.82 11.19
N GLU A 45 -0.41 9.19 11.44
CA GLU A 45 0.72 8.29 11.21
C GLU A 45 0.75 7.19 12.25
N ALA A 46 0.78 7.57 13.53
CA ALA A 46 0.82 6.60 14.62
C ALA A 46 -0.06 5.40 14.27
N GLU A 47 -1.18 5.68 13.62
CA GLU A 47 -2.10 4.63 13.20
C GLU A 47 -1.37 3.68 12.23
N LEU A 48 -0.77 4.26 11.19
CA LEU A 48 -0.04 3.45 10.20
C LEU A 48 1.09 2.70 10.90
N GLN A 49 1.91 3.44 11.66
CA GLN A 49 3.02 2.83 12.38
C GLN A 49 2.55 1.59 13.12
N ASP A 50 1.26 1.55 13.45
CA ASP A 50 0.70 0.41 14.15
C ASP A 50 0.43 -0.75 13.18
N MET A 51 -0.09 -0.43 12.00
CA MET A 51 -0.40 -1.46 11.01
C MET A 51 0.85 -2.22 10.60
N ILE A 52 1.91 -1.49 10.28
CA ILE A 52 3.16 -2.12 9.88
C ILE A 52 3.76 -2.88 11.08
N ASN A 53 3.73 -2.24 12.24
CA ASN A 53 4.25 -2.84 13.47
C ASN A 53 3.43 -4.06 13.86
N GLU A 54 2.15 -4.08 13.47
CA GLU A 54 1.27 -5.19 13.81
C GLU A 54 1.49 -6.37 12.87
N VAL A 55 1.50 -6.11 11.55
CA VAL A 55 1.68 -7.18 10.57
C VAL A 55 3.10 -7.73 10.58
N ASP A 56 4.07 -6.91 10.99
CA ASP A 56 5.48 -7.36 11.01
C ASP A 56 5.80 -8.06 12.33
N ALA A 57 5.30 -9.30 12.47
CA ALA A 57 5.54 -10.07 13.69
C ALA A 57 6.94 -10.70 13.71
N ASP A 58 7.34 -11.30 12.59
CA ASP A 58 8.65 -11.94 12.51
C ASP A 58 9.77 -10.90 12.47
N GLY A 59 9.40 -9.62 12.43
CA GLY A 59 10.41 -8.56 12.37
C GLY A 59 10.87 -8.37 10.94
N ASN A 60 10.05 -7.68 10.16
CA ASN A 60 10.36 -7.40 8.76
C ASN A 60 10.57 -5.91 8.52
N GLY A 61 10.00 -5.07 9.41
CA GLY A 61 10.10 -3.62 9.29
C GLY A 61 9.92 -3.20 7.85
N THR A 62 8.72 -2.68 7.51
CA THR A 62 8.39 -2.22 6.16
C THR A 62 7.66 -3.30 5.39
N ILE A 63 7.05 -2.92 4.27
CA ILE A 63 6.31 -3.86 3.43
C ILE A 63 7.06 -4.11 2.12
N ASP A 64 7.44 -5.36 1.91
CA ASP A 64 8.18 -5.74 0.71
C ASP A 64 7.25 -6.04 -0.46
N PHE A 65 7.83 -6.34 -1.61
CA PHE A 65 7.08 -6.66 -2.82
C PHE A 65 6.08 -7.80 -2.60
N PRO A 66 6.51 -8.93 -2.08
CA PRO A 66 5.62 -10.11 -1.87
C PRO A 66 4.45 -9.84 -0.94
N GLU A 67 4.75 -9.35 0.26
CA GLU A 67 3.72 -9.07 1.24
C GLU A 67 2.60 -8.23 0.64
N PHE A 68 2.99 -7.14 -0.02
CA PHE A 68 2.01 -6.25 -0.63
C PHE A 68 1.19 -7.00 -1.68
N LEU A 69 1.90 -7.72 -2.55
CA LEU A 69 1.26 -8.50 -3.59
C LEU A 69 0.26 -9.47 -3.00
N THR A 70 0.48 -9.87 -1.75
CA THR A 70 -0.41 -10.82 -1.09
C THR A 70 -1.59 -10.12 -0.42
N MET A 71 -1.31 -9.39 0.66
CA MET A 71 -2.37 -8.70 1.39
C MET A 71 -3.31 -7.95 0.46
N MET A 72 -2.86 -7.70 -0.77
CA MET A 72 -3.70 -6.99 -1.74
C MET A 72 -4.61 -7.96 -2.51
N ALA A 73 -4.16 -9.20 -2.64
CA ALA A 73 -4.92 -10.23 -3.35
C ALA A 73 -5.96 -10.89 -2.45
N ARG A 74 -6.27 -10.25 -1.33
CA ARG A 74 -7.25 -10.80 -0.39
C ARG A 74 -8.59 -10.09 -0.55
N LYS A 75 -8.66 -9.19 -1.53
CA LYS A 75 -9.90 -8.45 -1.81
C LYS A 75 -10.29 -8.58 -3.27
N MET A 76 -11.56 -8.94 -3.50
CA MET A 76 -12.07 -9.12 -4.86
C MET A 76 -12.87 -7.89 -5.29
N LYS A 77 -12.30 -7.13 -6.22
CA LYS A 77 -12.95 -5.93 -6.72
C LYS A 77 -13.33 -5.00 -5.56
N GLY B 1 -5.47 -5.93 14.12
CA GLY B 1 -5.72 -5.43 12.74
C GLY B 1 -7.12 -5.84 12.29
N THR B 2 -7.88 -4.88 11.76
CA THR B 2 -9.24 -5.16 11.28
C THR B 2 -9.54 -4.35 10.04
N GLY B 3 -9.16 -3.06 10.05
CA GLY B 3 -9.40 -2.18 8.91
C GLY B 3 -8.12 -2.02 8.09
N ALA B 4 -7.13 -2.86 8.39
CA ALA B 4 -5.84 -2.83 7.72
C ALA B 4 -5.98 -3.08 6.20
N ALA B 5 -6.75 -4.09 5.84
CA ALA B 5 -6.95 -4.44 4.43
C ALA B 5 -7.64 -3.30 3.68
N LEU B 6 -8.63 -2.69 4.34
CA LEU B 6 -9.38 -1.59 3.74
C LEU B 6 -8.44 -0.40 3.49
N SER B 7 -7.57 -0.15 4.46
CA SER B 7 -6.63 0.95 4.35
C SER B 7 -5.74 0.77 3.13
N TRP B 8 -5.25 -0.44 2.96
CA TRP B 8 -4.39 -0.76 1.82
C TRP B 8 -5.15 -0.59 0.51
N GLN B 9 -6.37 -1.11 0.46
CA GLN B 9 -7.20 -1.02 -0.76
C GLN B 9 -7.57 0.43 -1.07
N ALA B 10 -7.94 1.19 -0.04
CA ALA B 10 -8.32 2.59 -0.23
C ALA B 10 -7.16 3.42 -0.77
N ALA B 11 -5.96 3.14 -0.27
CA ALA B 11 -4.77 3.87 -0.73
C ALA B 11 -4.53 3.64 -2.21
N ILE B 12 -4.74 2.41 -2.66
CA ILE B 12 -4.54 2.06 -4.07
C ILE B 12 -5.54 2.82 -4.95
N ASP B 13 -6.79 2.85 -4.51
CA ASP B 13 -7.84 3.53 -5.26
C ASP B 13 -7.54 5.02 -5.37
N ALA B 14 -7.22 5.65 -4.23
CA ALA B 14 -6.92 7.07 -4.22
C ALA B 14 -5.64 7.36 -5.01
N ALA B 15 -4.64 6.48 -4.87
CA ALA B 15 -3.38 6.65 -5.58
C ALA B 15 -3.61 6.59 -7.08
N ARG B 16 -4.48 5.68 -7.49
CA ARG B 16 -4.80 5.53 -8.91
C ARG B 16 -5.44 6.80 -9.45
N GLN B 17 -6.38 7.36 -8.70
CA GLN B 17 -7.06 8.58 -9.13
C GLN B 17 -6.05 9.72 -9.24
N ALA B 18 -5.16 9.81 -8.26
CA ALA B 18 -4.14 10.85 -8.26
C ALA B 18 -3.19 10.67 -9.44
N LYS B 19 -2.77 9.44 -9.67
CA LYS B 19 -1.87 9.13 -10.78
C LYS B 19 -2.54 9.43 -12.11
N LEU B 20 -3.80 9.05 -12.23
CA LEU B 20 -4.54 9.27 -13.47
C LEU B 20 -4.67 10.76 -13.76
N MET B 21 -5.00 11.54 -12.73
CA MET B 21 -5.16 12.98 -12.90
C MET B 21 -3.83 13.65 -13.20
N GLY B 22 -2.76 13.17 -12.56
CA GLY B 22 -1.43 13.71 -12.78
C GLY B 22 -1.18 14.99 -11.97
N SER B 23 -2.12 15.32 -11.07
CA SER B 23 -1.98 16.51 -10.25
C SER B 23 -1.80 17.75 -11.12
N ALA B 24 -2.71 17.93 -12.07
CA ALA B 24 -2.65 19.08 -12.97
C ALA B 24 -3.16 20.34 -12.29
CA CA C . 11.50 2.31 2.33
CA CA D . 10.19 -5.65 5.11
N ALA A 1 -13.81 -17.55 -8.01
CA ALA A 1 -13.33 -18.32 -9.19
C ALA A 1 -12.08 -17.65 -9.75
N ASP A 2 -11.82 -17.88 -11.04
CA ASP A 2 -10.66 -17.28 -11.67
C ASP A 2 -9.39 -17.59 -10.88
N GLN A 3 -8.24 -17.21 -11.44
CA GLN A 3 -6.96 -17.45 -10.79
C GLN A 3 -5.97 -16.34 -11.13
N LEU A 4 -5.90 -15.33 -10.26
CA LEU A 4 -5.00 -14.20 -10.46
C LEU A 4 -5.04 -13.74 -11.92
N THR A 5 -4.13 -12.83 -12.28
CA THR A 5 -4.07 -12.31 -13.65
C THR A 5 -2.94 -11.29 -13.77
N GLU A 6 -2.77 -10.75 -14.97
CA GLU A 6 -1.72 -9.75 -15.21
C GLU A 6 -1.99 -8.51 -14.37
N GLU A 7 -3.24 -8.07 -14.35
CA GLU A 7 -3.60 -6.90 -13.57
C GLU A 7 -2.98 -6.97 -12.18
N GLN A 8 -3.35 -8.00 -11.43
CA GLN A 8 -2.89 -8.17 -10.06
C GLN A 8 -1.38 -7.96 -9.91
N ILE A 9 -0.59 -8.78 -10.58
CA ILE A 9 0.86 -8.64 -10.45
C ILE A 9 1.30 -7.22 -10.79
N ALA A 10 0.83 -6.70 -11.91
CA ALA A 10 1.20 -5.36 -12.32
C ALA A 10 0.75 -4.35 -11.27
N GLU A 11 -0.43 -4.58 -10.72
CA GLU A 11 -1.00 -3.70 -9.71
C GLU A 11 -0.06 -3.54 -8.53
N PHE A 12 0.43 -4.66 -7.99
CA PHE A 12 1.33 -4.60 -6.85
C PHE A 12 2.60 -3.85 -7.22
N LYS A 13 3.17 -4.18 -8.39
CA LYS A 13 4.40 -3.54 -8.84
C LYS A 13 4.21 -2.03 -8.90
N GLU A 14 3.08 -1.60 -9.43
CA GLU A 14 2.80 -0.18 -9.55
C GLU A 14 2.64 0.45 -8.18
N ALA A 15 1.71 -0.08 -7.39
CA ALA A 15 1.46 0.47 -6.06
C ALA A 15 2.73 0.42 -5.23
N PHE A 16 3.48 -0.66 -5.36
CA PHE A 16 4.72 -0.81 -4.61
C PHE A 16 5.67 0.37 -4.88
N SER A 17 5.94 0.62 -6.15
CA SER A 17 6.84 1.69 -6.52
C SER A 17 6.26 3.06 -6.19
N LEU A 18 4.93 3.13 -6.06
CA LEU A 18 4.29 4.40 -5.74
C LEU A 18 4.50 4.79 -4.28
N PHE A 19 4.35 3.83 -3.38
CA PHE A 19 4.50 4.12 -1.96
C PHE A 19 5.94 4.36 -1.58
N ASP A 20 6.81 3.39 -1.84
CA ASP A 20 8.21 3.54 -1.50
C ASP A 20 8.77 4.84 -2.11
N LYS A 21 8.59 5.96 -1.38
CA LYS A 21 9.06 7.25 -1.87
C LYS A 21 10.58 7.23 -2.07
N ASP A 22 11.31 6.83 -1.03
CA ASP A 22 12.76 6.78 -1.12
C ASP A 22 13.18 5.73 -2.14
N GLY A 23 12.24 4.86 -2.49
CA GLY A 23 12.49 3.80 -3.47
C GLY A 23 13.67 2.92 -3.03
N ASP A 24 13.71 2.56 -1.75
CA ASP A 24 14.80 1.73 -1.24
C ASP A 24 14.53 0.24 -1.51
N GLY A 25 13.28 -0.07 -1.86
CA GLY A 25 12.88 -1.45 -2.14
C GLY A 25 11.83 -1.94 -1.15
N THR A 26 11.63 -1.20 -0.07
CA THR A 26 10.65 -1.56 0.95
C THR A 26 9.70 -0.40 1.21
N ILE A 27 8.53 -0.71 1.77
CA ILE A 27 7.55 0.32 2.09
C ILE A 27 7.59 0.63 3.58
N THR A 28 7.50 1.92 3.93
CA THR A 28 7.55 2.33 5.33
C THR A 28 6.32 3.15 5.72
N THR A 29 6.21 3.45 7.01
CA THR A 29 5.08 4.22 7.53
C THR A 29 5.11 5.65 6.98
N LYS A 30 6.32 6.20 6.89
CA LYS A 30 6.51 7.56 6.39
C LYS A 30 6.26 7.63 4.88
N GLU A 31 6.77 6.64 4.16
CA GLU A 31 6.60 6.58 2.72
C GLU A 31 5.11 6.55 2.38
N LEU A 32 4.43 5.54 2.88
CA LEU A 32 3.00 5.41 2.65
C LEU A 32 2.26 6.59 3.25
N GLY A 33 2.64 6.95 4.46
CA GLY A 33 2.00 8.06 5.14
C GLY A 33 2.01 9.28 4.24
N THR A 34 3.10 9.48 3.52
CA THR A 34 3.21 10.61 2.63
C THR A 34 2.12 10.53 1.57
N VAL A 35 2.00 9.38 0.92
CA VAL A 35 0.99 9.19 -0.12
C VAL A 35 -0.43 9.33 0.46
N MET A 36 -0.62 8.76 1.64
CA MET A 36 -1.93 8.85 2.29
C MET A 36 -2.26 10.29 2.73
N ARG A 37 -1.28 10.95 3.34
CA ARG A 37 -1.48 12.32 3.80
C ARG A 37 -1.65 13.27 2.62
N SER A 38 -0.75 13.20 1.66
CA SER A 38 -0.80 14.07 0.49
C SER A 38 -2.15 13.92 -0.23
N LEU A 39 -2.81 12.79 -0.01
CA LEU A 39 -4.11 12.54 -0.64
C LEU A 39 -5.25 13.10 0.21
N GLY A 40 -4.96 13.37 1.49
CA GLY A 40 -5.97 13.93 2.39
C GLY A 40 -6.55 12.87 3.32
N GLN A 41 -5.98 11.67 3.27
CA GLN A 41 -6.45 10.58 4.12
C GLN A 41 -5.96 10.78 5.56
N ASN A 42 -6.66 10.16 6.51
CA ASN A 42 -6.32 10.27 7.93
C ASN A 42 -4.80 10.37 8.14
N PRO A 43 -4.27 11.58 8.28
CA PRO A 43 -2.80 11.78 8.48
C PRO A 43 -2.28 11.02 9.69
N THR A 44 -3.21 10.45 10.47
CA THR A 44 -2.85 9.70 11.66
C THR A 44 -1.73 8.70 11.38
N GLU A 45 -0.49 9.19 11.41
CA GLU A 45 0.67 8.35 11.17
C GLU A 45 0.71 7.20 12.16
N ALA A 46 -0.19 7.24 13.13
CA ALA A 46 -0.29 6.18 14.13
C ALA A 46 -1.07 4.99 13.58
N GLU A 47 -2.12 5.29 12.82
CA GLU A 47 -2.95 4.25 12.23
C GLU A 47 -2.10 3.35 11.35
N LEU A 48 -1.23 3.97 10.55
CA LEU A 48 -0.35 3.22 9.66
C LEU A 48 0.64 2.42 10.49
N GLN A 49 1.36 3.11 11.38
CA GLN A 49 2.35 2.45 12.22
C GLN A 49 1.77 1.18 12.84
N ASP A 50 0.50 1.24 13.21
CA ASP A 50 -0.16 0.09 13.81
C ASP A 50 -0.49 -0.97 12.76
N MET A 51 -1.00 -0.53 11.60
CA MET A 51 -1.36 -1.46 10.53
C MET A 51 -0.12 -2.19 10.01
N ILE A 52 0.94 -1.45 9.77
CA ILE A 52 2.18 -2.05 9.28
C ILE A 52 2.76 -2.96 10.34
N ASN A 53 2.72 -2.51 11.58
CA ASN A 53 3.27 -3.28 12.68
C ASN A 53 2.63 -4.66 12.75
N GLU A 54 1.32 -4.72 12.49
CA GLU A 54 0.61 -5.99 12.54
C GLU A 54 0.86 -6.79 11.25
N VAL A 55 0.77 -6.11 10.10
CA VAL A 55 0.97 -6.77 8.82
C VAL A 55 2.41 -7.26 8.65
N ASP A 56 3.37 -6.41 9.01
CA ASP A 56 4.78 -6.76 8.87
C ASP A 56 5.03 -8.18 9.37
N ALA A 57 5.57 -9.02 8.50
CA ALA A 57 5.84 -10.42 8.85
C ALA A 57 7.22 -10.59 9.51
N ASP A 58 8.20 -9.79 9.08
CA ASP A 58 9.55 -9.88 9.63
C ASP A 58 9.70 -9.05 10.89
N GLY A 59 8.68 -8.25 11.22
CA GLY A 59 8.74 -7.40 12.39
C GLY A 59 9.84 -6.35 12.23
N ASN A 60 10.15 -6.04 10.97
CA ASN A 60 11.18 -5.06 10.66
C ASN A 60 10.61 -3.65 10.68
N GLY A 61 9.29 -3.56 10.53
CA GLY A 61 8.59 -2.27 10.53
C GLY A 61 8.24 -1.84 9.09
N THR A 62 8.71 -2.62 8.12
CA THR A 62 8.45 -2.31 6.71
C THR A 62 7.86 -3.53 6.00
N ILE A 63 7.27 -3.29 4.81
CA ILE A 63 6.66 -4.37 4.03
C ILE A 63 7.53 -4.69 2.81
N ASP A 64 8.05 -5.91 2.78
CA ASP A 64 8.91 -6.32 1.69
C ASP A 64 8.11 -6.44 0.38
N PHE A 65 8.82 -6.81 -0.67
CA PHE A 65 8.24 -6.97 -2.01
C PHE A 65 7.37 -8.24 -2.10
N PRO A 66 7.91 -9.38 -1.72
CA PRO A 66 7.16 -10.66 -1.81
C PRO A 66 5.96 -10.70 -0.87
N GLU A 67 6.07 -10.06 0.28
CA GLU A 67 4.98 -10.08 1.25
C GLU A 67 3.70 -9.45 0.68
N PHE A 68 3.83 -8.24 0.17
CA PHE A 68 2.67 -7.55 -0.38
C PHE A 68 2.08 -8.37 -1.52
N LEU A 69 2.94 -8.71 -2.48
CA LEU A 69 2.52 -9.51 -3.62
C LEU A 69 2.04 -10.89 -3.17
N THR A 70 2.76 -11.48 -2.24
CA THR A 70 2.41 -12.81 -1.74
C THR A 70 0.93 -12.90 -1.43
N MET A 71 0.45 -12.09 -0.49
CA MET A 71 -0.96 -12.19 -0.14
C MET A 71 -1.80 -11.93 -1.39
N MET A 72 -1.79 -10.71 -1.86
CA MET A 72 -2.61 -10.36 -3.02
C MET A 72 -2.41 -11.39 -4.12
N ALA A 73 -1.26 -12.07 -4.05
CA ALA A 73 -0.90 -13.09 -5.04
C ALA A 73 -0.31 -14.33 -4.37
N ARG A 74 -1.13 -15.04 -3.62
CA ARG A 74 -0.65 -16.25 -2.94
C ARG A 74 -0.11 -17.26 -3.96
N LYS A 75 -0.98 -17.74 -4.83
CA LYS A 75 -0.56 -18.72 -5.83
C LYS A 75 0.44 -18.10 -6.80
N MET A 76 1.15 -18.96 -7.54
CA MET A 76 2.13 -18.49 -8.51
C MET A 76 3.40 -18.00 -7.80
N LYS A 77 4.10 -17.07 -8.44
CA LYS A 77 5.32 -16.52 -7.87
C LYS A 77 4.99 -15.41 -6.86
N GLY B 1 -12.46 -6.23 4.75
CA GLY B 1 -12.31 -7.25 5.82
C GLY B 1 -12.42 -6.58 7.19
N THR B 2 -11.41 -6.80 8.04
CA THR B 2 -11.41 -6.19 9.36
C THR B 2 -11.29 -4.67 9.25
N GLY B 3 -10.59 -4.21 8.22
CA GLY B 3 -10.40 -2.78 7.98
C GLY B 3 -9.06 -2.52 7.28
N ALA B 4 -8.11 -3.42 7.53
CA ALA B 4 -6.78 -3.29 6.94
C ALA B 4 -6.82 -3.34 5.41
N ALA B 5 -7.55 -4.31 4.87
CA ALA B 5 -7.64 -4.46 3.42
C ALA B 5 -8.28 -3.22 2.79
N LEU B 6 -9.29 -2.68 3.46
CA LEU B 6 -9.97 -1.49 2.96
C LEU B 6 -9.01 -0.32 2.88
N SER B 7 -8.19 -0.17 3.92
CA SER B 7 -7.22 0.92 3.97
C SER B 7 -6.27 0.83 2.78
N TRP B 8 -5.79 -0.38 2.52
CA TRP B 8 -4.88 -0.60 1.41
C TRP B 8 -5.60 -0.35 0.07
N GLN B 9 -6.82 -0.85 -0.06
CA GLN B 9 -7.58 -0.67 -1.29
C GLN B 9 -7.90 0.79 -1.54
N ALA B 10 -8.26 1.52 -0.48
CA ALA B 10 -8.60 2.93 -0.62
C ALA B 10 -7.39 3.74 -1.07
N ALA B 11 -6.23 3.43 -0.50
CA ALA B 11 -5.00 4.14 -0.84
C ALA B 11 -4.61 3.89 -2.30
N ILE B 12 -4.74 2.63 -2.72
CA ILE B 12 -4.40 2.25 -4.09
C ILE B 12 -5.33 2.94 -5.08
N ASP B 13 -6.62 2.95 -4.76
CA ASP B 13 -7.60 3.57 -5.64
C ASP B 13 -7.29 5.05 -5.83
N ALA B 14 -7.04 5.75 -4.75
CA ALA B 14 -6.73 7.18 -4.82
C ALA B 14 -5.39 7.39 -5.51
N ALA B 15 -4.42 6.53 -5.21
CA ALA B 15 -3.09 6.65 -5.81
C ALA B 15 -3.19 6.44 -7.31
N ARG B 16 -3.95 5.42 -7.70
CA ARG B 16 -4.13 5.10 -9.11
C ARG B 16 -4.83 6.25 -9.84
N GLN B 17 -5.88 6.79 -9.22
CA GLN B 17 -6.63 7.89 -9.81
C GLN B 17 -5.72 9.10 -9.94
N ALA B 18 -4.91 9.33 -8.92
CA ALA B 18 -4.00 10.46 -8.92
C ALA B 18 -2.97 10.32 -10.04
N LYS B 19 -2.51 9.09 -10.24
CA LYS B 19 -1.52 8.83 -11.29
C LYS B 19 -2.10 9.14 -12.66
N LEU B 20 -3.32 8.66 -12.91
CA LEU B 20 -3.98 8.90 -14.19
C LEU B 20 -4.28 10.39 -14.39
N MET B 21 -4.79 11.03 -13.34
CA MET B 21 -5.12 12.45 -13.41
C MET B 21 -3.87 13.30 -13.55
N GLY B 22 -2.80 12.91 -12.87
CA GLY B 22 -1.53 13.64 -12.92
C GLY B 22 -1.47 14.74 -11.87
N SER B 23 -2.40 14.72 -10.92
CA SER B 23 -2.42 15.72 -9.86
C SER B 23 -2.42 17.13 -10.44
N ALA B 24 -2.67 18.12 -9.57
CA ALA B 24 -2.70 19.51 -10.01
C ALA B 24 -3.68 19.69 -11.16
CA CA C . 11.96 2.11 3.02
CA CA D . 8.00 -7.44 5.93
N ALA A 1 -10.24 -23.62 -13.53
CA ALA A 1 -9.40 -23.56 -12.29
C ALA A 1 -8.41 -22.41 -12.45
N ASP A 2 -8.26 -21.97 -13.68
CA ASP A 2 -7.35 -20.87 -14.00
C ASP A 2 -7.77 -19.59 -13.27
N GLN A 3 -6.78 -18.90 -12.70
CA GLN A 3 -7.03 -17.65 -11.97
C GLN A 3 -5.83 -16.72 -12.10
N LEU A 4 -6.08 -15.42 -11.89
CA LEU A 4 -5.01 -14.42 -11.98
C LEU A 4 -4.70 -14.09 -13.44
N THR A 5 -3.74 -13.19 -13.64
CA THR A 5 -3.33 -12.79 -15.00
C THR A 5 -2.10 -11.89 -14.95
N GLU A 6 -1.49 -11.66 -16.11
CA GLU A 6 -0.31 -10.81 -16.18
C GLU A 6 -0.58 -9.47 -15.50
N GLU A 7 -1.65 -8.84 -15.89
CA GLU A 7 -2.00 -7.54 -15.33
C GLU A 7 -1.85 -7.58 -13.80
N GLN A 8 -2.58 -8.48 -13.15
CA GLN A 8 -2.59 -8.58 -11.70
C GLN A 8 -1.20 -8.44 -11.08
N ILE A 9 -0.25 -9.25 -11.51
CA ILE A 9 1.08 -9.16 -10.92
C ILE A 9 1.68 -7.76 -11.15
N ALA A 10 1.61 -7.28 -12.39
CA ALA A 10 2.15 -5.97 -12.70
C ALA A 10 1.47 -4.92 -11.83
N GLU A 11 0.16 -5.04 -11.69
CA GLU A 11 -0.62 -4.10 -10.88
C GLU A 11 -0.09 -4.02 -9.46
N PHE A 12 0.27 -5.17 -8.89
CA PHE A 12 0.79 -5.18 -7.54
C PHE A 12 2.11 -4.40 -7.48
N LYS A 13 2.97 -4.63 -8.47
CA LYS A 13 4.26 -3.96 -8.50
C LYS A 13 4.06 -2.45 -8.63
N GLU A 14 3.17 -2.05 -9.52
CA GLU A 14 2.89 -0.63 -9.72
C GLU A 14 2.53 0.03 -8.39
N ALA A 15 1.57 -0.55 -7.68
CA ALA A 15 1.14 -0.01 -6.41
C ALA A 15 2.33 0.05 -5.44
N PHE A 16 3.12 -1.01 -5.41
CA PHE A 16 4.29 -1.05 -4.54
C PHE A 16 5.24 0.11 -4.87
N SER A 17 5.56 0.26 -6.14
CA SER A 17 6.48 1.31 -6.57
C SER A 17 5.98 2.69 -6.14
N LEU A 18 4.67 2.88 -6.18
CA LEU A 18 4.09 4.17 -5.80
C LEU A 18 4.37 4.50 -4.34
N PHE A 19 4.19 3.52 -3.47
CA PHE A 19 4.42 3.74 -2.05
C PHE A 19 5.91 3.82 -1.73
N ASP A 20 6.72 3.00 -2.37
CA ASP A 20 8.16 3.01 -2.10
C ASP A 20 8.80 4.32 -2.57
N LYS A 21 8.38 5.44 -1.96
CA LYS A 21 8.91 6.74 -2.35
C LYS A 21 10.43 6.74 -2.23
N ASP A 22 10.94 6.22 -1.12
CA ASP A 22 12.37 6.19 -0.91
C ASP A 22 13.04 5.38 -2.01
N GLY A 23 12.22 4.59 -2.72
CA GLY A 23 12.73 3.77 -3.83
C GLY A 23 13.87 2.86 -3.38
N ASP A 24 13.80 2.36 -2.16
CA ASP A 24 14.85 1.47 -1.64
C ASP A 24 14.44 0.00 -1.77
N GLY A 25 13.17 -0.25 -2.08
CA GLY A 25 12.67 -1.61 -2.24
C GLY A 25 11.76 -2.01 -1.09
N THR A 26 11.45 -1.04 -0.23
CA THR A 26 10.59 -1.28 0.92
C THR A 26 9.71 -0.07 1.18
N ILE A 27 8.53 -0.31 1.75
CA ILE A 27 7.61 0.77 2.09
C ILE A 27 7.61 0.94 3.59
N THR A 28 7.81 2.18 4.04
CA THR A 28 7.85 2.49 5.48
C THR A 28 6.70 3.41 5.87
N THR A 29 6.56 3.64 7.17
CA THR A 29 5.49 4.49 7.70
C THR A 29 5.53 5.87 7.05
N LYS A 30 6.74 6.40 6.90
CA LYS A 30 6.94 7.72 6.29
C LYS A 30 6.55 7.69 4.81
N GLU A 31 6.95 6.64 4.11
CA GLU A 31 6.63 6.51 2.69
C GLU A 31 5.12 6.56 2.49
N LEU A 32 4.43 5.56 3.01
CA LEU A 32 2.98 5.51 2.89
C LEU A 32 2.33 6.69 3.59
N GLY A 33 2.74 6.94 4.82
CA GLY A 33 2.18 8.04 5.59
C GLY A 33 2.16 9.30 4.75
N THR A 34 3.27 9.57 4.07
CA THR A 34 3.37 10.76 3.23
C THR A 34 2.31 10.70 2.15
N VAL A 35 2.20 9.57 1.45
CA VAL A 35 1.21 9.40 0.40
C VAL A 35 -0.21 9.53 0.96
N MET A 36 -0.43 8.96 2.14
CA MET A 36 -1.74 9.04 2.77
C MET A 36 -2.11 10.48 3.15
N ARG A 37 -1.13 11.22 3.65
CA ARG A 37 -1.36 12.62 4.03
C ARG A 37 -1.43 13.52 2.80
N SER A 38 -0.44 13.38 1.91
CA SER A 38 -0.39 14.19 0.70
C SER A 38 -1.71 14.16 -0.03
N LEU A 39 -2.52 13.14 0.25
CA LEU A 39 -3.83 12.99 -0.40
C LEU A 39 -4.88 13.85 0.29
N GLY A 40 -4.53 14.41 1.45
CA GLY A 40 -5.44 15.28 2.19
C GLY A 40 -6.39 14.48 3.10
N GLN A 41 -5.92 13.34 3.59
CA GLN A 41 -6.74 12.50 4.48
C GLN A 41 -6.46 12.82 5.95
N ASN A 42 -7.53 12.92 6.74
CA ASN A 42 -7.41 13.23 8.16
C ASN A 42 -6.31 12.39 8.83
N PRO A 43 -5.76 12.86 9.92
CA PRO A 43 -4.70 12.11 10.66
C PRO A 43 -5.08 10.64 10.87
N THR A 44 -4.22 9.74 10.41
CA THR A 44 -4.46 8.31 10.56
C THR A 44 -3.19 7.52 10.23
N GLU A 45 -2.07 8.22 10.23
CA GLU A 45 -0.79 7.59 9.95
C GLU A 45 -0.38 6.68 11.11
N ALA A 46 -1.04 6.85 12.25
CA ALA A 46 -0.75 6.04 13.42
C ALA A 46 -1.27 4.61 13.22
N GLU A 47 -2.47 4.51 12.68
CA GLU A 47 -3.09 3.21 12.43
C GLU A 47 -2.16 2.37 11.56
N LEU A 48 -1.63 2.98 10.51
CA LEU A 48 -0.72 2.28 9.61
C LEU A 48 0.54 1.86 10.34
N GLN A 49 1.12 2.80 11.09
CA GLN A 49 2.35 2.53 11.82
C GLN A 49 2.24 1.22 12.60
N ASP A 50 1.14 1.06 13.31
CA ASP A 50 0.91 -0.14 14.09
C ASP A 50 0.67 -1.35 13.20
N MET A 51 -0.02 -1.14 12.08
CA MET A 51 -0.31 -2.23 11.15
C MET A 51 0.96 -2.74 10.48
N ILE A 52 1.82 -1.81 10.06
CA ILE A 52 3.05 -2.18 9.39
C ILE A 52 3.92 -2.99 10.35
N ASN A 53 4.00 -2.52 11.59
CA ASN A 53 4.80 -3.19 12.60
C ASN A 53 4.24 -4.59 12.91
N GLU A 54 2.92 -4.72 12.86
CA GLU A 54 2.27 -6.01 13.15
C GLU A 54 2.45 -7.00 12.01
N VAL A 55 2.05 -6.60 10.80
CA VAL A 55 2.15 -7.49 9.63
C VAL A 55 3.60 -7.84 9.29
N ASP A 56 4.55 -7.03 9.77
CA ASP A 56 5.95 -7.28 9.49
C ASP A 56 6.33 -8.72 9.87
N ALA A 57 7.08 -9.38 8.99
CA ALA A 57 7.49 -10.77 9.22
C ALA A 57 8.50 -10.89 10.36
N ASP A 58 9.51 -10.02 10.39
CA ASP A 58 10.55 -10.08 11.43
C ASP A 58 10.30 -9.04 12.52
N GLY A 59 9.14 -8.40 12.48
CA GLY A 59 8.82 -7.37 13.48
C GLY A 59 9.82 -6.23 13.38
N ASN A 60 10.48 -6.13 12.22
CA ASN A 60 11.48 -5.10 11.98
C ASN A 60 10.84 -3.86 11.36
N GLY A 61 9.64 -4.05 10.79
CA GLY A 61 8.91 -2.96 10.15
C GLY A 61 9.28 -2.91 8.70
N THR A 62 8.37 -2.36 7.85
CA THR A 62 8.58 -2.23 6.41
C THR A 62 7.85 -3.32 5.65
N ILE A 63 7.27 -2.97 4.50
CA ILE A 63 6.52 -3.93 3.68
C ILE A 63 7.25 -4.19 2.37
N ASP A 64 7.35 -5.47 2.00
CA ASP A 64 8.04 -5.85 0.77
C ASP A 64 7.04 -6.11 -0.36
N PHE A 65 7.58 -6.34 -1.55
CA PHE A 65 6.76 -6.61 -2.74
C PHE A 65 5.76 -7.76 -2.51
N PRO A 66 6.22 -8.92 -2.08
CA PRO A 66 5.33 -10.11 -1.88
C PRO A 66 4.26 -9.88 -0.82
N GLU A 67 4.69 -9.42 0.35
CA GLU A 67 3.77 -9.18 1.45
C GLU A 67 2.71 -8.17 1.04
N PHE A 68 3.14 -7.16 0.29
CA PHE A 68 2.21 -6.12 -0.16
C PHE A 68 1.08 -6.76 -0.98
N LEU A 69 1.47 -7.62 -1.92
CA LEU A 69 0.48 -8.27 -2.76
C LEU A 69 -0.47 -9.12 -1.92
N THR A 70 0.10 -9.94 -1.03
CA THR A 70 -0.72 -10.82 -0.21
C THR A 70 -1.73 -10.04 0.62
N MET A 71 -1.27 -9.01 1.32
CA MET A 71 -2.18 -8.23 2.15
C MET A 71 -3.23 -7.50 1.32
N MET A 72 -2.95 -7.29 0.04
CA MET A 72 -3.92 -6.61 -0.84
C MET A 72 -4.94 -7.63 -1.41
N ALA A 73 -4.48 -8.88 -1.54
CA ALA A 73 -5.31 -9.93 -2.10
C ALA A 73 -6.23 -10.55 -1.04
N ARG A 74 -6.52 -9.77 -0.01
CA ARG A 74 -7.38 -10.24 1.07
C ARG A 74 -8.85 -10.21 0.63
N LYS A 75 -9.08 -9.76 -0.60
CA LYS A 75 -10.45 -9.68 -1.14
C LYS A 75 -10.83 -11.00 -1.83
N MET A 76 -10.30 -12.11 -1.32
CA MET A 76 -10.58 -13.42 -1.88
C MET A 76 -10.39 -13.40 -3.39
N LYS A 77 -11.46 -13.07 -4.10
CA LYS A 77 -11.44 -13.01 -5.55
C LYS A 77 -10.74 -11.73 -6.02
N GLY B 1 -13.21 -8.82 10.91
CA GLY B 1 -13.05 -7.66 9.98
C GLY B 1 -12.06 -6.67 10.58
N THR B 2 -11.24 -6.06 9.74
CA THR B 2 -10.25 -5.08 10.18
C THR B 2 -10.28 -3.83 9.31
N GLY B 3 -9.72 -2.74 9.82
CA GLY B 3 -9.69 -1.48 9.09
C GLY B 3 -8.43 -1.39 8.22
N ALA B 4 -7.49 -2.27 8.50
CA ALA B 4 -6.22 -2.30 7.77
C ALA B 4 -6.42 -2.56 6.26
N ALA B 5 -7.27 -3.53 5.93
CA ALA B 5 -7.52 -3.87 4.53
C ALA B 5 -8.14 -2.69 3.79
N LEU B 6 -9.08 -2.01 4.44
CA LEU B 6 -9.74 -0.86 3.84
C LEU B 6 -8.74 0.25 3.60
N SER B 7 -7.85 0.45 4.56
CA SER B 7 -6.83 1.49 4.46
C SER B 7 -5.98 1.28 3.22
N TRP B 8 -5.56 0.04 3.02
CA TRP B 8 -4.74 -0.31 1.87
C TRP B 8 -5.51 -0.09 0.57
N GLN B 9 -6.77 -0.54 0.55
CA GLN B 9 -7.59 -0.38 -0.64
C GLN B 9 -7.87 1.09 -0.95
N ALA B 10 -8.11 1.88 0.09
CA ALA B 10 -8.40 3.30 -0.09
C ALA B 10 -7.18 4.03 -0.67
N ALA B 11 -6.00 3.66 -0.20
CA ALA B 11 -4.76 4.30 -0.67
C ALA B 11 -4.53 4.00 -2.15
N ILE B 12 -4.79 2.75 -2.54
CA ILE B 12 -4.62 2.34 -3.93
C ILE B 12 -5.58 3.09 -4.84
N ASP B 13 -6.84 3.21 -4.40
CA ASP B 13 -7.85 3.90 -5.17
C ASP B 13 -7.47 5.35 -5.40
N ALA B 14 -7.05 6.03 -4.34
CA ALA B 14 -6.65 7.42 -4.43
C ALA B 14 -5.36 7.56 -5.24
N ALA B 15 -4.45 6.61 -5.06
CA ALA B 15 -3.18 6.63 -5.79
C ALA B 15 -3.44 6.46 -7.28
N ARG B 16 -4.37 5.58 -7.62
CA ARG B 16 -4.72 5.33 -9.01
C ARG B 16 -5.34 6.56 -9.65
N GLN B 17 -6.19 7.24 -8.90
CA GLN B 17 -6.84 8.43 -9.40
C GLN B 17 -5.81 9.52 -9.67
N ALA B 18 -4.88 9.69 -8.73
CA ALA B 18 -3.83 10.67 -8.87
C ALA B 18 -2.92 10.33 -10.03
N LYS B 19 -2.59 9.04 -10.16
CA LYS B 19 -1.73 8.57 -11.25
C LYS B 19 -2.41 8.80 -12.60
N LEU B 20 -3.69 8.45 -12.68
CA LEU B 20 -4.43 8.60 -13.92
C LEU B 20 -4.51 10.08 -14.32
N MET B 21 -4.82 10.94 -13.37
CA MET B 21 -4.95 12.36 -13.65
C MET B 21 -3.58 12.97 -14.00
N GLY B 22 -2.54 12.51 -13.32
CA GLY B 22 -1.19 13.01 -13.57
C GLY B 22 -0.85 14.22 -12.71
N SER B 23 -1.74 14.56 -11.79
CA SER B 23 -1.52 15.71 -10.92
C SER B 23 -0.53 15.35 -9.80
N ALA B 24 0.08 16.37 -9.20
CA ALA B 24 1.03 16.17 -8.12
C ALA B 24 0.33 15.71 -6.85
CA CA C . 11.69 2.06 2.74
CA CA D . 8.31 -7.12 5.20
#